data_2LGO
#
_entry.id   2LGO
#
_entity_poly.entity_id   1
_entity_poly.type   'polypeptide(L)'
_entity_poly.pdbx_seq_one_letter_code
;MAHHHHHHMGTLEAQTQGPGSMSAQLEKKVLTPGDGVTKPQAGKKVTVHYDGRFPDGKQFDSSRSRGKPFQFTLGAGEVI
KGWDQGVATMTLGEKALFTIPYQLAYGERGYPPVIPPKATLVFEVELLAV
;
_entity_poly.pdbx_strand_id   A
#
# COMPACT_ATOMS: atom_id res chain seq x y z
N MET A 1 12.41 -38.22 -19.95
CA MET A 1 12.99 -36.86 -20.02
C MET A 1 12.18 -35.91 -19.12
N ALA A 2 12.85 -35.29 -18.16
CA ALA A 2 12.17 -34.46 -17.18
C ALA A 2 11.86 -33.07 -17.73
N HIS A 3 10.63 -32.90 -18.19
CA HIS A 3 10.12 -31.57 -18.53
C HIS A 3 9.08 -31.19 -17.46
N HIS A 4 9.49 -30.27 -16.59
CA HIS A 4 8.72 -29.96 -15.39
C HIS A 4 7.29 -29.55 -15.72
N HIS A 5 6.36 -30.47 -15.52
CA HIS A 5 4.94 -30.20 -15.71
C HIS A 5 4.45 -29.21 -14.65
N HIS A 6 4.70 -27.93 -14.90
CA HIS A 6 4.30 -26.88 -13.97
C HIS A 6 2.93 -26.35 -14.34
N HIS A 7 1.99 -26.38 -13.39
CA HIS A 7 0.63 -25.93 -13.64
C HIS A 7 -0.04 -25.56 -12.31
N HIS A 8 -0.48 -24.32 -12.21
CA HIS A 8 -1.19 -23.84 -11.04
C HIS A 8 -2.59 -24.47 -10.98
N MET A 9 -2.64 -25.72 -10.52
CA MET A 9 -3.88 -26.49 -10.52
C MET A 9 -4.71 -26.16 -9.29
N GLY A 10 -4.13 -26.41 -8.12
CA GLY A 10 -4.81 -26.14 -6.88
C GLY A 10 -3.88 -26.23 -5.68
N THR A 11 -4.47 -26.27 -4.49
CA THR A 11 -3.70 -26.37 -3.24
C THR A 11 -4.35 -27.39 -2.32
N LEU A 12 -3.69 -28.52 -2.12
CA LEU A 12 -4.20 -29.56 -1.23
C LEU A 12 -4.22 -29.05 0.20
N GLU A 13 -3.09 -28.47 0.61
CA GLU A 13 -2.97 -27.85 1.92
C GLU A 13 -2.81 -26.35 1.75
N ALA A 14 -3.80 -25.59 2.23
CA ALA A 14 -3.84 -24.15 2.04
C ALA A 14 -2.95 -23.43 3.03
N GLN A 15 -2.88 -23.96 4.26
CA GLN A 15 -2.12 -23.33 5.33
C GLN A 15 -2.57 -21.87 5.50
N THR A 16 -3.88 -21.71 5.71
CA THR A 16 -4.53 -20.39 5.72
C THR A 16 -4.10 -19.58 4.48
N GLN A 17 -4.75 -19.88 3.36
CA GLN A 17 -4.44 -19.25 2.08
C GLN A 17 -4.65 -17.74 2.14
N GLY A 18 -3.77 -17.01 1.49
CA GLY A 18 -3.83 -15.56 1.47
C GLY A 18 -2.61 -14.96 0.83
N PRO A 19 -2.23 -13.72 1.20
CA PRO A 19 -1.05 -13.04 0.63
C PRO A 19 0.26 -13.63 1.17
N GLY A 20 0.16 -14.45 2.20
CA GLY A 20 1.33 -15.06 2.82
C GLY A 20 1.09 -15.36 4.29
N SER A 21 2.18 -15.48 5.05
CA SER A 21 2.10 -15.77 6.48
C SER A 21 1.37 -14.65 7.23
N MET A 22 0.42 -15.02 8.07
CA MET A 22 -0.40 -14.04 8.80
C MET A 22 0.45 -13.29 9.84
N SER A 23 1.21 -12.32 9.35
CA SER A 23 2.08 -11.50 10.18
C SER A 23 2.38 -10.18 9.46
N ALA A 24 3.44 -9.49 9.87
CA ALA A 24 3.85 -8.26 9.21
C ALA A 24 4.35 -8.54 7.80
N GLN A 25 3.45 -8.51 6.83
CA GLN A 25 3.79 -8.71 5.43
C GLN A 25 4.08 -7.37 4.77
N LEU A 26 5.12 -7.32 3.95
CA LEU A 26 5.48 -6.11 3.23
C LEU A 26 6.06 -6.42 1.86
N GLU A 27 5.23 -6.26 0.84
CA GLU A 27 5.67 -6.35 -0.55
C GLU A 27 5.54 -4.98 -1.21
N LYS A 28 6.53 -4.64 -2.04
CA LYS A 28 6.53 -3.35 -2.74
C LYS A 28 6.75 -3.58 -4.23
N LYS A 29 5.71 -3.30 -5.02
CA LYS A 29 5.78 -3.47 -6.47
C LYS A 29 5.46 -2.16 -7.17
N VAL A 30 6.45 -1.54 -7.79
CA VAL A 30 6.28 -0.23 -8.39
C VAL A 30 5.42 -0.30 -9.65
N LEU A 31 4.39 0.54 -9.71
CA LEU A 31 3.51 0.61 -10.88
C LEU A 31 4.09 1.57 -11.90
N THR A 32 4.66 2.67 -11.40
CA THR A 32 5.27 3.67 -12.26
C THR A 32 6.55 4.21 -11.61
N PRO A 33 7.73 3.93 -12.20
CA PRO A 33 9.01 4.41 -11.67
C PRO A 33 9.15 5.93 -11.84
N GLY A 34 9.82 6.56 -10.89
CA GLY A 34 9.97 8.01 -10.91
C GLY A 34 11.33 8.45 -11.42
N ASP A 35 11.67 9.72 -11.18
CA ASP A 35 12.94 10.29 -11.63
C ASP A 35 14.11 9.44 -11.19
N GLY A 36 14.04 8.95 -9.94
CA GLY A 36 15.11 8.14 -9.38
C GLY A 36 16.27 8.98 -8.86
N VAL A 37 16.50 10.13 -9.49
CA VAL A 37 17.53 11.06 -9.06
C VAL A 37 17.02 11.94 -7.93
N THR A 38 15.71 12.10 -7.87
CA THR A 38 15.05 12.90 -6.84
C THR A 38 15.05 12.15 -5.50
N LYS A 39 15.29 12.87 -4.42
CA LYS A 39 15.44 12.26 -3.10
C LYS A 39 14.49 12.91 -2.09
N PRO A 40 13.50 12.16 -1.58
CA PRO A 40 12.60 12.66 -0.54
C PRO A 40 13.28 12.70 0.83
N GLN A 41 13.17 13.83 1.52
CA GLN A 41 13.83 14.04 2.81
C GLN A 41 12.82 14.37 3.89
N ALA A 42 13.12 13.98 5.12
CA ALA A 42 12.24 14.22 6.25
C ALA A 42 12.20 15.70 6.62
N GLY A 43 11.21 16.08 7.42
CA GLY A 43 11.07 17.46 7.85
C GLY A 43 10.36 18.33 6.82
N LYS A 44 10.27 17.84 5.60
CA LYS A 44 9.70 18.63 4.50
C LYS A 44 8.26 18.22 4.20
N LYS A 45 7.47 19.20 3.79
CA LYS A 45 6.08 18.99 3.41
C LYS A 45 6.03 18.37 2.02
N VAL A 46 5.62 17.10 1.94
CA VAL A 46 5.62 16.38 0.67
C VAL A 46 4.20 16.20 0.12
N THR A 47 4.11 16.17 -1.22
CA THR A 47 2.85 15.99 -1.94
C THR A 47 2.72 14.56 -2.45
N VAL A 48 1.81 13.82 -1.81
CA VAL A 48 1.63 12.38 -2.03
C VAL A 48 0.22 12.05 -2.53
N HIS A 49 0.00 10.77 -2.79
CA HIS A 49 -1.27 10.26 -3.26
C HIS A 49 -1.35 8.77 -2.91
N TYR A 50 -2.54 8.25 -2.63
CA TYR A 50 -2.69 6.84 -2.23
C TYR A 50 -3.82 6.17 -3.00
N ASP A 51 -3.76 4.84 -3.07
CA ASP A 51 -4.86 4.02 -3.60
C ASP A 51 -5.07 2.79 -2.70
N GLY A 52 -6.30 2.65 -2.18
CA GLY A 52 -6.63 1.49 -1.37
C GLY A 52 -6.87 0.26 -2.22
N ARG A 53 -6.22 -0.84 -1.87
CA ARG A 53 -6.24 -2.04 -2.69
C ARG A 53 -6.13 -3.30 -1.83
N PHE A 54 -6.83 -4.36 -2.23
CA PHE A 54 -6.78 -5.63 -1.52
C PHE A 54 -5.63 -6.49 -2.07
N PRO A 55 -4.99 -7.31 -1.21
CA PRO A 55 -3.86 -8.17 -1.62
C PRO A 55 -4.25 -9.11 -2.75
N ASP A 56 -5.55 -9.36 -2.88
CA ASP A 56 -6.10 -10.17 -3.96
C ASP A 56 -5.79 -9.55 -5.32
N GLY A 57 -5.78 -8.23 -5.35
CA GLY A 57 -5.56 -7.50 -6.60
C GLY A 57 -6.66 -6.50 -6.84
N LYS A 58 -7.89 -6.90 -6.51
CA LYS A 58 -9.05 -6.04 -6.65
C LYS A 58 -8.89 -4.78 -5.80
N GLN A 59 -8.98 -3.63 -6.46
CA GLN A 59 -8.80 -2.34 -5.78
C GLN A 59 -10.04 -1.98 -4.96
N PHE A 60 -9.82 -1.35 -3.81
CA PHE A 60 -10.91 -0.88 -2.96
C PHE A 60 -11.57 0.33 -3.60
N ASP A 61 -10.75 1.26 -4.07
CA ASP A 61 -11.21 2.45 -4.77
C ASP A 61 -10.03 3.12 -5.47
N SER A 62 -10.20 3.44 -6.74
CA SER A 62 -9.18 4.15 -7.49
C SER A 62 -9.20 5.63 -7.14
N SER A 63 -8.49 5.97 -6.07
CA SER A 63 -8.42 7.35 -5.59
C SER A 63 -7.56 8.19 -6.53
N ARG A 64 -6.82 7.50 -7.39
CA ARG A 64 -6.09 8.14 -8.48
C ARG A 64 -7.05 8.78 -9.48
N SER A 65 -8.20 8.14 -9.69
CA SER A 65 -9.21 8.66 -10.60
C SER A 65 -9.84 9.92 -10.00
N ARG A 66 -9.67 10.10 -8.69
CA ARG A 66 -10.21 11.27 -7.99
C ARG A 66 -9.26 12.46 -8.15
N GLY A 67 -8.04 12.18 -8.61
CA GLY A 67 -7.06 13.22 -8.88
C GLY A 67 -6.78 14.13 -7.68
N LYS A 68 -6.85 13.57 -6.49
CA LYS A 68 -6.63 14.33 -5.26
C LYS A 68 -5.27 14.00 -4.64
N PRO A 69 -4.31 14.94 -4.69
CA PRO A 69 -3.01 14.79 -4.05
C PRO A 69 -3.01 15.33 -2.62
N PHE A 70 -2.62 14.49 -1.67
CA PHE A 70 -2.57 14.88 -0.26
C PHE A 70 -1.16 15.43 0.06
N GLN A 71 -1.02 16.14 1.16
CA GLN A 71 0.27 16.71 1.56
C GLN A 71 0.51 16.51 3.06
N PHE A 72 1.73 16.13 3.43
CA PHE A 72 2.09 15.99 4.85
C PHE A 72 3.60 16.04 5.02
N THR A 73 4.04 16.44 6.21
CA THR A 73 5.46 16.49 6.54
C THR A 73 6.03 15.08 6.68
N LEU A 74 6.93 14.71 5.78
CA LEU A 74 7.61 13.42 5.84
C LEU A 74 8.43 13.35 7.13
N GLY A 75 8.33 12.23 7.84
CA GLY A 75 9.07 12.08 9.08
C GLY A 75 8.26 12.44 10.30
N ALA A 76 7.11 13.07 10.09
CA ALA A 76 6.22 13.46 11.18
C ALA A 76 5.17 12.38 11.44
N GLY A 77 4.47 12.48 12.55
CA GLY A 77 3.49 11.48 12.94
C GLY A 77 2.14 11.71 12.28
N GLU A 78 2.16 12.28 11.08
CA GLU A 78 0.94 12.55 10.32
C GLU A 78 0.22 11.26 9.98
N VAL A 79 0.99 10.26 9.55
CA VAL A 79 0.45 8.98 9.12
C VAL A 79 1.18 7.84 9.84
N ILE A 80 0.77 6.61 9.57
CA ILE A 80 1.42 5.44 10.15
C ILE A 80 2.82 5.27 9.57
N LYS A 81 3.71 4.66 10.35
CA LYS A 81 5.10 4.46 9.93
C LYS A 81 5.15 3.71 8.61
N GLY A 82 4.14 2.88 8.36
CA GLY A 82 4.04 2.16 7.10
C GLY A 82 4.05 3.09 5.91
N TRP A 83 3.13 4.06 5.91
CA TRP A 83 3.03 5.03 4.81
C TRP A 83 4.25 5.95 4.80
N ASP A 84 4.70 6.33 6.00
CA ASP A 84 5.92 7.15 6.14
C ASP A 84 7.09 6.48 5.43
N GLN A 85 7.28 5.19 5.69
CA GLN A 85 8.35 4.42 5.09
C GLN A 85 8.13 4.30 3.59
N GLY A 86 6.88 4.08 3.19
CA GLY A 86 6.53 3.96 1.80
C GLY A 86 6.96 5.17 0.98
N VAL A 87 6.56 6.35 1.43
CA VAL A 87 6.90 7.59 0.75
C VAL A 87 8.39 7.91 0.90
N ALA A 88 8.96 7.53 2.04
CA ALA A 88 10.38 7.80 2.32
C ALA A 88 11.29 6.94 1.44
N THR A 89 10.84 5.75 1.07
CA THR A 89 11.67 4.82 0.31
C THR A 89 11.50 5.00 -1.19
N MET A 90 10.45 5.71 -1.60
CA MET A 90 10.16 5.90 -3.02
C MET A 90 10.82 7.18 -3.54
N THR A 91 10.56 7.52 -4.81
CA THR A 91 11.12 8.72 -5.42
C THR A 91 10.02 9.61 -6.03
N LEU A 92 10.40 10.78 -6.53
CA LEU A 92 9.44 11.73 -7.08
C LEU A 92 8.93 11.25 -8.44
N GLY A 93 7.63 11.39 -8.66
CA GLY A 93 7.02 10.97 -9.92
C GLY A 93 6.81 9.48 -9.97
N GLU A 94 6.99 8.84 -8.82
CA GLU A 94 6.91 7.38 -8.73
C GLU A 94 5.67 6.96 -7.95
N LYS A 95 5.13 5.79 -8.28
CA LYS A 95 4.07 5.19 -7.49
C LYS A 95 4.29 3.69 -7.40
N ALA A 96 4.17 3.15 -6.19
CA ALA A 96 4.42 1.75 -5.92
C ALA A 96 3.28 1.13 -5.12
N LEU A 97 3.17 -0.18 -5.22
CA LEU A 97 2.18 -0.96 -4.49
C LEU A 97 2.80 -1.40 -3.17
N PHE A 98 2.37 -0.78 -2.08
CA PHE A 98 2.99 -0.98 -0.77
C PHE A 98 2.02 -1.74 0.15
N THR A 99 2.39 -2.96 0.52
CA THR A 99 1.55 -3.79 1.37
C THR A 99 1.63 -3.33 2.84
N ILE A 100 0.49 -2.91 3.39
CA ILE A 100 0.44 -2.46 4.78
C ILE A 100 -0.16 -3.57 5.67
N PRO A 101 0.67 -4.18 6.53
CA PRO A 101 0.21 -5.21 7.46
C PRO A 101 -0.84 -4.69 8.45
N TYR A 102 -1.80 -5.54 8.77
CA TYR A 102 -2.94 -5.16 9.61
C TYR A 102 -2.49 -4.56 10.94
N GLN A 103 -1.35 -5.04 11.45
CA GLN A 103 -0.87 -4.63 12.77
C GLN A 103 -0.45 -3.16 12.79
N LEU A 104 -0.11 -2.60 11.63
CA LEU A 104 0.37 -1.22 11.56
C LEU A 104 -0.75 -0.24 11.22
N ALA A 105 -1.76 -0.73 10.51
CA ALA A 105 -2.87 0.12 10.07
C ALA A 105 -4.16 -0.24 10.81
N TYR A 106 -5.25 0.39 10.41
CA TYR A 106 -6.57 0.11 10.99
C TYR A 106 -7.06 -1.27 10.57
N GLY A 107 -6.33 -1.92 9.66
CA GLY A 107 -6.72 -3.24 9.15
C GLY A 107 -6.91 -4.26 10.25
N GLU A 108 -6.20 -4.10 11.35
CA GLU A 108 -6.37 -4.97 12.51
C GLU A 108 -7.77 -4.80 13.07
N ARG A 109 -8.15 -3.54 13.29
CA ARG A 109 -9.43 -3.22 13.91
C ARG A 109 -10.58 -3.42 12.92
N GLY A 110 -10.25 -3.28 11.64
CA GLY A 110 -11.26 -3.39 10.60
C GLY A 110 -12.06 -2.11 10.44
N TYR A 111 -13.07 -1.96 11.30
CA TYR A 111 -14.05 -0.86 11.28
C TYR A 111 -15.27 -1.17 10.38
N PRO A 112 -15.20 -1.07 9.02
CA PRO A 112 -16.34 -1.42 8.18
C PRO A 112 -16.32 -2.91 7.80
N PRO A 113 -17.50 -3.51 7.54
CA PRO A 113 -17.60 -4.94 7.19
C PRO A 113 -16.88 -5.27 5.87
N VAL A 114 -16.43 -4.23 5.18
CA VAL A 114 -15.65 -4.39 3.96
C VAL A 114 -14.24 -4.90 4.31
N ILE A 115 -13.76 -4.49 5.48
CA ILE A 115 -12.44 -4.89 5.96
C ILE A 115 -12.57 -5.87 7.13
N PRO A 116 -12.38 -7.17 6.88
CA PRO A 116 -12.46 -8.19 7.94
C PRO A 116 -11.31 -8.04 8.95
N PRO A 117 -11.65 -7.80 10.24
CA PRO A 117 -10.66 -7.56 11.31
C PRO A 117 -9.38 -8.39 11.15
N LYS A 118 -8.24 -7.72 11.32
CA LYS A 118 -6.91 -8.33 11.15
C LYS A 118 -6.61 -8.58 9.67
N ALA A 119 -7.14 -7.71 8.81
CA ALA A 119 -6.90 -7.81 7.36
C ALA A 119 -5.72 -6.94 6.95
N THR A 120 -4.73 -7.55 6.32
CA THR A 120 -3.61 -6.82 5.73
C THR A 120 -4.09 -6.12 4.45
N LEU A 121 -3.84 -4.81 4.36
CA LEU A 121 -4.42 -4.00 3.29
C LEU A 121 -3.29 -3.35 2.48
N VAL A 122 -3.44 -3.36 1.17
CA VAL A 122 -2.41 -2.84 0.29
C VAL A 122 -2.75 -1.42 -0.15
N PHE A 123 -1.79 -0.52 -0.03
CA PHE A 123 -1.97 0.86 -0.46
C PHE A 123 -0.93 1.21 -1.52
N GLU A 124 -1.39 1.63 -2.68
CA GLU A 124 -0.51 2.17 -3.70
C GLU A 124 -0.11 3.58 -3.27
N VAL A 125 1.19 3.76 -3.02
CA VAL A 125 1.72 5.05 -2.62
C VAL A 125 2.27 5.77 -3.84
N GLU A 126 2.01 7.05 -3.94
CA GLU A 126 2.38 7.85 -5.10
C GLU A 126 2.95 9.19 -4.63
N LEU A 127 4.21 9.46 -4.96
CA LEU A 127 4.84 10.70 -4.56
C LEU A 127 4.84 11.65 -5.76
N LEU A 128 3.98 12.65 -5.71
CA LEU A 128 3.86 13.60 -6.83
C LEU A 128 5.00 14.59 -6.78
N ALA A 129 5.27 15.10 -5.59
CA ALA A 129 6.31 16.10 -5.39
C ALA A 129 6.54 16.33 -3.92
N VAL A 130 7.37 17.30 -3.60
CA VAL A 130 7.55 17.75 -2.23
C VAL A 130 6.95 19.15 -2.08
N MET A 1 3.22 0.77 -25.08
CA MET A 1 4.20 -0.25 -24.65
C MET A 1 3.50 -1.58 -24.39
N ALA A 2 4.26 -2.58 -23.95
CA ALA A 2 3.70 -3.88 -23.58
C ALA A 2 3.48 -3.94 -22.08
N HIS A 3 2.23 -4.03 -21.66
CA HIS A 3 1.90 -4.08 -20.24
C HIS A 3 2.30 -5.42 -19.61
N HIS A 4 3.49 -5.44 -19.01
CA HIS A 4 4.01 -6.64 -18.35
C HIS A 4 3.32 -6.82 -17.00
N HIS A 5 2.24 -7.60 -16.98
CA HIS A 5 1.49 -7.85 -15.74
C HIS A 5 1.09 -9.32 -15.61
N HIS A 6 1.48 -10.15 -16.59
CA HIS A 6 1.21 -11.59 -16.55
C HIS A 6 2.51 -12.36 -16.72
N HIS A 7 2.55 -13.59 -16.21
CA HIS A 7 3.76 -14.41 -16.22
C HIS A 7 3.42 -15.90 -16.23
N HIS A 8 4.18 -16.69 -16.98
CA HIS A 8 3.96 -18.12 -17.08
C HIS A 8 4.91 -18.89 -16.17
N MET A 9 6.06 -18.27 -15.86
CA MET A 9 7.08 -18.92 -15.04
C MET A 9 6.76 -18.79 -13.55
N GLY A 10 6.84 -19.90 -12.84
CA GLY A 10 6.69 -19.92 -11.40
C GLY A 10 7.96 -20.34 -10.72
N THR A 11 7.95 -20.40 -9.40
CA THR A 11 9.13 -20.81 -8.64
C THR A 11 9.32 -22.33 -8.75
N LEU A 12 10.02 -22.75 -9.79
CA LEU A 12 10.25 -24.18 -10.06
C LEU A 12 8.89 -24.89 -10.17
N GLU A 13 8.03 -24.33 -11.02
CA GLU A 13 6.67 -24.83 -11.25
C GLU A 13 5.73 -24.51 -10.08
N ALA A 14 6.29 -24.21 -8.91
CA ALA A 14 5.50 -23.91 -7.73
C ALA A 14 5.05 -22.44 -7.74
N GLN A 15 4.02 -22.15 -6.96
CA GLN A 15 3.45 -20.82 -6.88
C GLN A 15 3.44 -20.34 -5.43
N THR A 16 3.06 -19.09 -5.22
CA THR A 16 2.98 -18.52 -3.88
C THR A 16 1.61 -18.82 -3.26
N GLN A 17 1.52 -18.60 -1.95
CA GLN A 17 0.27 -18.81 -1.22
C GLN A 17 -0.67 -17.62 -1.44
N GLY A 18 -1.90 -17.75 -0.95
CA GLY A 18 -2.85 -16.65 -1.03
C GLY A 18 -2.55 -15.57 0.00
N PRO A 19 -2.90 -14.31 -0.29
CA PRO A 19 -2.65 -13.19 0.64
C PRO A 19 -3.55 -13.27 1.87
N GLY A 20 -3.06 -12.71 2.98
CA GLY A 20 -3.81 -12.74 4.22
C GLY A 20 -3.19 -13.66 5.25
N SER A 21 -1.92 -14.01 5.04
CA SER A 21 -1.17 -14.86 5.95
C SER A 21 -0.81 -14.07 7.22
N MET A 22 -0.93 -14.72 8.38
CA MET A 22 -0.58 -14.09 9.65
C MET A 22 0.94 -13.99 9.79
N SER A 23 1.49 -12.84 9.43
CA SER A 23 2.93 -12.59 9.53
C SER A 23 3.23 -11.15 9.11
N ALA A 24 4.50 -10.76 9.23
CA ALA A 24 4.95 -9.46 8.77
C ALA A 24 5.04 -9.46 7.25
N GLN A 25 4.16 -8.71 6.61
CA GLN A 25 4.11 -8.64 5.15
C GLN A 25 4.98 -7.49 4.67
N LEU A 26 5.79 -7.74 3.64
CA LEU A 26 6.68 -6.71 3.11
C LEU A 26 6.79 -6.85 1.60
N GLU A 27 6.09 -5.98 0.88
CA GLU A 27 6.15 -5.94 -0.58
C GLU A 27 6.09 -4.50 -1.06
N LYS A 28 7.01 -4.15 -1.94
CA LYS A 28 7.00 -2.84 -2.60
C LYS A 28 7.24 -3.06 -4.10
N LYS A 29 6.17 -3.01 -4.87
CA LYS A 29 6.24 -3.26 -6.31
C LYS A 29 6.04 -1.96 -7.08
N VAL A 30 7.10 -1.47 -7.71
CA VAL A 30 7.02 -0.23 -8.48
C VAL A 30 6.10 -0.40 -9.68
N LEU A 31 4.99 0.32 -9.66
CA LEU A 31 4.00 0.26 -10.74
C LEU A 31 4.34 1.29 -11.82
N THR A 32 4.91 2.41 -11.39
CA THR A 32 5.34 3.46 -12.30
C THR A 32 6.61 4.12 -11.75
N PRO A 33 7.71 4.10 -12.52
CA PRO A 33 9.01 4.63 -12.06
C PRO A 33 9.01 6.16 -11.98
N GLY A 34 9.75 6.68 -11.01
CA GLY A 34 9.86 8.12 -10.85
C GLY A 34 11.15 8.68 -11.43
N ASP A 35 11.40 9.96 -11.19
CA ASP A 35 12.61 10.62 -11.70
C ASP A 35 13.86 9.99 -11.11
N GLY A 36 13.77 9.61 -9.83
CA GLY A 36 14.87 8.97 -9.14
C GLY A 36 15.93 9.96 -8.68
N VAL A 37 16.09 11.07 -9.40
CA VAL A 37 17.02 12.11 -9.01
C VAL A 37 16.38 13.03 -7.97
N THR A 38 15.08 13.25 -8.12
CA THR A 38 14.31 14.03 -7.18
C THR A 38 13.85 13.13 -6.03
N LYS A 39 14.34 13.42 -4.83
CA LYS A 39 14.14 12.55 -3.67
C LYS A 39 13.50 13.31 -2.52
N PRO A 40 12.45 12.72 -1.91
CA PRO A 40 11.84 13.27 -0.69
C PRO A 40 12.65 12.91 0.55
N GLN A 41 12.37 13.56 1.67
CA GLN A 41 13.08 13.31 2.92
C GLN A 41 12.33 13.91 4.10
N ALA A 42 12.72 13.52 5.31
CA ALA A 42 12.04 13.98 6.52
C ALA A 42 12.32 15.46 6.78
N GLY A 43 11.30 16.17 7.26
CA GLY A 43 11.43 17.60 7.48
C GLY A 43 11.03 18.41 6.27
N LYS A 44 10.26 17.78 5.38
CA LYS A 44 9.82 18.41 4.14
C LYS A 44 8.31 18.23 3.96
N LYS A 45 7.65 19.29 3.52
CA LYS A 45 6.24 19.19 3.12
C LYS A 45 6.18 18.62 1.71
N VAL A 46 5.77 17.35 1.61
CA VAL A 46 5.76 16.65 0.34
C VAL A 46 4.33 16.47 -0.19
N THR A 47 4.20 16.51 -1.51
CA THR A 47 2.93 16.29 -2.19
C THR A 47 2.82 14.84 -2.63
N VAL A 48 1.96 14.08 -1.94
CA VAL A 48 1.84 12.65 -2.14
C VAL A 48 0.40 12.25 -2.48
N HIS A 49 0.21 10.96 -2.70
CA HIS A 49 -1.09 10.39 -2.92
C HIS A 49 -1.07 8.93 -2.45
N TYR A 50 -2.16 8.49 -1.83
CA TYR A 50 -2.31 7.11 -1.41
C TYR A 50 -3.62 6.57 -1.96
N ASP A 51 -3.64 5.31 -2.34
CA ASP A 51 -4.85 4.69 -2.87
C ASP A 51 -5.03 3.31 -2.25
N GLY A 52 -6.05 3.17 -1.41
CA GLY A 52 -6.29 1.92 -0.70
C GLY A 52 -6.73 0.82 -1.64
N ARG A 53 -6.20 -0.39 -1.45
CA ARG A 53 -6.47 -1.50 -2.34
C ARG A 53 -6.45 -2.83 -1.58
N PHE A 54 -7.41 -3.69 -1.87
CA PHE A 54 -7.46 -5.02 -1.28
C PHE A 54 -6.48 -5.95 -1.98
N PRO A 55 -5.89 -6.90 -1.23
CA PRO A 55 -4.89 -7.84 -1.78
C PRO A 55 -5.45 -8.75 -2.89
N ASP A 56 -6.77 -8.74 -3.06
CA ASP A 56 -7.41 -9.56 -4.10
C ASP A 56 -7.45 -8.81 -5.43
N GLY A 57 -7.01 -7.55 -5.42
CA GLY A 57 -7.01 -6.71 -6.61
C GLY A 57 -8.04 -5.60 -6.52
N LYS A 58 -9.06 -5.82 -5.71
CA LYS A 58 -10.13 -4.86 -5.48
C LYS A 58 -9.58 -3.54 -4.94
N GLN A 59 -10.23 -2.43 -5.27
CA GLN A 59 -9.86 -1.12 -4.73
C GLN A 59 -10.72 -0.80 -3.50
N PHE A 60 -10.11 -0.14 -2.52
CA PHE A 60 -10.81 0.21 -1.28
C PHE A 60 -11.55 1.54 -1.42
N ASP A 61 -10.82 2.59 -1.81
CA ASP A 61 -11.41 3.91 -2.00
C ASP A 61 -10.84 4.57 -3.24
N SER A 62 -11.72 5.10 -4.08
CA SER A 62 -11.31 5.78 -5.30
C SER A 62 -10.78 7.16 -4.95
N SER A 63 -9.50 7.23 -4.61
CA SER A 63 -8.88 8.50 -4.24
C SER A 63 -8.29 9.17 -5.47
N ARG A 64 -7.57 8.41 -6.27
CA ARG A 64 -7.01 8.91 -7.53
C ARG A 64 -8.12 9.37 -8.46
N SER A 65 -9.27 8.71 -8.35
CA SER A 65 -10.43 9.01 -9.18
C SER A 65 -11.05 10.35 -8.80
N ARG A 66 -10.63 10.91 -7.67
CA ARG A 66 -11.11 12.23 -7.22
C ARG A 66 -10.17 13.32 -7.72
N GLY A 67 -9.09 12.90 -8.38
CA GLY A 67 -8.16 13.83 -9.01
C GLY A 67 -7.60 14.88 -8.06
N LYS A 68 -7.30 14.47 -6.84
CA LYS A 68 -6.75 15.39 -5.84
C LYS A 68 -5.69 14.68 -5.00
N PRO A 69 -4.45 15.22 -4.97
CA PRO A 69 -3.37 14.71 -4.12
C PRO A 69 -3.45 15.26 -2.70
N PHE A 70 -2.54 14.82 -1.85
CA PHE A 70 -2.53 15.20 -0.44
C PHE A 70 -1.11 15.54 -0.01
N GLN A 71 -0.93 16.69 0.63
CA GLN A 71 0.39 17.12 1.10
C GLN A 71 0.52 16.85 2.59
N PHE A 72 1.71 16.44 3.01
CA PHE A 72 1.99 16.25 4.43
C PHE A 72 3.48 16.39 4.71
N THR A 73 3.83 16.69 5.95
CA THR A 73 5.22 16.83 6.36
C THR A 73 5.80 15.45 6.68
N LEU A 74 6.70 14.97 5.82
CA LEU A 74 7.31 13.66 6.00
C LEU A 74 8.22 13.66 7.23
N GLY A 75 8.23 12.56 7.96
CA GLY A 75 8.99 12.46 9.20
C GLY A 75 8.21 12.98 10.39
N ALA A 76 6.88 12.88 10.30
CA ALA A 76 5.99 13.31 11.36
C ALA A 76 4.81 12.35 11.48
N GLY A 77 4.03 12.50 12.56
CA GLY A 77 2.93 11.60 12.82
C GLY A 77 1.71 11.87 11.94
N GLU A 78 1.95 12.41 10.75
CA GLU A 78 0.86 12.69 9.80
C GLU A 78 0.28 11.38 9.28
N VAL A 79 1.16 10.39 9.12
CA VAL A 79 0.78 9.08 8.60
C VAL A 79 1.32 7.96 9.50
N ILE A 80 0.82 6.75 9.31
CA ILE A 80 1.29 5.59 10.07
C ILE A 80 2.58 5.04 9.46
N LYS A 81 3.28 4.19 10.23
CA LYS A 81 4.59 3.67 9.81
C LYS A 81 4.52 2.97 8.45
N GLY A 82 3.35 2.41 8.12
CA GLY A 82 3.18 1.78 6.83
C GLY A 82 3.36 2.76 5.69
N TRP A 83 2.53 3.80 5.69
CA TRP A 83 2.59 4.84 4.66
C TRP A 83 3.90 5.61 4.75
N ASP A 84 4.36 5.84 5.98
CA ASP A 84 5.60 6.57 6.25
C ASP A 84 6.78 5.92 5.53
N GLN A 85 6.97 4.63 5.78
CA GLN A 85 8.07 3.89 5.15
C GLN A 85 7.83 3.78 3.64
N GLY A 86 6.58 3.51 3.26
CA GLY A 86 6.24 3.38 1.85
C GLY A 86 6.62 4.62 1.05
N VAL A 87 6.24 5.79 1.55
CA VAL A 87 6.52 7.04 0.87
C VAL A 87 8.00 7.44 1.00
N ALA A 88 8.59 7.09 2.14
CA ALA A 88 9.99 7.42 2.40
C ALA A 88 10.94 6.62 1.51
N THR A 89 10.55 5.41 1.17
CA THR A 89 11.42 4.51 0.39
C THR A 89 11.28 4.74 -1.12
N MET A 90 10.38 5.61 -1.53
CA MET A 90 10.13 5.86 -2.96
C MET A 90 10.69 7.23 -3.37
N THR A 91 10.61 7.53 -4.67
CA THR A 91 11.13 8.78 -5.22
C THR A 91 10.03 9.63 -5.84
N LEU A 92 10.38 10.84 -6.26
CA LEU A 92 9.41 11.82 -6.77
C LEU A 92 8.92 11.42 -8.18
N GLY A 93 7.61 11.57 -8.40
CA GLY A 93 7.01 11.26 -9.68
C GLY A 93 6.85 9.77 -9.89
N GLU A 94 6.56 9.06 -8.79
CA GLU A 94 6.59 7.60 -8.80
C GLU A 94 5.36 7.01 -8.11
N LYS A 95 5.01 5.79 -8.51
CA LYS A 95 3.90 5.03 -7.92
C LYS A 95 4.36 3.62 -7.59
N ALA A 96 4.23 3.25 -6.32
CA ALA A 96 4.62 1.92 -5.86
C ALA A 96 3.48 1.28 -5.07
N LEU A 97 3.30 -0.02 -5.26
CA LEU A 97 2.32 -0.79 -4.52
C LEU A 97 2.98 -1.36 -3.27
N PHE A 98 2.53 -0.90 -2.10
CA PHE A 98 3.11 -1.34 -0.83
C PHE A 98 2.10 -2.13 -0.02
N THR A 99 2.45 -3.37 0.31
CA THR A 99 1.58 -4.24 1.10
C THR A 99 1.68 -3.88 2.58
N ILE A 100 0.56 -3.41 3.15
CA ILE A 100 0.51 -3.02 4.55
C ILE A 100 0.13 -4.20 5.45
N PRO A 101 1.07 -4.66 6.30
CA PRO A 101 0.80 -5.69 7.29
C PRO A 101 0.00 -5.14 8.47
N TYR A 102 -0.72 -6.02 9.15
CA TYR A 102 -1.61 -5.64 10.24
C TYR A 102 -0.88 -4.83 11.32
N GLN A 103 0.41 -5.12 11.49
CA GLN A 103 1.20 -4.50 12.56
C GLN A 103 1.45 -3.01 12.28
N LEU A 104 1.44 -2.61 11.02
CA LEU A 104 1.76 -1.23 10.63
C LEU A 104 0.50 -0.39 10.46
N ALA A 105 -0.64 -0.93 10.90
CA ALA A 105 -1.92 -0.24 10.80
C ALA A 105 -2.87 -0.72 11.89
N TYR A 106 -4.09 -0.18 11.88
CA TYR A 106 -5.14 -0.62 12.82
C TYR A 106 -5.62 -2.03 12.46
N GLY A 107 -5.16 -2.55 11.32
CA GLY A 107 -5.54 -3.87 10.86
C GLY A 107 -5.23 -4.96 11.88
N GLU A 108 -4.32 -4.66 12.80
CA GLU A 108 -4.00 -5.56 13.90
C GLU A 108 -5.27 -5.84 14.72
N ARG A 109 -5.94 -4.76 15.12
CA ARG A 109 -7.14 -4.83 15.94
C ARG A 109 -8.37 -5.06 15.07
N GLY A 110 -8.56 -4.19 14.08
CA GLY A 110 -9.72 -4.26 13.22
C GLY A 110 -10.90 -3.47 13.76
N TYR A 111 -11.70 -2.90 12.86
CA TYR A 111 -12.87 -2.11 13.26
C TYR A 111 -14.06 -2.40 12.32
N PRO A 112 -13.90 -2.23 10.98
CA PRO A 112 -14.96 -2.58 10.03
C PRO A 112 -15.15 -4.10 9.95
N PRO A 113 -16.39 -4.60 10.10
CA PRO A 113 -16.67 -6.04 10.12
C PRO A 113 -16.07 -6.80 8.92
N VAL A 114 -15.92 -6.10 7.81
CA VAL A 114 -15.32 -6.69 6.61
C VAL A 114 -13.81 -6.85 6.79
N ILE A 115 -13.19 -5.90 7.48
CA ILE A 115 -11.77 -5.93 7.78
C ILE A 115 -11.54 -6.61 9.13
N PRO A 116 -11.04 -7.86 9.13
CA PRO A 116 -10.87 -8.63 10.36
C PRO A 116 -9.60 -8.24 11.12
N PRO A 117 -9.51 -8.62 12.41
CA PRO A 117 -8.27 -8.47 13.17
C PRO A 117 -7.10 -9.18 12.50
N LYS A 118 -5.91 -8.60 12.58
CA LYS A 118 -4.70 -9.17 11.95
C LYS A 118 -4.82 -9.17 10.42
N ALA A 119 -5.58 -8.20 9.89
CA ALA A 119 -5.83 -8.12 8.45
C ALA A 119 -4.63 -7.54 7.69
N THR A 120 -4.48 -7.99 6.45
CA THR A 120 -3.46 -7.46 5.55
C THR A 120 -4.16 -6.63 4.44
N LEU A 121 -3.66 -5.43 4.19
CA LEU A 121 -4.30 -4.51 3.24
C LEU A 121 -3.22 -3.82 2.40
N VAL A 122 -3.52 -3.51 1.14
CA VAL A 122 -2.53 -2.93 0.25
C VAL A 122 -2.80 -1.43 0.03
N PHE A 123 -1.74 -0.66 -0.08
CA PHE A 123 -1.86 0.78 -0.36
C PHE A 123 -0.90 1.18 -1.47
N GLU A 124 -1.45 1.81 -2.51
CA GLU A 124 -0.64 2.43 -3.54
C GLU A 124 -0.09 3.75 -3.01
N VAL A 125 1.23 3.81 -2.87
CA VAL A 125 1.91 5.04 -2.47
C VAL A 125 2.40 5.76 -3.72
N GLU A 126 2.15 7.07 -3.78
CA GLU A 126 2.42 7.84 -4.97
C GLU A 126 3.03 9.19 -4.61
N LEU A 127 4.26 9.42 -5.03
CA LEU A 127 4.94 10.68 -4.76
C LEU A 127 4.76 11.61 -5.96
N LEU A 128 4.00 12.69 -5.79
CA LEU A 128 3.74 13.61 -6.89
C LEU A 128 4.87 14.62 -7.00
N ALA A 129 5.18 15.25 -5.88
CA ALA A 129 6.22 16.27 -5.82
C ALA A 129 6.58 16.56 -4.37
N VAL A 130 7.54 17.46 -4.16
CA VAL A 130 7.90 17.89 -2.83
C VAL A 130 7.53 19.36 -2.66
N MET A 1 -12.83 2.26 34.70
CA MET A 1 -13.51 2.78 33.48
C MET A 1 -14.06 1.62 32.64
N ALA A 2 -14.96 1.95 31.73
CA ALA A 2 -15.52 0.96 30.83
C ALA A 2 -14.47 0.49 29.83
N HIS A 3 -13.72 -0.54 30.21
CA HIS A 3 -12.70 -1.11 29.35
C HIS A 3 -13.32 -1.53 28.00
N HIS A 4 -13.03 -0.74 26.97
CA HIS A 4 -13.68 -0.89 25.67
C HIS A 4 -13.23 -2.16 24.97
N HIS A 5 -14.21 -2.96 24.54
CA HIS A 5 -13.97 -4.16 23.75
C HIS A 5 -15.11 -4.40 22.78
N HIS A 6 -14.76 -4.63 21.52
CA HIS A 6 -15.74 -5.04 20.52
C HIS A 6 -16.12 -6.49 20.79
N HIS A 7 -17.28 -6.92 20.28
CA HIS A 7 -17.75 -8.29 20.50
C HIS A 7 -16.70 -9.31 20.05
N HIS A 8 -15.95 -9.82 21.02
CA HIS A 8 -14.92 -10.81 20.75
C HIS A 8 -15.51 -12.08 20.17
N MET A 9 -15.22 -12.35 18.90
CA MET A 9 -15.66 -13.57 18.23
C MET A 9 -14.67 -14.69 18.51
N GLY A 10 -15.19 -15.91 18.62
CA GLY A 10 -14.34 -17.06 18.87
C GLY A 10 -13.53 -17.45 17.65
N THR A 11 -12.29 -16.97 17.58
CA THR A 11 -11.38 -17.31 16.51
C THR A 11 -11.19 -18.84 16.43
N LEU A 12 -11.89 -19.48 15.50
CA LEU A 12 -11.81 -20.92 15.32
C LEU A 12 -10.48 -21.35 14.70
N GLU A 13 -10.30 -22.65 14.54
CA GLU A 13 -9.06 -23.21 13.99
C GLU A 13 -8.94 -22.90 12.50
N ALA A 14 -8.07 -21.95 12.16
CA ALA A 14 -7.78 -21.64 10.77
C ALA A 14 -6.84 -22.70 10.21
N GLN A 15 -7.39 -23.68 9.50
CA GLN A 15 -6.60 -24.74 8.90
C GLN A 15 -5.98 -24.27 7.59
N THR A 16 -6.53 -23.21 7.02
CA THR A 16 -5.98 -22.59 5.82
C THR A 16 -5.41 -21.21 6.17
N GLN A 17 -4.25 -20.90 5.61
CA GLN A 17 -3.55 -19.65 5.91
C GLN A 17 -4.10 -18.50 5.07
N GLY A 18 -3.89 -17.28 5.55
CA GLY A 18 -4.32 -16.10 4.83
C GLY A 18 -3.33 -14.95 4.97
N PRO A 19 -3.44 -13.92 4.13
CA PRO A 19 -2.52 -12.76 4.19
C PRO A 19 -2.63 -12.01 5.51
N GLY A 20 -1.68 -12.29 6.41
CA GLY A 20 -1.63 -11.61 7.69
C GLY A 20 -2.12 -12.46 8.85
N SER A 21 -2.10 -13.79 8.66
CA SER A 21 -2.49 -14.72 9.72
C SER A 21 -1.49 -14.68 10.88
N MET A 22 -1.65 -13.68 11.75
CA MET A 22 -0.81 -13.51 12.94
C MET A 22 0.68 -13.37 12.57
N SER A 23 0.94 -13.11 11.29
CA SER A 23 2.31 -12.93 10.82
C SER A 23 2.30 -11.96 9.63
N ALA A 24 3.14 -10.94 9.70
CA ALA A 24 3.14 -9.87 8.70
C ALA A 24 3.68 -10.36 7.35
N GLN A 25 2.90 -10.12 6.30
CA GLN A 25 3.34 -10.37 4.93
C GLN A 25 3.88 -9.07 4.34
N LEU A 26 5.02 -9.14 3.66
CA LEU A 26 5.64 -7.94 3.12
C LEU A 26 5.75 -8.02 1.60
N GLU A 27 4.85 -7.32 0.92
CA GLU A 27 4.86 -7.23 -0.54
C GLU A 27 5.14 -5.79 -0.98
N LYS A 28 6.10 -5.64 -1.87
CA LYS A 28 6.56 -4.34 -2.33
C LYS A 28 6.84 -4.40 -3.83
N LYS A 29 6.09 -3.62 -4.60
CA LYS A 29 6.17 -3.67 -6.05
C LYS A 29 5.94 -2.29 -6.67
N VAL A 30 6.93 -1.77 -7.37
CA VAL A 30 6.81 -0.47 -8.02
C VAL A 30 6.07 -0.60 -9.35
N LEU A 31 5.10 0.29 -9.59
CA LEU A 31 4.33 0.27 -10.83
C LEU A 31 4.70 1.46 -11.71
N THR A 32 5.32 2.47 -11.13
CA THR A 32 5.80 3.62 -11.88
C THR A 32 7.12 4.12 -11.33
N PRO A 33 8.23 3.95 -12.09
CA PRO A 33 9.54 4.46 -11.70
C PRO A 33 9.61 5.98 -11.86
N GLY A 34 9.99 6.67 -10.79
CA GLY A 34 10.02 8.11 -10.80
C GLY A 34 11.29 8.69 -11.41
N ASP A 35 11.44 10.00 -11.28
CA ASP A 35 12.61 10.71 -11.82
C ASP A 35 13.90 10.15 -11.25
N GLY A 36 13.88 9.73 -10.00
CA GLY A 36 15.05 9.15 -9.35
C GLY A 36 16.09 10.20 -8.94
N VAL A 37 16.09 11.35 -9.62
CA VAL A 37 17.06 12.41 -9.36
C VAL A 37 16.72 13.16 -8.06
N THR A 38 15.46 13.09 -7.66
CA THR A 38 14.98 13.83 -6.50
C THR A 38 15.33 13.11 -5.20
N LYS A 39 15.94 13.83 -4.27
CA LYS A 39 16.27 13.31 -2.95
C LYS A 39 15.23 13.77 -1.92
N PRO A 40 14.39 12.86 -1.42
CA PRO A 40 13.43 13.15 -0.35
C PRO A 40 14.12 13.22 1.01
N GLN A 41 13.80 14.24 1.80
CA GLN A 41 14.40 14.42 3.11
C GLN A 41 13.31 14.61 4.16
N ALA A 42 13.53 14.04 5.35
CA ALA A 42 12.55 14.07 6.42
C ALA A 42 12.48 15.44 7.09
N GLY A 43 11.39 15.68 7.81
CA GLY A 43 11.21 16.91 8.56
C GLY A 43 10.57 18.01 7.74
N LYS A 44 10.17 17.69 6.50
CA LYS A 44 9.63 18.70 5.59
C LYS A 44 8.40 18.19 4.85
N LYS A 45 7.74 19.10 4.14
CA LYS A 45 6.49 18.82 3.44
C LYS A 45 6.73 18.08 2.13
N VAL A 46 5.84 17.14 1.81
CA VAL A 46 5.85 16.44 0.53
C VAL A 46 4.42 16.28 0.00
N THR A 47 4.26 16.42 -1.32
CA THR A 47 2.98 16.24 -1.98
C THR A 47 2.84 14.80 -2.49
N VAL A 48 1.97 14.05 -1.82
CA VAL A 48 1.82 12.61 -2.04
C VAL A 48 0.38 12.26 -2.39
N HIS A 49 0.15 10.99 -2.65
CA HIS A 49 -1.17 10.46 -2.92
C HIS A 49 -1.18 8.96 -2.63
N TYR A 50 -2.28 8.44 -2.09
CA TYR A 50 -2.38 7.02 -1.77
C TYR A 50 -3.78 6.49 -2.08
N ASP A 51 -3.84 5.20 -2.42
CA ASP A 51 -5.12 4.51 -2.68
C ASP A 51 -5.14 3.14 -2.01
N GLY A 52 -6.33 2.60 -1.79
CA GLY A 52 -6.48 1.33 -1.10
C GLY A 52 -6.92 0.21 -2.02
N ARG A 53 -6.48 -1.01 -1.71
CA ARG A 53 -6.78 -2.18 -2.54
C ARG A 53 -6.66 -3.45 -1.69
N PHE A 54 -7.53 -4.42 -1.94
CA PHE A 54 -7.53 -5.67 -1.19
C PHE A 54 -6.62 -6.69 -1.86
N PRO A 55 -5.85 -7.48 -1.06
CA PRO A 55 -5.00 -8.56 -1.60
C PRO A 55 -5.81 -9.59 -2.36
N ASP A 56 -7.13 -9.52 -2.19
CA ASP A 56 -8.08 -10.36 -2.93
C ASP A 56 -7.90 -10.19 -4.43
N GLY A 57 -7.37 -9.04 -4.83
CA GLY A 57 -7.19 -8.73 -6.24
C GLY A 57 -8.32 -7.86 -6.75
N LYS A 58 -8.94 -7.13 -5.84
CA LYS A 58 -10.04 -6.24 -6.16
C LYS A 58 -10.05 -5.05 -5.20
N GLN A 59 -10.47 -3.90 -5.70
CA GLN A 59 -10.59 -2.68 -4.89
C GLN A 59 -12.04 -2.22 -4.85
N PHE A 60 -12.50 -1.82 -3.66
CA PHE A 60 -13.88 -1.39 -3.47
C PHE A 60 -14.14 -0.10 -4.26
N ASP A 61 -13.30 0.90 -4.01
CA ASP A 61 -13.35 2.18 -4.72
C ASP A 61 -11.95 2.77 -4.81
N SER A 62 -11.76 3.69 -5.74
CA SER A 62 -10.47 4.35 -5.91
C SER A 62 -10.60 5.85 -5.65
N SER A 63 -9.84 6.35 -4.68
CA SER A 63 -9.82 7.77 -4.36
C SER A 63 -9.16 8.56 -5.49
N ARG A 64 -8.22 7.89 -6.18
CA ARG A 64 -7.53 8.50 -7.32
C ARG A 64 -8.51 8.89 -8.42
N SER A 65 -9.61 8.15 -8.54
CA SER A 65 -10.66 8.46 -9.51
C SER A 65 -11.19 9.88 -9.28
N ARG A 66 -11.15 10.34 -8.02
CA ARG A 66 -11.64 11.67 -7.66
C ARG A 66 -10.59 12.73 -7.96
N GLY A 67 -9.37 12.29 -8.28
CA GLY A 67 -8.28 13.20 -8.61
C GLY A 67 -7.94 14.13 -7.46
N LYS A 68 -7.77 13.57 -6.27
CA LYS A 68 -7.50 14.37 -5.08
C LYS A 68 -6.08 14.10 -4.56
N PRO A 69 -5.21 15.13 -4.59
CA PRO A 69 -3.83 15.03 -4.08
C PRO A 69 -3.77 15.19 -2.56
N PHE A 70 -2.62 14.86 -1.99
CA PHE A 70 -2.40 14.98 -0.55
C PHE A 70 -1.03 15.60 -0.27
N GLN A 71 -0.86 16.16 0.93
CA GLN A 71 0.41 16.71 1.35
C GLN A 71 0.61 16.45 2.85
N PHE A 72 1.82 16.03 3.22
CA PHE A 72 2.12 15.81 4.65
C PHE A 72 3.60 16.05 4.92
N THR A 73 3.93 16.28 6.19
CA THR A 73 5.31 16.50 6.60
C THR A 73 6.01 15.16 6.85
N LEU A 74 6.87 14.77 5.92
CA LEU A 74 7.58 13.50 5.99
C LEU A 74 8.36 13.37 7.30
N GLY A 75 8.29 12.21 7.92
CA GLY A 75 9.02 11.97 9.16
C GLY A 75 8.21 12.34 10.39
N ALA A 76 7.33 13.32 10.24
CA ALA A 76 6.50 13.80 11.35
C ALA A 76 5.32 12.85 11.60
N GLY A 77 4.51 13.17 12.61
CA GLY A 77 3.37 12.35 12.95
C GLY A 77 2.14 12.72 12.12
N GLU A 78 2.32 12.71 10.81
CA GLU A 78 1.25 13.09 9.89
C GLU A 78 0.43 11.88 9.48
N VAL A 79 1.13 10.78 9.16
CA VAL A 79 0.48 9.53 8.76
C VAL A 79 1.17 8.35 9.45
N ILE A 80 0.66 7.15 9.20
CA ILE A 80 1.29 5.94 9.73
C ILE A 80 2.63 5.71 9.05
N LYS A 81 3.62 5.26 9.82
CA LYS A 81 4.99 5.13 9.34
C LYS A 81 5.13 4.11 8.22
N GLY A 82 4.12 3.27 8.03
CA GLY A 82 4.07 2.41 6.87
C GLY A 82 4.10 3.22 5.59
N TRP A 83 3.12 4.12 5.46
CA TRP A 83 3.03 5.00 4.29
C TRP A 83 4.17 6.01 4.29
N ASP A 84 4.48 6.53 5.48
CA ASP A 84 5.55 7.52 5.65
C ASP A 84 6.84 7.03 5.02
N GLN A 85 7.29 5.84 5.42
CA GLN A 85 8.53 5.26 4.91
C GLN A 85 8.35 4.82 3.47
N GLY A 86 7.20 4.20 3.18
CA GLY A 86 6.92 3.72 1.83
C GLY A 86 7.11 4.81 0.79
N VAL A 87 6.51 5.97 1.03
CA VAL A 87 6.65 7.11 0.14
C VAL A 87 8.03 7.78 0.31
N ALA A 88 8.57 7.74 1.54
CA ALA A 88 9.88 8.34 1.82
C ALA A 88 10.98 7.72 0.97
N THR A 89 10.87 6.42 0.70
CA THR A 89 11.90 5.69 -0.02
C THR A 89 11.69 5.76 -1.55
N MET A 90 10.72 6.55 -2.01
CA MET A 90 10.49 6.71 -3.46
C MET A 90 10.83 8.13 -3.90
N THR A 91 10.70 8.39 -5.20
CA THR A 91 11.09 9.68 -5.76
C THR A 91 9.90 10.36 -6.46
N LEU A 92 10.14 11.56 -6.99
CA LEU A 92 9.09 12.35 -7.64
C LEU A 92 8.54 11.60 -8.86
N GLY A 93 7.21 11.50 -8.92
CA GLY A 93 6.55 10.88 -10.05
C GLY A 93 6.59 9.36 -9.98
N GLU A 94 6.87 8.85 -8.79
CA GLU A 94 7.02 7.41 -8.57
C GLU A 94 5.81 6.87 -7.80
N LYS A 95 5.31 5.72 -8.25
CA LYS A 95 4.15 5.08 -7.62
C LYS A 95 4.45 3.60 -7.38
N ALA A 96 4.26 3.17 -6.14
CA ALA A 96 4.54 1.79 -5.77
C ALA A 96 3.35 1.19 -5.02
N LEU A 97 3.10 -0.08 -5.28
CA LEU A 97 2.10 -0.84 -4.57
C LEU A 97 2.77 -1.51 -3.37
N PHE A 98 2.33 -1.15 -2.18
CA PHE A 98 2.90 -1.69 -0.95
C PHE A 98 1.80 -2.34 -0.12
N THR A 99 1.98 -3.61 0.20
CA THR A 99 1.03 -4.33 1.02
C THR A 99 1.30 -4.03 2.50
N ILE A 100 0.44 -3.22 3.10
CA ILE A 100 0.59 -2.82 4.49
C ILE A 100 -0.02 -3.87 5.42
N PRO A 101 0.82 -4.57 6.21
CA PRO A 101 0.34 -5.54 7.20
C PRO A 101 -0.43 -4.83 8.32
N TYR A 102 -1.26 -5.59 9.02
CA TYR A 102 -2.10 -5.04 10.09
C TYR A 102 -1.26 -4.27 11.11
N GLN A 103 -0.03 -4.72 11.32
CA GLN A 103 0.87 -4.11 12.30
C GLN A 103 1.18 -2.65 11.97
N LEU A 104 1.16 -2.33 10.67
CA LEU A 104 1.55 -1.00 10.21
C LEU A 104 0.33 -0.18 9.79
N ALA A 105 -0.86 -0.64 10.14
CA ALA A 105 -2.10 0.04 9.75
C ALA A 105 -3.17 -0.12 10.83
N TYR A 106 -4.31 0.54 10.60
CA TYR A 106 -5.46 0.46 11.49
C TYR A 106 -6.08 -0.94 11.44
N GLY A 107 -5.71 -1.70 10.42
CA GLY A 107 -6.24 -3.04 10.23
C GLY A 107 -5.94 -3.97 11.39
N GLU A 108 -4.97 -3.59 12.22
CA GLU A 108 -4.63 -4.35 13.42
C GLU A 108 -5.85 -4.54 14.30
N ARG A 109 -6.47 -3.42 14.65
CA ARG A 109 -7.61 -3.42 15.57
C ARG A 109 -8.92 -3.34 14.81
N GLY A 110 -8.91 -2.62 13.69
CA GLY A 110 -10.09 -2.45 12.88
C GLY A 110 -11.09 -1.48 13.48
N TYR A 111 -12.01 -0.99 12.66
CA TYR A 111 -13.07 -0.09 13.13
C TYR A 111 -14.42 -0.50 12.53
N PRO A 112 -14.55 -0.57 11.17
CA PRO A 112 -15.79 -1.01 10.54
C PRO A 112 -15.79 -2.52 10.29
N PRO A 113 -16.95 -3.20 10.46
CA PRO A 113 -17.06 -4.66 10.24
C PRO A 113 -16.60 -5.09 8.84
N VAL A 114 -16.55 -4.12 7.93
CA VAL A 114 -16.06 -4.35 6.58
C VAL A 114 -14.56 -4.67 6.60
N ILE A 115 -13.84 -4.00 7.49
CA ILE A 115 -12.40 -4.23 7.66
C ILE A 115 -12.16 -4.90 9.01
N PRO A 116 -11.97 -6.24 9.00
CA PRO A 116 -11.80 -7.02 10.23
C PRO A 116 -10.46 -6.75 10.92
N PRO A 117 -10.35 -7.06 12.23
CA PRO A 117 -9.08 -6.93 12.96
C PRO A 117 -8.02 -7.89 12.42
N LYS A 118 -6.75 -7.46 12.48
CA LYS A 118 -5.62 -8.24 11.96
C LYS A 118 -5.66 -8.30 10.43
N ALA A 119 -6.34 -7.34 9.81
CA ALA A 119 -6.47 -7.30 8.35
C ALA A 119 -5.24 -6.66 7.71
N THR A 120 -4.72 -7.34 6.70
CA THR A 120 -3.63 -6.80 5.88
C THR A 120 -4.20 -6.19 4.61
N LEU A 121 -3.83 -4.94 4.33
CA LEU A 121 -4.45 -4.19 3.24
C LEU A 121 -3.36 -3.59 2.33
N VAL A 122 -3.62 -3.56 1.03
CA VAL A 122 -2.64 -3.08 0.07
C VAL A 122 -2.92 -1.63 -0.30
N PHE A 123 -1.89 -0.80 -0.27
CA PHE A 123 -2.05 0.62 -0.59
C PHE A 123 -1.06 1.05 -1.68
N GLU A 124 -1.57 1.75 -2.68
CA GLU A 124 -0.72 2.39 -3.67
C GLU A 124 -0.23 3.72 -3.12
N VAL A 125 1.06 3.80 -2.86
CA VAL A 125 1.70 5.05 -2.42
C VAL A 125 2.32 5.73 -3.64
N GLU A 126 2.12 7.04 -3.75
CA GLU A 126 2.52 7.79 -4.94
C GLU A 126 3.07 9.17 -4.53
N LEU A 127 4.32 9.44 -4.90
CA LEU A 127 4.95 10.73 -4.64
C LEU A 127 4.74 11.63 -5.88
N LEU A 128 3.98 12.70 -5.73
CA LEU A 128 3.67 13.57 -6.86
C LEU A 128 4.75 14.64 -7.00
N ALA A 129 5.03 15.31 -5.88
CA ALA A 129 5.98 16.42 -5.88
C ALA A 129 6.25 16.87 -4.46
N VAL A 130 6.99 17.96 -4.32
CA VAL A 130 7.22 18.59 -3.03
C VAL A 130 6.46 19.92 -2.96
N MET A 1 -27.58 -22.72 -38.76
CA MET A 1 -27.46 -22.73 -37.29
C MET A 1 -26.23 -21.93 -36.86
N ALA A 2 -26.43 -20.97 -35.95
CA ALA A 2 -25.35 -20.14 -35.44
C ALA A 2 -25.81 -19.35 -34.23
N HIS A 3 -25.02 -19.38 -33.16
CA HIS A 3 -25.33 -18.63 -31.95
C HIS A 3 -24.22 -17.62 -31.66
N HIS A 4 -24.41 -16.38 -32.11
CA HIS A 4 -23.46 -15.31 -31.83
C HIS A 4 -23.53 -14.98 -30.34
N HIS A 5 -22.78 -15.75 -29.55
CA HIS A 5 -22.88 -15.70 -28.09
C HIS A 5 -21.76 -14.84 -27.50
N HIS A 6 -21.98 -14.40 -26.26
CA HIS A 6 -21.00 -13.60 -25.55
C HIS A 6 -19.96 -14.50 -24.89
N HIS A 7 -18.83 -13.92 -24.51
CA HIS A 7 -17.77 -14.66 -23.83
C HIS A 7 -17.88 -14.44 -22.32
N HIS A 8 -18.43 -15.43 -21.62
CA HIS A 8 -18.57 -15.35 -20.17
C HIS A 8 -17.20 -15.55 -19.51
N MET A 9 -16.96 -14.81 -18.44
CA MET A 9 -15.67 -14.85 -17.76
C MET A 9 -15.87 -14.85 -16.25
N GLY A 10 -14.77 -14.89 -15.50
CA GLY A 10 -14.84 -15.02 -14.07
C GLY A 10 -14.58 -16.45 -13.63
N THR A 11 -13.59 -16.64 -12.76
CA THR A 11 -13.26 -17.96 -12.25
C THR A 11 -14.26 -18.39 -11.19
N LEU A 12 -14.99 -19.48 -11.47
CA LEU A 12 -15.99 -20.00 -10.53
C LEU A 12 -15.33 -20.27 -9.17
N GLU A 13 -14.37 -21.17 -9.16
CA GLU A 13 -13.59 -21.46 -7.97
C GLU A 13 -12.23 -20.79 -8.07
N ALA A 14 -11.93 -19.90 -7.15
CA ALA A 14 -10.70 -19.12 -7.18
C ALA A 14 -9.48 -19.99 -6.84
N GLN A 15 -8.31 -19.35 -6.79
CA GLN A 15 -7.06 -20.05 -6.50
C GLN A 15 -7.08 -20.62 -5.08
N THR A 16 -6.40 -21.75 -4.91
CA THR A 16 -6.32 -22.42 -3.61
C THR A 16 -5.21 -21.84 -2.73
N GLN A 17 -4.70 -20.68 -3.14
CA GLN A 17 -3.67 -19.97 -2.39
C GLN A 17 -3.86 -18.47 -2.53
N GLY A 18 -3.65 -17.75 -1.43
CA GLY A 18 -3.78 -16.31 -1.42
C GLY A 18 -3.10 -15.68 -0.21
N PRO A 19 -3.67 -14.62 0.37
CA PRO A 19 -3.11 -13.94 1.54
C PRO A 19 -3.40 -14.69 2.85
N GLY A 20 -3.42 -16.01 2.78
CA GLY A 20 -3.74 -16.82 3.95
C GLY A 20 -2.56 -16.99 4.89
N SER A 21 -2.19 -15.91 5.57
CA SER A 21 -1.09 -15.95 6.54
C SER A 21 -1.33 -14.87 7.60
N MET A 22 -1.13 -15.22 8.87
CA MET A 22 -1.38 -14.30 9.97
C MET A 22 -0.20 -13.34 10.16
N SER A 23 0.96 -13.72 9.65
CA SER A 23 2.17 -12.91 9.81
C SER A 23 2.17 -11.74 8.83
N ALA A 24 3.07 -10.78 9.08
CA ALA A 24 3.19 -9.60 8.25
C ALA A 24 3.54 -9.96 6.80
N GLN A 25 2.59 -9.76 5.90
CA GLN A 25 2.81 -9.96 4.48
C GLN A 25 3.24 -8.64 3.86
N LEU A 26 4.26 -8.66 3.01
CA LEU A 26 4.79 -7.42 2.46
C LEU A 26 5.30 -7.59 1.03
N GLU A 27 4.51 -7.14 0.07
CA GLU A 27 4.98 -6.95 -1.30
C GLU A 27 5.01 -5.46 -1.61
N LYS A 28 6.12 -5.01 -2.17
CA LYS A 28 6.27 -3.62 -2.61
C LYS A 28 6.78 -3.62 -4.06
N LYS A 29 5.85 -3.38 -4.98
CA LYS A 29 6.17 -3.49 -6.41
C LYS A 29 5.86 -2.17 -7.12
N VAL A 30 6.90 -1.52 -7.62
CA VAL A 30 6.76 -0.23 -8.29
C VAL A 30 5.95 -0.38 -9.58
N LEU A 31 4.77 0.23 -9.60
CA LEU A 31 3.90 0.18 -10.76
C LEU A 31 4.32 1.24 -11.76
N THR A 32 4.47 2.46 -11.26
CA THR A 32 4.91 3.60 -12.06
C THR A 32 6.31 4.04 -11.60
N PRO A 33 7.33 3.87 -12.46
CA PRO A 33 8.73 4.19 -12.10
C PRO A 33 8.95 5.69 -11.90
N GLY A 34 9.76 6.04 -10.91
CA GLY A 34 10.06 7.44 -10.62
C GLY A 34 11.39 7.88 -11.21
N ASP A 35 11.83 9.07 -10.82
CA ASP A 35 13.11 9.62 -11.30
C ASP A 35 14.28 8.82 -10.73
N GLY A 36 14.23 8.55 -9.43
CA GLY A 36 15.25 7.75 -8.78
C GLY A 36 16.37 8.56 -8.13
N VAL A 37 16.55 9.81 -8.56
CA VAL A 37 17.70 10.61 -8.12
C VAL A 37 17.33 11.64 -7.05
N THR A 38 16.05 11.71 -6.68
CA THR A 38 15.61 12.57 -5.58
C THR A 38 15.78 11.87 -4.24
N LYS A 39 16.18 12.64 -3.22
CA LYS A 39 16.35 12.10 -1.87
C LYS A 39 15.31 12.71 -0.92
N PRO A 40 14.45 11.89 -0.31
CA PRO A 40 13.47 12.35 0.67
C PRO A 40 14.15 12.80 1.97
N GLN A 41 13.61 13.86 2.58
CA GLN A 41 14.15 14.38 3.84
C GLN A 41 13.04 15.03 4.68
N ALA A 42 13.11 14.83 5.98
CA ALA A 42 12.08 15.29 6.91
C ALA A 42 12.13 16.80 7.11
N GLY A 43 11.07 17.34 7.69
CA GLY A 43 11.01 18.76 8.01
C GLY A 43 10.52 19.60 6.84
N LYS A 44 9.86 18.97 5.87
CA LYS A 44 9.33 19.69 4.71
C LYS A 44 7.92 19.20 4.36
N LYS A 45 7.20 20.01 3.59
CA LYS A 45 5.88 19.64 3.09
C LYS A 45 6.02 18.76 1.85
N VAL A 46 5.54 17.52 1.95
CA VAL A 46 5.57 16.59 0.83
C VAL A 46 4.17 16.33 0.30
N THR A 47 4.09 16.03 -0.99
CA THR A 47 2.82 15.76 -1.64
C THR A 47 2.80 14.33 -2.16
N VAL A 48 1.99 13.50 -1.50
CA VAL A 48 1.86 12.09 -1.83
C VAL A 48 0.44 11.78 -2.31
N HIS A 49 0.21 10.54 -2.68
CA HIS A 49 -1.11 10.06 -3.07
C HIS A 49 -1.23 8.59 -2.71
N TYR A 50 -2.44 8.18 -2.34
CA TYR A 50 -2.71 6.79 -1.97
C TYR A 50 -3.88 6.27 -2.81
N ASP A 51 -3.90 4.96 -3.02
CA ASP A 51 -5.03 4.30 -3.66
C ASP A 51 -5.33 3.01 -2.88
N GLY A 52 -6.49 2.99 -2.22
CA GLY A 52 -6.88 1.87 -1.37
C GLY A 52 -7.27 0.65 -2.17
N ARG A 53 -6.46 -0.40 -2.10
CA ARG A 53 -6.65 -1.60 -2.90
C ARG A 53 -6.76 -2.85 -2.00
N PHE A 54 -7.70 -3.72 -2.31
CA PHE A 54 -7.92 -4.95 -1.56
C PHE A 54 -7.04 -6.06 -2.12
N PRO A 55 -6.65 -7.04 -1.27
CA PRO A 55 -5.75 -8.14 -1.67
C PRO A 55 -6.26 -8.99 -2.83
N ASP A 56 -7.57 -8.90 -3.13
CA ASP A 56 -8.16 -9.70 -4.20
C ASP A 56 -7.95 -9.01 -5.55
N GLY A 57 -7.57 -7.74 -5.51
CA GLY A 57 -7.32 -6.98 -6.73
C GLY A 57 -8.42 -5.98 -7.02
N LYS A 58 -9.43 -5.94 -6.15
CA LYS A 58 -10.52 -4.98 -6.29
C LYS A 58 -10.23 -3.76 -5.42
N GLN A 59 -10.85 -2.64 -5.77
CA GLN A 59 -10.74 -1.44 -4.95
C GLN A 59 -12.02 -0.61 -5.07
N PHE A 60 -12.53 -0.14 -3.93
CA PHE A 60 -13.80 0.56 -3.88
C PHE A 60 -13.71 1.92 -4.56
N ASP A 61 -12.66 2.68 -4.24
CA ASP A 61 -12.52 4.05 -4.72
C ASP A 61 -11.14 4.27 -5.33
N SER A 62 -11.12 4.85 -6.52
CA SER A 62 -9.88 5.20 -7.18
C SER A 62 -9.67 6.71 -7.10
N SER A 63 -9.08 7.16 -5.99
CA SER A 63 -8.88 8.59 -5.74
C SER A 63 -8.08 9.23 -6.87
N ARG A 64 -7.22 8.42 -7.51
CA ARG A 64 -6.41 8.88 -8.64
C ARG A 64 -7.27 9.51 -9.73
N SER A 65 -8.50 9.03 -9.87
CA SER A 65 -9.42 9.53 -10.88
C SER A 65 -9.68 11.03 -10.69
N ARG A 66 -9.75 11.45 -9.43
CA ARG A 66 -10.02 12.85 -9.09
C ARG A 66 -8.75 13.68 -9.21
N GLY A 67 -7.61 13.01 -9.35
CA GLY A 67 -6.33 13.68 -9.43
C GLY A 67 -6.01 14.46 -8.17
N LYS A 68 -6.70 14.10 -7.08
CA LYS A 68 -6.58 14.81 -5.81
C LYS A 68 -5.34 14.32 -5.04
N PRO A 69 -4.39 15.22 -4.77
CA PRO A 69 -3.17 14.89 -4.03
C PRO A 69 -3.36 15.05 -2.52
N PHE A 70 -2.45 14.44 -1.76
CA PHE A 70 -2.46 14.53 -0.30
C PHE A 70 -1.14 15.08 0.20
N GLN A 71 -1.18 16.25 0.84
CA GLN A 71 0.02 16.91 1.32
C GLN A 71 0.12 16.80 2.83
N PHE A 72 1.33 16.60 3.34
CA PHE A 72 1.56 16.57 4.79
C PHE A 72 3.02 16.88 5.09
N THR A 73 3.33 17.13 6.35
CA THR A 73 4.68 17.43 6.78
C THR A 73 5.47 16.15 6.98
N LEU A 74 6.42 15.89 6.08
CA LEU A 74 7.25 14.68 6.18
C LEU A 74 8.05 14.72 7.47
N GLY A 75 7.71 13.83 8.39
CA GLY A 75 8.34 13.80 9.69
C GLY A 75 7.31 13.84 10.80
N ALA A 76 6.15 14.40 10.49
CA ALA A 76 5.05 14.48 11.44
C ALA A 76 4.43 13.11 11.67
N GLY A 77 3.99 12.85 12.89
CA GLY A 77 3.43 11.55 13.24
C GLY A 77 1.99 11.37 12.76
N GLU A 78 1.73 11.78 11.53
CA GLU A 78 0.41 11.62 10.92
C GLU A 78 0.25 10.22 10.37
N VAL A 79 1.26 9.78 9.62
CA VAL A 79 1.25 8.49 8.95
C VAL A 79 1.93 7.42 9.80
N ILE A 80 1.67 6.16 9.48
CA ILE A 80 2.34 5.05 10.14
C ILE A 80 3.72 4.85 9.53
N LYS A 81 4.61 4.19 10.28
CA LYS A 81 5.98 3.95 9.80
C LYS A 81 5.98 3.14 8.50
N GLY A 82 4.89 2.42 8.25
CA GLY A 82 4.73 1.75 6.97
C GLY A 82 4.75 2.74 5.82
N TRP A 83 3.99 3.82 5.95
CA TRP A 83 3.91 4.85 4.91
C TRP A 83 5.13 5.77 5.00
N ASP A 84 5.66 5.93 6.20
CA ASP A 84 6.89 6.71 6.42
C ASP A 84 8.04 6.11 5.59
N GLN A 85 8.27 4.83 5.79
CA GLN A 85 9.27 4.09 5.01
C GLN A 85 8.81 3.99 3.55
N GLY A 86 7.51 3.84 3.37
CA GLY A 86 6.93 3.77 2.03
C GLY A 86 7.33 4.96 1.17
N VAL A 87 7.16 6.17 1.71
CA VAL A 87 7.53 7.38 1.00
C VAL A 87 9.05 7.55 0.99
N ALA A 88 9.70 7.10 2.06
CA ALA A 88 11.16 7.19 2.17
C ALA A 88 11.87 6.34 1.11
N THR A 89 11.23 5.25 0.69
CA THR A 89 11.85 4.31 -0.25
C THR A 89 11.53 4.67 -1.72
N MET A 90 10.53 5.53 -1.93
CA MET A 90 10.12 5.91 -3.29
C MET A 90 10.84 7.19 -3.72
N THR A 91 10.54 7.64 -4.95
CA THR A 91 11.14 8.85 -5.51
C THR A 91 10.11 9.68 -6.27
N LEU A 92 10.55 10.83 -6.81
CA LEU A 92 9.66 11.77 -7.49
C LEU A 92 8.97 11.09 -8.68
N GLY A 93 7.62 11.15 -8.68
CA GLY A 93 6.84 10.62 -9.78
C GLY A 93 6.82 9.10 -9.80
N GLU A 94 6.78 8.50 -8.62
CA GLU A 94 6.82 7.06 -8.49
C GLU A 94 5.61 6.54 -7.70
N LYS A 95 4.90 5.59 -8.30
CA LYS A 95 3.76 4.93 -7.66
C LYS A 95 4.07 3.46 -7.44
N ALA A 96 4.15 3.06 -6.17
CA ALA A 96 4.46 1.69 -5.81
C ALA A 96 3.27 1.03 -5.14
N LEU A 97 3.12 -0.26 -5.39
CA LEU A 97 2.07 -1.06 -4.75
C LEU A 97 2.63 -1.64 -3.47
N PHE A 98 2.22 -1.09 -2.33
CA PHE A 98 2.81 -1.45 -1.04
C PHE A 98 1.78 -2.18 -0.19
N THR A 99 2.14 -3.36 0.30
CA THR A 99 1.28 -4.14 1.17
C THR A 99 1.41 -3.70 2.63
N ILE A 100 0.32 -3.21 3.22
CA ILE A 100 0.32 -2.78 4.61
C ILE A 100 -0.28 -3.88 5.50
N PRO A 101 0.57 -4.56 6.31
CA PRO A 101 0.12 -5.57 7.27
C PRO A 101 -0.63 -4.93 8.43
N TYR A 102 -1.69 -5.59 8.89
CA TYR A 102 -2.53 -5.05 9.96
C TYR A 102 -1.72 -4.71 11.22
N GLN A 103 -0.63 -5.45 11.41
CA GLN A 103 0.22 -5.27 12.60
C GLN A 103 0.81 -3.87 12.66
N LEU A 104 1.04 -3.26 11.49
CA LEU A 104 1.72 -1.98 11.39
C LEU A 104 0.74 -0.82 11.22
N ALA A 105 -0.55 -1.10 11.37
CA ALA A 105 -1.58 -0.08 11.17
C ALA A 105 -2.81 -0.34 12.01
N TYR A 106 -3.79 0.56 11.90
CA TYR A 106 -5.07 0.44 12.61
C TYR A 106 -5.94 -0.66 12.00
N GLY A 107 -5.45 -1.28 10.93
CA GLY A 107 -6.17 -2.39 10.29
C GLY A 107 -6.28 -3.59 11.21
N GLU A 108 -5.49 -3.59 12.28
CA GLU A 108 -5.57 -4.62 13.31
C GLU A 108 -6.91 -4.51 14.03
N ARG A 109 -7.25 -3.31 14.46
CA ARG A 109 -8.50 -3.05 15.17
C ARG A 109 -9.69 -3.24 14.23
N GLY A 110 -9.65 -2.57 13.08
CA GLY A 110 -10.76 -2.61 12.15
C GLY A 110 -12.01 -1.97 12.71
N TYR A 111 -13.04 -1.81 11.88
CA TYR A 111 -14.31 -1.23 12.33
C TYR A 111 -15.50 -1.86 11.58
N PRO A 112 -15.61 -1.68 10.24
CA PRO A 112 -16.79 -2.13 9.49
C PRO A 112 -16.69 -3.60 9.10
N PRO A 113 -17.82 -4.35 9.16
CA PRO A 113 -17.85 -5.78 8.79
C PRO A 113 -17.40 -5.99 7.34
N VAL A 114 -17.50 -4.93 6.53
CA VAL A 114 -17.03 -4.96 5.15
C VAL A 114 -15.53 -5.26 5.11
N ILE A 115 -14.81 -4.74 6.09
CA ILE A 115 -13.38 -4.98 6.23
C ILE A 115 -13.10 -5.54 7.63
N PRO A 116 -13.06 -6.88 7.75
CA PRO A 116 -12.85 -7.57 9.05
C PRO A 116 -11.60 -7.05 9.78
N PRO A 117 -11.64 -7.04 11.13
CA PRO A 117 -10.49 -6.61 11.95
C PRO A 117 -9.26 -7.48 11.69
N LYS A 118 -8.08 -6.92 11.91
CA LYS A 118 -6.82 -7.61 11.61
C LYS A 118 -6.74 -7.97 10.13
N ALA A 119 -6.95 -6.97 9.30
CA ALA A 119 -6.94 -7.15 7.84
C ALA A 119 -5.73 -6.46 7.22
N THR A 120 -5.02 -7.19 6.35
CA THR A 120 -3.93 -6.63 5.57
C THR A 120 -4.50 -5.93 4.33
N LEU A 121 -4.06 -4.69 4.10
CA LEU A 121 -4.63 -3.86 3.03
C LEU A 121 -3.52 -3.43 2.07
N VAL A 122 -3.83 -3.36 0.77
CA VAL A 122 -2.84 -3.00 -0.22
C VAL A 122 -3.01 -1.53 -0.61
N PHE A 123 -2.01 -0.73 -0.33
CA PHE A 123 -2.07 0.69 -0.66
C PHE A 123 -1.12 1.00 -1.81
N GLU A 124 -1.67 1.44 -2.92
CA GLU A 124 -0.85 1.97 -3.99
C GLU A 124 -0.47 3.40 -3.63
N VAL A 125 0.80 3.55 -3.28
CA VAL A 125 1.34 4.83 -2.81
C VAL A 125 2.05 5.54 -3.96
N GLU A 126 2.03 6.87 -3.93
CA GLU A 126 2.56 7.66 -5.04
C GLU A 126 3.17 8.97 -4.52
N LEU A 127 4.37 9.29 -4.97
CA LEU A 127 5.05 10.53 -4.58
C LEU A 127 4.97 11.53 -5.73
N LEU A 128 4.24 12.63 -5.52
CA LEU A 128 4.10 13.68 -6.53
C LEU A 128 5.18 14.74 -6.33
N ALA A 129 5.44 15.09 -5.07
CA ALA A 129 6.44 16.09 -4.72
C ALA A 129 7.06 15.75 -3.37
N VAL A 130 8.37 15.93 -3.26
CA VAL A 130 9.09 15.64 -2.02
C VAL A 130 9.92 16.85 -1.60
N MET A 1 -44.54 -31.37 -7.21
CA MET A 1 -43.79 -31.16 -5.94
C MET A 1 -44.77 -30.90 -4.79
N ALA A 2 -44.32 -31.17 -3.56
CA ALA A 2 -45.12 -30.93 -2.37
C ALA A 2 -44.22 -30.51 -1.22
N HIS A 3 -43.43 -31.45 -0.72
CA HIS A 3 -42.44 -31.16 0.33
C HIS A 3 -41.10 -30.88 -0.33
N HIS A 4 -41.11 -29.92 -1.25
CA HIS A 4 -39.93 -29.55 -2.01
C HIS A 4 -39.91 -28.03 -2.17
N HIS A 5 -39.44 -27.34 -1.14
CA HIS A 5 -39.49 -25.88 -1.08
C HIS A 5 -38.18 -25.28 -1.64
N HIS A 6 -37.13 -25.35 -0.82
CA HIS A 6 -35.82 -24.82 -1.23
C HIS A 6 -35.25 -25.63 -2.38
N HIS A 7 -34.59 -24.95 -3.31
CA HIS A 7 -34.11 -25.58 -4.54
C HIS A 7 -32.78 -24.94 -4.98
N HIS A 8 -31.92 -24.65 -4.01
CA HIS A 8 -30.60 -24.11 -4.31
C HIS A 8 -29.77 -25.16 -5.06
N MET A 9 -29.92 -25.18 -6.37
CA MET A 9 -29.21 -26.12 -7.23
C MET A 9 -28.06 -25.42 -7.93
N GLY A 10 -27.87 -24.14 -7.60
CA GLY A 10 -26.78 -23.36 -8.15
C GLY A 10 -25.44 -23.73 -7.54
N THR A 11 -24.48 -22.81 -7.61
CA THR A 11 -23.13 -23.07 -7.14
C THR A 11 -23.03 -23.01 -5.61
N LEU A 12 -21.92 -23.48 -5.11
CA LEU A 12 -21.56 -23.42 -3.70
C LEU A 12 -20.04 -23.55 -3.57
N GLU A 13 -19.38 -23.37 -4.71
CA GLU A 13 -17.94 -23.61 -4.82
C GLU A 13 -17.18 -22.29 -4.76
N ALA A 14 -15.85 -22.38 -4.68
CA ALA A 14 -14.98 -21.19 -4.63
C ALA A 14 -15.40 -20.27 -3.50
N GLN A 15 -15.80 -20.87 -2.37
CA GLN A 15 -16.31 -20.13 -1.23
C GLN A 15 -15.22 -19.26 -0.60
N THR A 16 -13.96 -19.51 -0.96
CA THR A 16 -12.86 -18.71 -0.46
C THR A 16 -13.03 -17.24 -0.90
N GLN A 17 -13.76 -16.49 -0.07
CA GLN A 17 -14.11 -15.10 -0.37
C GLN A 17 -12.93 -14.16 -0.16
N GLY A 18 -11.83 -14.69 0.36
CA GLY A 18 -10.64 -13.89 0.60
C GLY A 18 -9.71 -14.55 1.59
N PRO A 19 -8.49 -14.01 1.76
CA PRO A 19 -7.51 -14.58 2.70
C PRO A 19 -7.87 -14.27 4.15
N GLY A 20 -7.95 -15.33 4.97
CA GLY A 20 -8.26 -15.17 6.38
C GLY A 20 -7.10 -15.64 7.25
N SER A 21 -5.90 -15.61 6.69
CA SER A 21 -4.69 -16.02 7.39
C SER A 21 -3.48 -15.36 6.75
N MET A 22 -2.30 -15.58 7.33
CA MET A 22 -1.05 -15.02 6.82
C MET A 22 -1.06 -13.50 6.96
N SER A 23 -1.22 -13.04 8.19
CA SER A 23 -1.27 -11.61 8.51
C SER A 23 0.13 -10.97 8.46
N ALA A 24 0.96 -11.41 7.52
CA ALA A 24 2.30 -10.88 7.35
C ALA A 24 2.70 -10.92 5.88
N GLN A 25 2.38 -9.83 5.18
CA GLN A 25 2.73 -9.69 3.77
C GLN A 25 3.35 -8.32 3.54
N LEU A 26 4.44 -8.28 2.78
CA LEU A 26 5.09 -7.02 2.45
C LEU A 26 5.68 -7.12 1.04
N GLU A 27 4.99 -6.51 0.08
CA GLU A 27 5.47 -6.43 -1.29
C GLU A 27 5.59 -4.98 -1.72
N LYS A 28 6.53 -4.72 -2.61
CA LYS A 28 6.74 -3.38 -3.18
C LYS A 28 6.76 -3.49 -4.70
N LYS A 29 5.66 -3.07 -5.34
CA LYS A 29 5.56 -3.14 -6.79
C LYS A 29 5.61 -1.74 -7.38
N VAL A 30 6.71 -1.42 -8.07
CA VAL A 30 6.86 -0.11 -8.68
C VAL A 30 5.94 0.01 -9.90
N LEU A 31 4.77 0.63 -9.69
CA LEU A 31 3.77 0.76 -10.74
C LEU A 31 4.19 1.88 -11.70
N THR A 32 4.92 2.85 -11.17
CA THR A 32 5.47 3.94 -11.97
C THR A 32 6.82 4.35 -11.41
N PRO A 33 7.91 4.18 -12.19
CA PRO A 33 9.26 4.58 -11.76
C PRO A 33 9.45 6.09 -11.76
N GLY A 34 9.93 6.63 -10.64
CA GLY A 34 10.13 8.07 -10.53
C GLY A 34 11.42 8.53 -11.19
N ASP A 35 11.90 9.71 -10.79
CA ASP A 35 13.14 10.26 -11.32
C ASP A 35 14.32 9.36 -10.96
N GLY A 36 14.29 8.81 -9.75
CA GLY A 36 15.39 8.01 -9.25
C GLY A 36 16.48 8.87 -8.63
N VAL A 37 16.64 10.09 -9.13
CA VAL A 37 17.62 11.04 -8.59
C VAL A 37 17.04 11.83 -7.43
N THR A 38 15.74 12.12 -7.51
CA THR A 38 15.05 12.90 -6.50
C THR A 38 14.88 12.09 -5.20
N LYS A 39 15.82 12.25 -4.29
CA LYS A 39 15.83 11.54 -3.02
C LYS A 39 15.02 12.29 -1.98
N PRO A 40 14.03 11.63 -1.34
CA PRO A 40 13.22 12.23 -0.29
C PRO A 40 13.97 12.29 1.04
N GLN A 41 13.33 12.89 2.04
CA GLN A 41 13.92 12.99 3.38
C GLN A 41 12.86 13.43 4.37
N ALA A 42 13.17 13.31 5.66
CA ALA A 42 12.27 13.77 6.70
C ALA A 42 12.29 15.30 6.79
N GLY A 43 11.22 15.88 7.32
CA GLY A 43 11.13 17.32 7.50
C GLY A 43 10.77 18.04 6.21
N LYS A 44 10.22 17.30 5.26
CA LYS A 44 9.79 17.85 3.98
C LYS A 44 8.29 17.72 3.81
N LYS A 45 7.65 18.83 3.45
CA LYS A 45 6.24 18.83 3.07
C LYS A 45 6.11 18.16 1.71
N VAL A 46 5.65 16.92 1.68
CA VAL A 46 5.61 16.14 0.45
C VAL A 46 4.18 16.03 -0.08
N THR A 47 4.06 16.07 -1.40
CA THR A 47 2.79 15.94 -2.08
C THR A 47 2.65 14.50 -2.59
N VAL A 48 1.61 13.80 -2.15
CA VAL A 48 1.46 12.37 -2.42
C VAL A 48 0.02 12.00 -2.81
N HIS A 49 -0.16 10.72 -3.12
CA HIS A 49 -1.45 10.10 -3.35
C HIS A 49 -1.49 8.74 -2.67
N TYR A 50 -2.69 8.32 -2.28
CA TYR A 50 -2.91 6.99 -1.71
C TYR A 50 -4.03 6.28 -2.47
N ASP A 51 -3.89 4.97 -2.65
CA ASP A 51 -4.94 4.16 -3.27
C ASP A 51 -5.12 2.87 -2.46
N GLY A 52 -6.32 2.67 -1.94
CA GLY A 52 -6.60 1.52 -1.08
C GLY A 52 -6.89 0.27 -1.87
N ARG A 53 -6.01 -0.73 -1.76
CA ARG A 53 -6.10 -1.95 -2.55
C ARG A 53 -5.96 -3.19 -1.66
N PHE A 54 -6.63 -4.27 -2.06
CA PHE A 54 -6.59 -5.53 -1.32
C PHE A 54 -5.45 -6.41 -1.83
N PRO A 55 -4.96 -7.35 -0.99
CA PRO A 55 -3.86 -8.27 -1.36
C PRO A 55 -4.24 -9.22 -2.51
N ASP A 56 -5.46 -9.05 -3.02
CA ASP A 56 -5.92 -9.81 -4.19
C ASP A 56 -5.48 -9.11 -5.48
N GLY A 57 -5.35 -7.78 -5.42
CA GLY A 57 -4.98 -7.00 -6.58
C GLY A 57 -6.08 -6.02 -6.96
N LYS A 58 -7.31 -6.34 -6.58
CA LYS A 58 -8.45 -5.47 -6.84
C LYS A 58 -8.57 -4.42 -5.73
N GLN A 59 -9.23 -3.29 -6.03
CA GLN A 59 -9.39 -2.21 -5.06
C GLN A 59 -10.79 -1.58 -5.16
N PHE A 60 -11.01 -0.53 -4.40
CA PHE A 60 -12.31 0.16 -4.38
C PHE A 60 -12.36 1.21 -5.50
N ASP A 61 -11.50 2.22 -5.39
CA ASP A 61 -11.43 3.27 -6.41
C ASP A 61 -9.99 3.75 -6.57
N SER A 62 -9.68 4.32 -7.72
CA SER A 62 -8.38 4.92 -7.95
C SER A 62 -8.41 6.38 -7.48
N SER A 63 -8.04 6.59 -6.23
CA SER A 63 -8.14 7.91 -5.61
C SER A 63 -7.19 8.91 -6.28
N ARG A 64 -6.11 8.40 -6.87
CA ARG A 64 -5.18 9.24 -7.62
C ARG A 64 -5.91 9.91 -8.79
N SER A 65 -6.92 9.23 -9.33
CA SER A 65 -7.68 9.71 -10.48
C SER A 65 -8.61 10.87 -10.09
N ARG A 66 -8.71 11.17 -8.80
CA ARG A 66 -9.62 12.23 -8.34
C ARG A 66 -9.05 13.61 -8.64
N GLY A 67 -7.84 13.63 -9.20
CA GLY A 67 -7.25 14.87 -9.71
C GLY A 67 -6.83 15.84 -8.63
N LYS A 68 -6.88 15.41 -7.38
CA LYS A 68 -6.45 16.25 -6.26
C LYS A 68 -5.35 15.53 -5.46
N PRO A 69 -4.16 16.15 -5.34
CA PRO A 69 -3.06 15.60 -4.53
C PRO A 69 -3.18 16.01 -3.06
N PHE A 70 -2.51 15.26 -2.19
CA PHE A 70 -2.49 15.54 -0.76
C PHE A 70 -1.07 15.93 -0.35
N GLN A 71 -0.93 16.63 0.77
CA GLN A 71 0.39 17.03 1.25
C GLN A 71 0.51 16.77 2.75
N PHE A 72 1.68 16.29 3.18
CA PHE A 72 1.98 16.13 4.59
C PHE A 72 3.50 16.13 4.79
N THR A 73 3.94 16.57 5.96
CA THR A 73 5.37 16.57 6.28
C THR A 73 5.87 15.16 6.54
N LEU A 74 6.68 14.64 5.61
CA LEU A 74 7.29 13.32 5.76
C LEU A 74 8.19 13.28 6.99
N GLY A 75 8.09 12.22 7.78
CA GLY A 75 8.86 12.11 9.01
C GLY A 75 8.08 12.64 10.21
N ALA A 76 6.96 13.30 9.94
CA ALA A 76 6.10 13.82 11.00
C ALA A 76 5.02 12.80 11.35
N GLY A 77 4.42 12.95 12.53
CA GLY A 77 3.41 11.99 12.98
C GLY A 77 2.04 12.27 12.40
N GLU A 78 2.01 12.62 11.11
CA GLU A 78 0.76 12.92 10.42
C GLU A 78 0.13 11.63 9.89
N VAL A 79 0.98 10.63 9.66
CA VAL A 79 0.53 9.32 9.18
C VAL A 79 1.18 8.22 10.01
N ILE A 80 0.69 6.99 9.85
CA ILE A 80 1.28 5.85 10.53
C ILE A 80 2.62 5.49 9.89
N LYS A 81 3.50 4.85 10.67
CA LYS A 81 4.87 4.59 10.22
C LYS A 81 4.87 3.73 8.96
N GLY A 82 3.84 2.91 8.81
CA GLY A 82 3.71 2.09 7.61
C GLY A 82 3.68 2.93 6.35
N TRP A 83 2.76 3.89 6.30
CA TRP A 83 2.63 4.77 5.15
C TRP A 83 3.87 5.66 5.03
N ASP A 84 4.35 6.14 6.17
CA ASP A 84 5.55 6.98 6.24
C ASP A 84 6.72 6.31 5.53
N GLN A 85 6.98 5.05 5.86
CA GLN A 85 8.06 4.30 5.25
C GLN A 85 7.77 4.06 3.78
N GLY A 86 6.54 3.63 3.49
CA GLY A 86 6.14 3.34 2.12
C GLY A 86 6.41 4.49 1.17
N VAL A 87 6.01 5.69 1.58
CA VAL A 87 6.25 6.89 0.78
C VAL A 87 7.71 7.34 0.85
N ALA A 88 8.34 7.12 2.00
CA ALA A 88 9.73 7.53 2.20
C ALA A 88 10.69 6.71 1.35
N THR A 89 10.29 5.49 1.00
CA THR A 89 11.16 4.58 0.25
C THR A 89 11.00 4.74 -1.28
N MET A 90 10.43 5.86 -1.75
CA MET A 90 10.28 6.09 -3.18
C MET A 90 10.88 7.43 -3.60
N THR A 91 10.83 7.74 -4.89
CA THR A 91 11.35 9.00 -5.43
C THR A 91 10.22 9.82 -6.05
N LEU A 92 10.54 11.03 -6.52
CA LEU A 92 9.53 11.92 -7.08
C LEU A 92 9.00 11.36 -8.40
N GLY A 93 7.67 11.30 -8.53
CA GLY A 93 7.05 10.80 -9.74
C GLY A 93 6.85 9.30 -9.72
N GLU A 94 7.15 8.69 -8.57
CA GLU A 94 7.10 7.24 -8.44
C GLU A 94 5.80 6.80 -7.74
N LYS A 95 5.16 5.79 -8.31
CA LYS A 95 3.96 5.19 -7.72
C LYS A 95 4.25 3.74 -7.39
N ALA A 96 4.17 3.40 -6.11
CA ALA A 96 4.51 2.06 -5.65
C ALA A 96 3.34 1.42 -4.90
N LEU A 97 3.12 0.14 -5.20
CA LEU A 97 2.13 -0.67 -4.51
C LEU A 97 2.80 -1.34 -3.32
N PHE A 98 2.50 -0.85 -2.12
CA PHE A 98 3.18 -1.33 -0.92
C PHE A 98 2.18 -2.04 0.00
N THR A 99 2.49 -3.28 0.35
CA THR A 99 1.63 -4.05 1.23
C THR A 99 1.89 -3.66 2.70
N ILE A 100 0.89 -3.02 3.31
CA ILE A 100 1.01 -2.57 4.69
C ILE A 100 0.44 -3.63 5.66
N PRO A 101 1.32 -4.25 6.48
CA PRO A 101 0.91 -5.25 7.48
C PRO A 101 0.05 -4.64 8.59
N TYR A 102 -0.83 -5.45 9.17
CA TYR A 102 -1.79 -4.98 10.17
C TYR A 102 -1.11 -4.28 11.35
N GLN A 103 0.10 -4.73 11.67
CA GLN A 103 0.85 -4.18 12.81
C GLN A 103 1.22 -2.71 12.57
N LEU A 104 1.36 -2.36 11.28
CA LEU A 104 1.72 -1.00 10.89
C LEU A 104 0.52 -0.30 10.24
N ALA A 105 -0.67 -0.79 10.56
CA ALA A 105 -1.90 -0.27 9.99
C ALA A 105 -3.07 -0.39 10.96
N TYR A 106 -4.22 0.13 10.54
CA TYR A 106 -5.45 0.03 11.32
C TYR A 106 -6.05 -1.38 11.20
N GLY A 107 -5.51 -2.15 10.25
CA GLY A 107 -6.03 -3.49 9.96
C GLY A 107 -6.00 -4.42 11.16
N GLU A 108 -5.22 -4.05 12.18
CA GLU A 108 -5.18 -4.81 13.43
C GLU A 108 -6.58 -4.89 14.02
N ARG A 109 -7.24 -3.73 14.10
CA ARG A 109 -8.61 -3.64 14.62
C ARG A 109 -9.62 -3.75 13.49
N GLY A 110 -9.19 -3.37 12.29
CA GLY A 110 -10.07 -3.35 11.14
C GLY A 110 -10.90 -2.08 11.09
N TYR A 111 -11.79 -1.96 12.09
CA TYR A 111 -12.76 -0.85 12.23
C TYR A 111 -14.13 -1.22 11.62
N PRO A 112 -14.32 -1.25 10.26
CA PRO A 112 -15.58 -1.72 9.69
C PRO A 112 -15.63 -3.25 9.66
N PRO A 113 -16.78 -3.86 9.98
CA PRO A 113 -16.93 -5.32 10.02
C PRO A 113 -16.65 -5.97 8.67
N VAL A 114 -16.55 -5.16 7.62
CA VAL A 114 -16.19 -5.63 6.29
C VAL A 114 -14.71 -6.06 6.28
N ILE A 115 -13.91 -5.40 7.09
CA ILE A 115 -12.49 -5.70 7.21
C ILE A 115 -12.25 -6.52 8.48
N PRO A 116 -11.68 -7.74 8.33
CA PRO A 116 -11.41 -8.61 9.48
C PRO A 116 -10.26 -8.09 10.34
N PRO A 117 -10.26 -8.39 11.65
CA PRO A 117 -9.18 -7.97 12.55
C PRO A 117 -7.85 -8.66 12.22
N LYS A 118 -6.76 -7.91 12.33
CA LYS A 118 -5.41 -8.40 12.00
C LYS A 118 -5.24 -8.58 10.48
N ALA A 119 -6.00 -7.81 9.71
CA ALA A 119 -5.96 -7.89 8.25
C ALA A 119 -4.83 -7.03 7.69
N THR A 120 -4.19 -7.52 6.64
CA THR A 120 -3.14 -6.79 5.93
C THR A 120 -3.75 -6.07 4.72
N LEU A 121 -3.36 -4.82 4.50
CA LEU A 121 -3.99 -4.00 3.46
C LEU A 121 -2.92 -3.40 2.55
N VAL A 122 -3.18 -3.37 1.25
CA VAL A 122 -2.22 -2.87 0.29
C VAL A 122 -2.52 -1.42 -0.08
N PHE A 123 -1.55 -0.55 0.13
CA PHE A 123 -1.70 0.85 -0.21
C PHE A 123 -0.77 1.23 -1.34
N GLU A 124 -1.33 1.69 -2.45
CA GLU A 124 -0.53 2.28 -3.51
C GLU A 124 -0.24 3.72 -3.14
N VAL A 125 1.01 4.00 -2.85
CA VAL A 125 1.46 5.35 -2.53
C VAL A 125 2.12 5.97 -3.76
N GLU A 126 1.85 7.24 -3.99
CA GLU A 126 2.36 7.93 -5.18
C GLU A 126 2.98 9.26 -4.78
N LEU A 127 4.27 9.42 -5.07
CA LEU A 127 4.99 10.65 -4.75
C LEU A 127 4.84 11.64 -5.91
N LEU A 128 4.16 12.76 -5.65
CA LEU A 128 4.00 13.83 -6.65
C LEU A 128 5.11 14.87 -6.50
N ALA A 129 5.43 15.24 -5.26
CA ALA A 129 6.45 16.25 -5.00
C ALA A 129 7.14 15.98 -3.66
N VAL A 130 8.45 16.22 -3.62
CA VAL A 130 9.25 16.01 -2.40
C VAL A 130 9.40 17.33 -1.64
N MET A 1 9.90 -21.44 -27.77
CA MET A 1 8.88 -22.49 -27.52
C MET A 1 8.05 -22.73 -28.78
N ALA A 2 8.52 -23.66 -29.61
CA ALA A 2 7.81 -24.04 -30.82
C ALA A 2 6.63 -24.94 -30.46
N HIS A 3 5.47 -24.67 -31.04
CA HIS A 3 4.26 -25.42 -30.73
C HIS A 3 4.28 -26.80 -31.40
N HIS A 4 5.09 -27.70 -30.83
CA HIS A 4 5.16 -29.09 -31.30
C HIS A 4 5.01 -30.05 -30.12
N HIS A 5 5.09 -29.51 -28.91
CA HIS A 5 4.96 -30.29 -27.68
C HIS A 5 4.56 -29.38 -26.52
N HIS A 6 3.49 -29.73 -25.83
CA HIS A 6 3.02 -28.97 -24.68
C HIS A 6 2.04 -29.82 -23.87
N HIS A 7 2.19 -29.77 -22.55
CA HIS A 7 1.28 -30.47 -21.64
C HIS A 7 1.07 -29.63 -20.38
N HIS A 8 -0.15 -29.14 -20.20
CA HIS A 8 -0.48 -28.31 -19.05
C HIS A 8 -0.82 -29.18 -17.85
N MET A 9 -0.18 -28.89 -16.73
CA MET A 9 -0.50 -29.54 -15.47
C MET A 9 -0.95 -28.50 -14.45
N GLY A 10 -2.03 -28.79 -13.75
CA GLY A 10 -2.56 -27.89 -12.74
C GLY A 10 -3.95 -28.29 -12.30
N THR A 11 -4.12 -28.49 -10.99
CA THR A 11 -5.39 -28.91 -10.43
C THR A 11 -6.41 -27.76 -10.49
N LEU A 12 -5.90 -26.54 -10.68
CA LEU A 12 -6.73 -25.34 -10.83
C LEU A 12 -7.50 -24.99 -9.55
N GLU A 13 -7.29 -25.77 -8.49
CA GLU A 13 -7.92 -25.50 -7.19
C GLU A 13 -6.95 -24.76 -6.28
N ALA A 14 -7.37 -23.61 -5.78
CA ALA A 14 -6.55 -22.80 -4.88
C ALA A 14 -6.84 -23.15 -3.43
N GLN A 15 -5.95 -23.95 -2.84
CA GLN A 15 -6.05 -24.32 -1.43
C GLN A 15 -5.73 -23.10 -0.56
N THR A 16 -4.87 -22.25 -1.09
CA THR A 16 -4.49 -21.01 -0.43
C THR A 16 -4.65 -19.84 -1.41
N GLN A 17 -5.53 -18.91 -1.09
CA GLN A 17 -5.82 -17.76 -1.96
C GLN A 17 -4.69 -16.74 -1.89
N GLY A 18 -4.21 -16.47 -0.67
CA GLY A 18 -3.15 -15.49 -0.50
C GLY A 18 -2.64 -15.42 0.93
N PRO A 19 -2.54 -14.22 1.51
CA PRO A 19 -1.93 -14.00 2.84
C PRO A 19 -2.79 -14.53 3.98
N GLY A 20 -2.14 -15.25 4.90
CA GLY A 20 -2.80 -15.71 6.11
C GLY A 20 -1.83 -15.75 7.26
N SER A 21 -0.96 -14.74 7.33
CA SER A 21 0.09 -14.68 8.33
C SER A 21 -0.28 -13.74 9.48
N MET A 22 0.47 -13.82 10.58
CA MET A 22 0.28 -12.95 11.74
C MET A 22 1.51 -12.04 11.90
N SER A 23 2.45 -12.17 10.96
CA SER A 23 3.68 -11.38 10.98
C SER A 23 3.56 -10.19 10.02
N ALA A 24 4.62 -9.38 9.95
CA ALA A 24 4.65 -8.23 9.04
C ALA A 24 5.24 -8.64 7.70
N GLN A 25 4.48 -8.43 6.63
CA GLN A 25 4.89 -8.83 5.29
C GLN A 25 5.60 -7.67 4.59
N LEU A 26 6.71 -7.96 3.94
CA LEU A 26 7.43 -6.98 3.14
C LEU A 26 7.20 -7.27 1.66
N GLU A 27 6.31 -6.51 1.04
CA GLU A 27 5.91 -6.73 -0.34
C GLU A 27 5.57 -5.41 -1.02
N LYS A 28 6.46 -4.95 -1.89
CA LYS A 28 6.21 -3.75 -2.68
C LYS A 28 6.65 -3.97 -4.12
N LYS A 29 5.92 -3.38 -5.06
CA LYS A 29 6.19 -3.50 -6.48
C LYS A 29 5.96 -2.16 -7.16
N VAL A 30 7.04 -1.56 -7.67
CA VAL A 30 6.95 -0.28 -8.35
C VAL A 30 6.19 -0.43 -9.68
N LEU A 31 5.18 0.42 -9.88
CA LEU A 31 4.41 0.42 -11.11
C LEU A 31 5.02 1.40 -12.11
N THR A 32 5.40 2.57 -11.60
CA THR A 32 5.89 3.63 -12.44
C THR A 32 7.07 4.35 -11.77
N PRO A 33 8.30 4.19 -12.31
CA PRO A 33 9.47 4.89 -11.80
C PRO A 33 9.40 6.40 -12.05
N GLY A 34 9.78 7.19 -11.05
CA GLY A 34 9.73 8.63 -11.16
C GLY A 34 11.00 9.21 -11.74
N ASP A 35 11.40 10.39 -11.25
CA ASP A 35 12.62 11.05 -11.69
C ASP A 35 13.84 10.26 -11.26
N GLY A 36 13.76 9.70 -10.05
CA GLY A 36 14.84 8.86 -9.52
C GLY A 36 16.04 9.65 -9.03
N VAL A 37 16.29 10.80 -9.65
CA VAL A 37 17.42 11.65 -9.28
C VAL A 37 17.09 12.49 -8.05
N THR A 38 15.82 12.46 -7.65
CA THR A 38 15.34 13.23 -6.52
C THR A 38 15.52 12.44 -5.21
N LYS A 39 16.35 12.95 -4.31
CA LYS A 39 16.54 12.32 -3.00
C LYS A 39 15.58 12.94 -1.98
N PRO A 40 14.63 12.16 -1.46
CA PRO A 40 13.66 12.63 -0.47
C PRO A 40 14.32 12.90 0.89
N GLN A 41 14.45 14.18 1.23
CA GLN A 41 14.93 14.59 2.54
C GLN A 41 13.75 14.80 3.49
N ALA A 42 13.73 14.05 4.58
CA ALA A 42 12.64 14.12 5.55
C ALA A 42 12.64 15.47 6.28
N GLY A 43 11.47 15.87 6.76
CA GLY A 43 11.33 17.14 7.47
C GLY A 43 10.48 18.12 6.70
N LYS A 44 10.48 18.00 5.38
CA LYS A 44 9.72 18.91 4.52
C LYS A 44 8.28 18.45 4.36
N LYS A 45 7.42 19.38 3.98
CA LYS A 45 6.03 19.09 3.64
C LYS A 45 5.99 18.48 2.24
N VAL A 46 5.64 17.21 2.14
CA VAL A 46 5.64 16.51 0.86
C VAL A 46 4.21 16.27 0.35
N THR A 47 4.10 16.19 -0.97
CA THR A 47 2.82 15.97 -1.63
C THR A 47 2.74 14.54 -2.17
N VAL A 48 1.86 13.75 -1.55
CA VAL A 48 1.73 12.33 -1.82
C VAL A 48 0.33 11.98 -2.32
N HIS A 49 0.12 10.71 -2.64
CA HIS A 49 -1.18 10.20 -3.05
C HIS A 49 -1.21 8.70 -2.79
N TYR A 50 -2.37 8.20 -2.35
CA TYR A 50 -2.53 6.78 -2.04
C TYR A 50 -3.71 6.21 -2.80
N ASP A 51 -3.67 4.91 -3.07
CA ASP A 51 -4.80 4.20 -3.69
C ASP A 51 -5.01 2.86 -2.99
N GLY A 52 -6.11 2.75 -2.23
CA GLY A 52 -6.33 1.59 -1.38
C GLY A 52 -6.82 0.37 -2.14
N ARG A 53 -6.43 -0.82 -1.68
CA ARG A 53 -6.75 -2.06 -2.36
C ARG A 53 -6.59 -3.27 -1.43
N PHE A 54 -7.45 -4.26 -1.59
CA PHE A 54 -7.38 -5.49 -0.82
C PHE A 54 -6.38 -6.45 -1.46
N PRO A 55 -5.68 -7.28 -0.65
CA PRO A 55 -4.71 -8.26 -1.18
C PRO A 55 -5.38 -9.29 -2.08
N ASP A 56 -6.70 -9.39 -1.96
CA ASP A 56 -7.50 -10.31 -2.77
C ASP A 56 -7.56 -9.82 -4.21
N GLY A 57 -7.40 -8.50 -4.40
CA GLY A 57 -7.47 -7.91 -5.71
C GLY A 57 -8.46 -6.77 -5.77
N LYS A 58 -9.60 -6.96 -5.10
CA LYS A 58 -10.66 -5.95 -5.03
C LYS A 58 -10.14 -4.62 -4.48
N GLN A 59 -10.72 -3.51 -4.93
CA GLN A 59 -10.44 -2.19 -4.37
C GLN A 59 -11.76 -1.48 -4.06
N PHE A 60 -11.79 -0.76 -2.95
CA PHE A 60 -13.03 -0.14 -2.48
C PHE A 60 -13.35 1.16 -3.23
N ASP A 61 -12.32 1.95 -3.53
CA ASP A 61 -12.49 3.22 -4.23
C ASP A 61 -11.23 3.57 -5.01
N SER A 62 -11.40 3.99 -6.26
CA SER A 62 -10.28 4.37 -7.11
C SER A 62 -9.87 5.80 -6.78
N SER A 63 -8.93 5.93 -5.84
CA SER A 63 -8.50 7.22 -5.35
C SER A 63 -7.77 8.01 -6.44
N ARG A 64 -7.33 7.30 -7.47
CA ARG A 64 -6.69 7.93 -8.63
C ARG A 64 -7.71 8.65 -9.51
N SER A 65 -8.94 8.12 -9.55
CA SER A 65 -9.98 8.67 -10.42
C SER A 65 -10.33 10.10 -10.01
N ARG A 66 -10.52 10.32 -8.72
CA ARG A 66 -10.84 11.66 -8.20
C ARG A 66 -9.60 12.57 -8.19
N GLY A 67 -8.42 11.97 -8.38
CA GLY A 67 -7.18 12.72 -8.52
C GLY A 67 -6.94 13.71 -7.39
N LYS A 68 -7.31 13.33 -6.18
CA LYS A 68 -7.10 14.19 -5.01
C LYS A 68 -5.77 13.85 -4.34
N PRO A 69 -4.80 14.79 -4.38
CA PRO A 69 -3.49 14.63 -3.74
C PRO A 69 -3.55 14.95 -2.24
N PHE A 70 -2.69 14.30 -1.48
CA PHE A 70 -2.58 14.52 -0.04
C PHE A 70 -1.21 15.12 0.26
N GLN A 71 -1.07 15.76 1.42
CA GLN A 71 0.21 16.35 1.81
C GLN A 71 0.47 16.12 3.30
N PHE A 72 1.73 15.98 3.65
CA PHE A 72 2.12 15.84 5.06
C PHE A 72 3.62 16.00 5.21
N THR A 73 4.07 16.27 6.42
CA THR A 73 5.50 16.40 6.70
C THR A 73 6.17 15.02 6.72
N LEU A 74 7.03 14.76 5.75
CA LEU A 74 7.67 13.45 5.61
C LEU A 74 8.63 13.19 6.77
N GLY A 75 8.58 11.97 7.31
CA GLY A 75 9.47 11.59 8.39
C GLY A 75 9.04 12.20 9.71
N ALA A 76 7.73 12.21 9.94
CA ALA A 76 7.16 12.78 11.17
C ALA A 76 5.91 12.01 11.58
N GLY A 77 5.31 12.40 12.69
CA GLY A 77 4.11 11.73 13.18
C GLY A 77 2.85 12.25 12.49
N GLU A 78 2.91 12.38 11.17
CA GLU A 78 1.80 12.91 10.39
C GLU A 78 0.79 11.82 10.05
N VAL A 79 1.30 10.70 9.56
CA VAL A 79 0.48 9.57 9.18
C VAL A 79 1.07 8.29 9.76
N ILE A 80 0.40 7.16 9.53
CA ILE A 80 0.91 5.86 9.97
C ILE A 80 2.25 5.55 9.32
N LYS A 81 3.13 4.91 10.10
CA LYS A 81 4.50 4.65 9.69
C LYS A 81 4.57 3.84 8.40
N GLY A 82 3.57 2.99 8.18
CA GLY A 82 3.49 2.22 6.95
C GLY A 82 3.49 3.11 5.73
N TRP A 83 2.59 4.11 5.74
CA TRP A 83 2.47 5.04 4.63
C TRP A 83 3.68 5.95 4.55
N ASP A 84 4.07 6.52 5.70
CA ASP A 84 5.20 7.45 5.76
C ASP A 84 6.46 6.84 5.14
N GLN A 85 6.85 5.68 5.63
CA GLN A 85 8.06 5.00 5.17
C GLN A 85 7.84 4.44 3.76
N GLY A 86 6.63 3.91 3.52
CA GLY A 86 6.30 3.38 2.21
C GLY A 86 6.53 4.39 1.11
N VAL A 87 6.01 5.59 1.28
CA VAL A 87 6.20 6.65 0.30
C VAL A 87 7.62 7.24 0.40
N ALA A 88 8.19 7.24 1.60
CA ALA A 88 9.53 7.76 1.82
C ALA A 88 10.58 6.99 1.02
N THR A 89 10.36 5.68 0.86
CA THR A 89 11.34 4.83 0.18
C THR A 89 11.25 4.94 -1.35
N MET A 90 10.46 5.89 -1.86
CA MET A 90 10.33 6.09 -3.31
C MET A 90 10.84 7.48 -3.71
N THR A 91 10.71 7.83 -4.99
CA THR A 91 11.22 9.12 -5.49
C THR A 91 10.08 9.99 -6.05
N LEU A 92 10.44 11.19 -6.52
CA LEU A 92 9.46 12.15 -7.01
C LEU A 92 8.82 11.67 -8.32
N GLY A 93 7.49 11.79 -8.41
CA GLY A 93 6.77 11.40 -9.59
C GLY A 93 6.70 9.90 -9.76
N GLU A 94 6.84 9.18 -8.64
CA GLU A 94 6.94 7.72 -8.68
C GLU A 94 5.70 7.07 -8.03
N LYS A 95 5.34 5.89 -8.54
CA LYS A 95 4.20 5.12 -8.03
C LYS A 95 4.62 3.67 -7.76
N ALA A 96 4.39 3.22 -6.54
CA ALA A 96 4.70 1.85 -6.13
C ALA A 96 3.57 1.28 -5.28
N LEU A 97 3.28 0.00 -5.48
CA LEU A 97 2.26 -0.70 -4.70
C LEU A 97 2.92 -1.37 -3.49
N PHE A 98 2.44 -1.05 -2.29
CA PHE A 98 3.03 -1.62 -1.07
C PHE A 98 1.93 -2.19 -0.17
N THR A 99 2.17 -3.38 0.35
CA THR A 99 1.24 -4.02 1.27
C THR A 99 1.47 -3.51 2.68
N ILE A 100 0.51 -2.77 3.23
CA ILE A 100 0.63 -2.19 4.55
C ILE A 100 0.21 -3.20 5.62
N PRO A 101 1.19 -3.67 6.44
CA PRO A 101 0.93 -4.60 7.54
C PRO A 101 0.06 -3.98 8.62
N TYR A 102 -0.83 -4.78 9.20
CA TYR A 102 -1.80 -4.28 10.17
C TYR A 102 -1.13 -3.54 11.32
N GLN A 103 0.02 -4.06 11.77
CA GLN A 103 0.70 -3.52 12.95
C GLN A 103 1.32 -2.15 12.67
N LEU A 104 1.39 -1.77 11.40
CA LEU A 104 1.96 -0.49 11.00
C LEU A 104 0.85 0.46 10.54
N ALA A 105 -0.39 0.11 10.91
CA ALA A 105 -1.56 0.88 10.52
C ALA A 105 -2.70 0.69 11.51
N TYR A 106 -3.81 1.37 11.24
CA TYR A 106 -5.04 1.23 12.04
C TYR A 106 -5.54 -0.22 11.99
N GLY A 107 -5.18 -0.93 10.92
CA GLY A 107 -5.66 -2.28 10.70
C GLY A 107 -5.32 -3.23 11.85
N GLU A 108 -4.35 -2.86 12.67
CA GLU A 108 -3.96 -3.66 13.82
C GLU A 108 -5.18 -3.89 14.72
N ARG A 109 -5.90 -2.80 15.00
CA ARG A 109 -7.05 -2.84 15.89
C ARG A 109 -8.36 -2.70 15.10
N GLY A 110 -8.24 -2.27 13.85
CA GLY A 110 -9.40 -2.12 12.98
C GLY A 110 -10.41 -1.12 13.51
N TYR A 111 -11.58 -1.06 12.88
CA TYR A 111 -12.68 -0.20 13.33
C TYR A 111 -14.04 -0.84 13.00
N PRO A 112 -14.36 -1.06 11.70
CA PRO A 112 -15.63 -1.66 11.32
C PRO A 112 -15.53 -3.19 11.15
N PRO A 113 -16.63 -3.93 11.37
CA PRO A 113 -16.64 -5.39 11.24
C PRO A 113 -16.20 -5.84 9.84
N VAL A 114 -16.28 -4.92 8.88
CA VAL A 114 -15.83 -5.18 7.52
C VAL A 114 -14.30 -5.19 7.45
N ILE A 115 -13.67 -4.34 8.26
CA ILE A 115 -12.21 -4.28 8.37
C ILE A 115 -11.81 -4.55 9.82
N PRO A 116 -11.78 -5.84 10.21
CA PRO A 116 -11.55 -6.24 11.60
C PRO A 116 -10.09 -6.07 12.03
N PRO A 117 -9.81 -6.20 13.34
CA PRO A 117 -8.43 -6.18 13.85
C PRO A 117 -7.51 -7.13 13.09
N LYS A 118 -6.23 -6.76 13.00
CA LYS A 118 -5.21 -7.55 12.30
C LYS A 118 -5.40 -7.49 10.78
N ALA A 119 -6.16 -6.50 10.33
CA ALA A 119 -6.42 -6.32 8.89
C ALA A 119 -5.24 -5.68 8.19
N THR A 120 -4.49 -6.50 7.44
CA THR A 120 -3.43 -6.01 6.57
C THR A 120 -4.04 -5.57 5.23
N LEU A 121 -3.64 -4.41 4.73
CA LEU A 121 -4.31 -3.82 3.57
C LEU A 121 -3.28 -3.26 2.59
N VAL A 122 -3.57 -3.30 1.29
CA VAL A 122 -2.62 -2.88 0.27
C VAL A 122 -2.93 -1.45 -0.18
N PHE A 123 -1.89 -0.65 -0.33
CA PHE A 123 -2.03 0.72 -0.80
C PHE A 123 -0.97 1.05 -1.83
N GLU A 124 -1.40 1.59 -2.96
CA GLU A 124 -0.47 2.19 -3.91
C GLU A 124 -0.02 3.54 -3.37
N VAL A 125 1.28 3.66 -3.13
CA VAL A 125 1.86 4.91 -2.68
C VAL A 125 2.39 5.69 -3.89
N GLU A 126 2.13 6.98 -3.91
CA GLU A 126 2.45 7.81 -5.06
C GLU A 126 3.03 9.14 -4.59
N LEU A 127 4.29 9.38 -4.90
CA LEU A 127 4.95 10.62 -4.48
C LEU A 127 4.92 11.63 -5.63
N LEU A 128 4.14 12.71 -5.44
CA LEU A 128 3.99 13.72 -6.48
C LEU A 128 5.07 14.80 -6.36
N ALA A 129 5.36 15.20 -5.13
CA ALA A 129 6.38 16.22 -4.89
C ALA A 129 7.01 16.05 -3.51
N VAL A 130 8.31 16.37 -3.42
CA VAL A 130 9.04 16.28 -2.17
C VAL A 130 9.94 17.52 -1.99
N MET A 1 -15.95 -25.68 32.19
CA MET A 1 -15.87 -25.82 30.72
C MET A 1 -17.17 -26.38 30.15
N ALA A 2 -17.91 -27.12 30.98
CA ALA A 2 -19.14 -27.78 30.55
C ALA A 2 -20.24 -26.76 30.24
N HIS A 3 -20.24 -26.27 29.00
CA HIS A 3 -21.31 -25.40 28.51
C HIS A 3 -22.28 -26.23 27.69
N HIS A 4 -23.52 -26.36 28.16
CA HIS A 4 -24.54 -27.12 27.45
C HIS A 4 -24.80 -26.51 26.08
N HIS A 5 -24.13 -27.06 25.08
CA HIS A 5 -24.13 -26.50 23.73
C HIS A 5 -25.44 -26.80 23.00
N HIS A 6 -25.82 -25.88 22.13
CA HIS A 6 -26.93 -26.09 21.21
C HIS A 6 -26.61 -27.27 20.30
N HIS A 7 -27.42 -28.32 20.36
CA HIS A 7 -27.16 -29.53 19.58
C HIS A 7 -27.13 -29.20 18.09
N HIS A 8 -25.94 -29.26 17.50
CA HIS A 8 -25.74 -28.90 16.10
C HIS A 8 -24.43 -29.48 15.61
N MET A 9 -24.38 -29.84 14.33
CA MET A 9 -23.15 -30.34 13.73
C MET A 9 -22.07 -29.25 13.73
N GLY A 10 -21.28 -29.25 14.80
CA GLY A 10 -20.17 -28.31 14.91
C GLY A 10 -18.90 -28.83 14.26
N THR A 11 -17.79 -28.15 14.49
CA THR A 11 -16.52 -28.54 13.91
C THR A 11 -15.37 -27.79 14.57
N LEU A 12 -14.15 -28.16 14.19
CA LEU A 12 -12.95 -27.52 14.72
C LEU A 12 -12.55 -26.35 13.82
N GLU A 13 -11.96 -25.33 14.43
CA GLU A 13 -11.57 -24.12 13.72
C GLU A 13 -10.56 -24.40 12.61
N ALA A 14 -10.51 -23.53 11.61
CA ALA A 14 -9.58 -23.65 10.50
C ALA A 14 -9.14 -22.28 10.03
N GLN A 15 -7.89 -22.17 9.57
CA GLN A 15 -7.36 -20.91 9.06
C GLN A 15 -8.18 -20.41 7.87
N THR A 16 -9.05 -19.44 8.14
CA THR A 16 -9.95 -18.91 7.11
C THR A 16 -9.30 -17.73 6.37
N GLN A 17 -7.98 -17.60 6.49
CA GLN A 17 -7.24 -16.52 5.84
C GLN A 17 -6.22 -17.08 4.86
N GLY A 18 -5.96 -16.33 3.78
CA GLY A 18 -5.07 -16.80 2.72
C GLY A 18 -3.74 -16.05 2.68
N PRO A 19 -3.76 -14.71 2.44
CA PRO A 19 -2.53 -13.92 2.23
C PRO A 19 -1.67 -13.72 3.49
N GLY A 20 -1.80 -14.63 4.46
CA GLY A 20 -1.00 -14.57 5.66
C GLY A 20 -1.27 -13.34 6.51
N SER A 21 -2.51 -12.86 6.46
CA SER A 21 -2.93 -11.72 7.27
C SER A 21 -2.92 -12.09 8.76
N MET A 22 -1.71 -12.09 9.32
CA MET A 22 -1.46 -12.49 10.70
C MET A 22 0.03 -12.38 10.98
N SER A 23 0.83 -12.57 9.94
CA SER A 23 2.27 -12.45 10.02
C SER A 23 2.71 -11.08 9.48
N ALA A 24 4.00 -10.78 9.58
CA ALA A 24 4.53 -9.50 9.11
C ALA A 24 5.19 -9.67 7.73
N GLN A 25 4.45 -9.34 6.69
CA GLN A 25 4.98 -9.37 5.32
C GLN A 25 5.19 -7.96 4.80
N LEU A 26 6.25 -7.76 4.03
CA LEU A 26 6.57 -6.47 3.46
C LEU A 26 6.71 -6.60 1.94
N GLU A 27 5.89 -5.86 1.21
CA GLU A 27 5.94 -5.85 -0.25
C GLU A 27 6.02 -4.43 -0.79
N LYS A 28 7.19 -4.06 -1.30
CA LYS A 28 7.37 -2.77 -1.96
C LYS A 28 7.55 -3.00 -3.47
N LYS A 29 6.50 -2.77 -4.24
CA LYS A 29 6.51 -3.04 -5.67
C LYS A 29 6.27 -1.76 -6.47
N VAL A 30 7.30 -1.29 -7.15
CA VAL A 30 7.19 -0.09 -7.97
C VAL A 30 6.28 -0.36 -9.18
N LEU A 31 5.18 0.37 -9.28
CA LEU A 31 4.23 0.17 -10.36
C LEU A 31 4.53 1.14 -11.50
N THR A 32 5.05 2.30 -11.13
CA THR A 32 5.46 3.32 -12.10
C THR A 32 6.67 4.08 -11.56
N PRO A 33 7.86 3.89 -12.16
CA PRO A 33 9.11 4.50 -11.69
C PRO A 33 9.10 6.02 -11.79
N GLY A 34 9.76 6.68 -10.85
CA GLY A 34 9.87 8.12 -10.87
C GLY A 34 11.17 8.58 -11.49
N ASP A 35 11.59 9.80 -11.18
CA ASP A 35 12.84 10.34 -11.73
C ASP A 35 14.04 9.65 -11.10
N GLY A 36 14.10 9.72 -9.78
CA GLY A 36 15.22 9.17 -9.04
C GLY A 36 16.38 10.14 -8.96
N VAL A 37 16.52 10.97 -10.00
CA VAL A 37 17.55 12.00 -10.02
C VAL A 37 17.13 13.20 -9.16
N THR A 38 15.83 13.45 -9.11
CA THR A 38 15.27 14.47 -8.24
C THR A 38 15.37 14.00 -6.78
N LYS A 39 16.31 14.60 -6.05
CA LYS A 39 16.65 14.14 -4.70
C LYS A 39 15.81 14.88 -3.65
N PRO A 40 14.87 14.16 -3.00
CA PRO A 40 14.11 14.69 -1.87
C PRO A 40 14.72 14.26 -0.53
N GLN A 41 14.18 14.78 0.56
CA GLN A 41 14.68 14.45 1.89
C GLN A 41 13.58 14.60 2.95
N ALA A 42 13.79 13.99 4.10
CA ALA A 42 12.81 14.01 5.19
C ALA A 42 12.74 15.36 5.89
N GLY A 43 11.69 15.56 6.68
CA GLY A 43 11.52 16.81 7.39
C GLY A 43 10.87 17.88 6.53
N LYS A 44 10.42 17.49 5.35
CA LYS A 44 9.80 18.42 4.41
C LYS A 44 8.36 18.01 4.12
N LYS A 45 7.55 18.98 3.71
CA LYS A 45 6.15 18.74 3.38
C LYS A 45 6.06 18.18 1.96
N VAL A 46 5.63 16.92 1.84
CA VAL A 46 5.56 16.25 0.55
C VAL A 46 4.11 16.11 0.08
N THR A 47 3.92 16.20 -1.25
CA THR A 47 2.63 16.01 -1.88
C THR A 47 2.53 14.58 -2.45
N VAL A 48 1.70 13.77 -1.79
CA VAL A 48 1.51 12.37 -2.12
C VAL A 48 0.09 12.08 -2.61
N HIS A 49 -0.15 10.82 -2.95
CA HIS A 49 -1.43 10.35 -3.50
C HIS A 49 -1.57 8.87 -3.15
N TYR A 50 -2.76 8.45 -2.71
CA TYR A 50 -2.96 7.08 -2.24
C TYR A 50 -4.12 6.39 -2.96
N ASP A 51 -4.06 5.07 -3.07
CA ASP A 51 -5.20 4.25 -3.52
C ASP A 51 -5.29 2.97 -2.68
N GLY A 52 -6.41 2.81 -1.97
CA GLY A 52 -6.58 1.65 -1.09
C GLY A 52 -7.11 0.44 -1.82
N ARG A 53 -6.58 -0.74 -1.50
CA ARG A 53 -6.94 -1.96 -2.22
C ARG A 53 -6.66 -3.21 -1.38
N PHE A 54 -7.47 -4.24 -1.60
CA PHE A 54 -7.28 -5.54 -0.96
C PHE A 54 -6.32 -6.38 -1.81
N PRO A 55 -5.60 -7.35 -1.21
CA PRO A 55 -4.57 -8.14 -1.92
C PRO A 55 -5.15 -8.94 -3.10
N ASP A 56 -6.45 -9.16 -3.10
CA ASP A 56 -7.10 -9.99 -4.14
C ASP A 56 -7.53 -9.13 -5.33
N GLY A 57 -7.20 -7.84 -5.29
CA GLY A 57 -7.52 -6.94 -6.39
C GLY A 57 -8.75 -6.09 -6.10
N LYS A 58 -9.68 -6.66 -5.34
CA LYS A 58 -10.90 -5.97 -4.93
C LYS A 58 -10.53 -4.75 -4.10
N GLN A 59 -11.32 -3.68 -4.21
CA GLN A 59 -11.10 -2.50 -3.38
C GLN A 59 -12.41 -1.74 -3.18
N PHE A 60 -12.53 -1.11 -2.01
CA PHE A 60 -13.76 -0.42 -1.62
C PHE A 60 -14.07 0.73 -2.58
N ASP A 61 -13.02 1.43 -3.01
CA ASP A 61 -13.18 2.60 -3.87
C ASP A 61 -11.83 2.98 -4.47
N SER A 62 -11.86 3.68 -5.61
CA SER A 62 -10.65 4.13 -6.26
C SER A 62 -10.24 5.49 -5.69
N SER A 63 -9.48 5.45 -4.61
CA SER A 63 -9.04 6.66 -3.93
C SER A 63 -8.21 7.53 -4.86
N ARG A 64 -7.52 6.88 -5.80
CA ARG A 64 -6.68 7.59 -6.76
C ARG A 64 -7.53 8.35 -7.77
N SER A 65 -8.57 7.70 -8.28
CA SER A 65 -9.41 8.28 -9.34
C SER A 65 -10.30 9.39 -8.78
N ARG A 66 -10.27 9.58 -7.46
CA ARG A 66 -11.05 10.63 -6.82
C ARG A 66 -10.40 12.00 -7.03
N GLY A 67 -9.15 12.00 -7.51
CA GLY A 67 -8.45 13.24 -7.76
C GLY A 67 -8.12 13.98 -6.48
N LYS A 68 -7.89 13.23 -5.41
CA LYS A 68 -7.61 13.81 -4.09
C LYS A 68 -6.15 13.59 -3.70
N PRO A 69 -5.32 14.65 -3.78
CA PRO A 69 -3.93 14.60 -3.31
C PRO A 69 -3.88 14.82 -1.79
N PHE A 70 -2.73 14.54 -1.19
CA PHE A 70 -2.55 14.69 0.25
C PHE A 70 -1.14 15.18 0.55
N GLN A 71 -1.00 16.22 1.37
CA GLN A 71 0.30 16.76 1.73
C GLN A 71 0.60 16.50 3.20
N PHE A 72 1.80 16.00 3.49
CA PHE A 72 2.21 15.75 4.88
C PHE A 72 3.73 15.79 5.00
N THR A 73 4.22 15.97 6.22
CA THR A 73 5.65 16.04 6.48
C THR A 73 6.28 14.65 6.45
N LEU A 74 7.17 14.42 5.50
CA LEU A 74 7.86 13.14 5.35
C LEU A 74 8.72 12.83 6.58
N GLY A 75 8.54 11.64 7.16
CA GLY A 75 9.32 11.25 8.31
C GLY A 75 8.76 11.79 9.59
N ALA A 76 7.44 11.73 9.75
CA ALA A 76 6.76 12.27 10.92
C ALA A 76 5.47 11.50 11.21
N GLY A 77 4.84 11.83 12.34
CA GLY A 77 3.60 11.16 12.74
C GLY A 77 2.37 11.74 12.04
N GLU A 78 2.58 12.28 10.85
CA GLU A 78 1.52 12.87 10.05
C GLU A 78 0.52 11.79 9.62
N VAL A 79 1.04 10.65 9.20
CA VAL A 79 0.25 9.53 8.72
C VAL A 79 0.70 8.23 9.40
N ILE A 80 0.02 7.13 9.07
CA ILE A 80 0.42 5.83 9.57
C ILE A 80 1.82 5.47 9.06
N LYS A 81 2.62 4.81 9.91
CA LYS A 81 4.01 4.51 9.58
C LYS A 81 4.11 3.69 8.28
N GLY A 82 3.03 2.98 7.95
CA GLY A 82 2.98 2.26 6.69
C GLY A 82 3.11 3.18 5.49
N TRP A 83 2.31 4.25 5.47
CA TRP A 83 2.36 5.23 4.39
C TRP A 83 3.66 6.01 4.45
N ASP A 84 4.06 6.38 5.67
CA ASP A 84 5.29 7.14 5.89
C ASP A 84 6.49 6.41 5.26
N GLN A 85 6.61 5.12 5.56
CA GLN A 85 7.69 4.31 5.00
C GLN A 85 7.49 4.11 3.50
N GLY A 86 6.23 3.88 3.11
CA GLY A 86 5.91 3.68 1.71
C GLY A 86 6.43 4.78 0.81
N VAL A 87 6.18 6.02 1.21
CA VAL A 87 6.70 7.18 0.48
C VAL A 87 8.19 7.38 0.74
N ALA A 88 8.62 7.10 1.98
CA ALA A 88 10.01 7.32 2.36
C ALA A 88 10.98 6.46 1.54
N THR A 89 10.51 5.30 1.10
CA THR A 89 11.35 4.36 0.36
C THR A 89 11.41 4.69 -1.14
N MET A 90 10.42 5.44 -1.64
CA MET A 90 10.32 5.73 -3.08
C MET A 90 11.10 6.98 -3.45
N THR A 91 10.98 7.38 -4.71
CA THR A 91 11.62 8.60 -5.22
C THR A 91 10.55 9.58 -5.74
N LEU A 92 10.98 10.74 -6.21
CA LEU A 92 10.06 11.79 -6.66
C LEU A 92 9.39 11.40 -7.99
N GLY A 93 8.07 11.56 -8.03
CA GLY A 93 7.30 11.29 -9.24
C GLY A 93 7.11 9.80 -9.46
N GLU A 94 6.97 9.05 -8.38
CA GLU A 94 6.95 7.59 -8.45
C GLU A 94 5.70 7.02 -7.79
N LYS A 95 5.12 6.00 -8.44
CA LYS A 95 3.97 5.26 -7.91
C LYS A 95 4.41 3.87 -7.47
N ALA A 96 4.34 3.63 -6.17
CA ALA A 96 4.70 2.33 -5.61
C ALA A 96 3.48 1.65 -5.01
N LEU A 97 3.30 0.38 -5.33
CA LEU A 97 2.27 -0.44 -4.72
C LEU A 97 2.87 -1.11 -3.50
N PHE A 98 2.46 -0.67 -2.32
CA PHE A 98 3.04 -1.14 -1.08
C PHE A 98 2.00 -1.87 -0.24
N THR A 99 2.28 -3.12 0.10
CA THR A 99 1.40 -3.88 0.97
C THR A 99 1.67 -3.50 2.43
N ILE A 100 0.74 -2.74 3.01
CA ILE A 100 0.88 -2.21 4.36
C ILE A 100 0.59 -3.29 5.41
N PRO A 101 1.61 -3.69 6.19
CA PRO A 101 1.44 -4.63 7.30
C PRO A 101 0.55 -4.03 8.39
N TYR A 102 -0.30 -4.87 8.97
CA TYR A 102 -1.31 -4.40 9.93
C TYR A 102 -0.70 -3.67 11.13
N GLN A 103 0.56 -3.99 11.45
CA GLN A 103 1.22 -3.40 12.62
C GLN A 103 1.64 -1.95 12.36
N LEU A 104 1.60 -1.54 11.09
CA LEU A 104 2.00 -0.18 10.71
C LEU A 104 0.76 0.68 10.45
N ALA A 105 -0.38 0.21 10.94
CA ALA A 105 -1.66 0.88 10.74
C ALA A 105 -2.67 0.43 11.78
N TYR A 106 -3.92 0.89 11.64
CA TYR A 106 -5.01 0.50 12.52
C TYR A 106 -5.49 -0.92 12.18
N GLY A 107 -4.93 -1.47 11.11
CA GLY A 107 -5.35 -2.77 10.61
C GLY A 107 -5.15 -3.90 11.62
N GLU A 108 -4.26 -3.69 12.59
CA GLU A 108 -4.01 -4.70 13.62
C GLU A 108 -5.26 -4.95 14.44
N ARG A 109 -5.96 -3.87 14.79
CA ARG A 109 -7.14 -3.94 15.64
C ARG A 109 -8.40 -4.08 14.79
N GLY A 110 -8.45 -3.31 13.71
CA GLY A 110 -9.63 -3.28 12.87
C GLY A 110 -10.70 -2.34 13.42
N TYR A 111 -11.37 -1.62 12.54
CA TYR A 111 -12.44 -0.70 12.93
C TYR A 111 -13.65 -0.82 11.99
N PRO A 112 -13.47 -0.60 10.67
CA PRO A 112 -14.58 -0.74 9.70
C PRO A 112 -14.93 -2.22 9.48
N PRO A 113 -16.21 -2.53 9.21
CA PRO A 113 -16.67 -3.92 9.01
C PRO A 113 -15.96 -4.59 7.82
N VAL A 114 -15.40 -3.77 6.94
CA VAL A 114 -14.69 -4.27 5.76
C VAL A 114 -13.22 -4.58 6.09
N ILE A 115 -12.74 -4.02 7.20
CA ILE A 115 -11.35 -4.21 7.63
C ILE A 115 -11.30 -5.00 8.95
N PRO A 116 -10.99 -6.31 8.87
CA PRO A 116 -10.89 -7.17 10.06
C PRO A 116 -9.59 -6.93 10.85
N PRO A 117 -9.46 -7.52 12.05
CA PRO A 117 -8.23 -7.45 12.84
C PRO A 117 -7.05 -8.12 12.11
N LYS A 118 -5.86 -7.57 12.29
CA LYS A 118 -4.64 -8.06 11.64
C LYS A 118 -4.74 -8.00 10.10
N ALA A 119 -5.55 -7.08 9.61
CA ALA A 119 -5.76 -6.94 8.17
C ALA A 119 -4.59 -6.23 7.50
N THR A 120 -3.75 -7.01 6.83
CA THR A 120 -2.71 -6.46 5.97
C THR A 120 -3.36 -5.92 4.70
N LEU A 121 -3.16 -4.63 4.41
CA LEU A 121 -3.94 -3.95 3.38
C LEU A 121 -3.01 -3.32 2.34
N VAL A 122 -3.42 -3.31 1.06
CA VAL A 122 -2.56 -2.83 -0.01
C VAL A 122 -2.91 -1.40 -0.37
N PHE A 123 -1.90 -0.55 -0.50
CA PHE A 123 -2.08 0.85 -0.87
C PHE A 123 -1.12 1.24 -1.98
N GLU A 124 -1.64 1.80 -3.06
CA GLU A 124 -0.81 2.47 -4.04
C GLU A 124 -0.40 3.81 -3.44
N VAL A 125 0.87 3.89 -3.05
CA VAL A 125 1.44 5.12 -2.52
C VAL A 125 2.19 5.84 -3.65
N GLU A 126 1.91 7.11 -3.82
CA GLU A 126 2.39 7.86 -4.98
C GLU A 126 2.94 9.22 -4.56
N LEU A 127 4.21 9.47 -4.83
CA LEU A 127 4.83 10.76 -4.50
C LEU A 127 4.81 11.66 -5.73
N LEU A 128 4.00 12.71 -5.69
CA LEU A 128 3.89 13.64 -6.81
C LEU A 128 4.94 14.73 -6.71
N ALA A 129 5.03 15.37 -5.55
CA ALA A 129 5.93 16.52 -5.39
C ALA A 129 6.34 16.74 -3.94
N VAL A 130 7.10 17.80 -3.72
CA VAL A 130 7.53 18.21 -2.39
C VAL A 130 7.72 19.74 -2.35
N MET A 1 4.09 -9.14 -29.01
CA MET A 1 5.46 -9.29 -28.47
C MET A 1 5.72 -10.72 -28.02
N ALA A 2 6.97 -11.02 -27.68
CA ALA A 2 7.37 -12.35 -27.26
C ALA A 2 6.56 -12.82 -26.05
N HIS A 3 5.70 -13.80 -26.27
CA HIS A 3 4.91 -14.38 -25.20
C HIS A 3 5.81 -15.20 -24.29
N HIS A 4 5.84 -14.82 -23.01
CA HIS A 4 6.76 -15.45 -22.05
C HIS A 4 6.39 -16.90 -21.82
N HIS A 5 7.15 -17.78 -22.46
CA HIS A 5 6.98 -19.22 -22.34
C HIS A 5 7.88 -19.75 -21.21
N HIS A 6 7.25 -20.22 -20.15
CA HIS A 6 7.96 -20.66 -18.95
C HIS A 6 8.64 -22.01 -19.18
N HIS A 7 9.88 -22.11 -18.71
CA HIS A 7 10.62 -23.36 -18.76
C HIS A 7 10.15 -24.28 -17.64
N HIS A 8 9.80 -25.51 -17.99
CA HIS A 8 9.29 -26.48 -17.02
C HIS A 8 10.45 -27.13 -16.25
N MET A 9 11.46 -26.33 -15.90
CA MET A 9 12.60 -26.81 -15.14
C MET A 9 12.69 -26.07 -13.80
N GLY A 10 11.64 -25.31 -13.50
CA GLY A 10 11.60 -24.55 -12.26
C GLY A 10 10.92 -25.31 -11.14
N THR A 11 11.28 -24.99 -9.91
CA THR A 11 10.69 -25.60 -8.73
C THR A 11 9.50 -24.78 -8.23
N LEU A 12 8.30 -25.32 -8.41
CA LEU A 12 7.09 -24.64 -7.99
C LEU A 12 6.90 -24.78 -6.48
N GLU A 13 7.32 -23.76 -5.74
CA GLU A 13 7.10 -23.69 -4.30
C GLU A 13 6.06 -22.62 -4.00
N ALA A 14 4.83 -23.04 -3.70
CA ALA A 14 3.73 -22.12 -3.48
C ALA A 14 3.43 -21.96 -2.00
N GLN A 15 4.07 -21.00 -1.36
CA GLN A 15 3.83 -20.70 0.06
C GLN A 15 2.66 -19.72 0.17
N THR A 16 1.72 -19.84 -0.76
CA THR A 16 0.62 -18.90 -0.90
C THR A 16 -0.56 -19.28 0.00
N GLN A 17 -0.48 -18.88 1.27
CA GLN A 17 -1.60 -19.06 2.20
C GLN A 17 -2.72 -18.07 1.90
N GLY A 18 -2.47 -16.80 2.22
CA GLY A 18 -3.45 -15.76 1.98
C GLY A 18 -3.43 -14.70 3.05
N PRO A 19 -4.41 -13.78 3.06
CA PRO A 19 -4.50 -12.73 4.08
C PRO A 19 -4.67 -13.29 5.49
N GLY A 20 -3.76 -12.95 6.39
CA GLY A 20 -3.82 -13.42 7.76
C GLY A 20 -2.91 -12.63 8.68
N SER A 21 -2.89 -12.98 9.95
CA SER A 21 -2.05 -12.30 10.94
C SER A 21 -0.57 -12.65 10.74
N MET A 22 0.04 -12.03 9.73
CA MET A 22 1.47 -12.21 9.45
C MET A 22 2.21 -10.94 9.84
N SER A 23 2.98 -11.01 10.91
CA SER A 23 3.71 -9.85 11.43
C SER A 23 4.73 -9.34 10.42
N ALA A 24 5.43 -10.25 9.76
CA ALA A 24 6.48 -9.90 8.81
C ALA A 24 6.02 -10.12 7.37
N GLN A 25 5.56 -9.04 6.74
CA GLN A 25 5.22 -9.04 5.32
C GLN A 25 5.69 -7.72 4.70
N LEU A 26 6.33 -7.81 3.54
CA LEU A 26 6.83 -6.62 2.86
C LEU A 26 6.74 -6.79 1.34
N GLU A 27 5.87 -6.01 0.72
CA GLU A 27 5.79 -5.98 -0.74
C GLU A 27 5.81 -4.54 -1.22
N LYS A 28 6.93 -4.14 -1.84
CA LYS A 28 7.03 -2.85 -2.51
C LYS A 28 7.20 -3.08 -4.00
N LYS A 29 6.14 -2.87 -4.76
CA LYS A 29 6.12 -3.14 -6.19
C LYS A 29 6.11 -1.83 -6.97
N VAL A 30 7.22 -1.52 -7.64
CA VAL A 30 7.34 -0.26 -8.38
C VAL A 30 6.45 -0.29 -9.63
N LEU A 31 5.41 0.54 -9.62
CA LEU A 31 4.49 0.63 -10.75
C LEU A 31 5.13 1.50 -11.83
N THR A 32 5.74 2.59 -11.38
CA THR A 32 6.46 3.49 -12.26
C THR A 32 7.61 4.14 -11.47
N PRO A 33 8.87 3.94 -11.91
CA PRO A 33 10.05 4.49 -11.23
C PRO A 33 10.20 6.00 -11.46
N GLY A 34 10.55 6.72 -10.41
CA GLY A 34 10.68 8.17 -10.48
C GLY A 34 12.08 8.60 -10.87
N ASP A 35 12.35 9.90 -10.72
CA ASP A 35 13.64 10.47 -11.10
C ASP A 35 14.79 9.77 -10.39
N GLY A 36 14.63 9.54 -9.09
CA GLY A 36 15.69 8.96 -8.28
C GLY A 36 16.71 10.00 -7.86
N VAL A 37 16.90 11.02 -8.70
CA VAL A 37 17.77 12.14 -8.35
C VAL A 37 17.05 13.08 -7.38
N THR A 38 15.72 13.06 -7.43
CA THR A 38 14.89 13.83 -6.52
C THR A 38 14.42 12.94 -5.37
N LYS A 39 15.20 12.90 -4.31
CA LYS A 39 14.96 12.01 -3.18
C LYS A 39 14.19 12.74 -2.07
N PRO A 40 13.36 12.01 -1.29
CA PRO A 40 12.63 12.58 -0.16
C PRO A 40 13.52 12.70 1.08
N GLN A 41 13.18 13.63 1.97
CA GLN A 41 13.95 13.88 3.18
C GLN A 41 13.02 13.98 4.38
N ALA A 42 13.33 13.24 5.44
CA ALA A 42 12.51 13.24 6.65
C ALA A 42 12.55 14.61 7.33
N GLY A 43 11.38 15.21 7.51
CA GLY A 43 11.30 16.54 8.10
C GLY A 43 10.90 17.59 7.08
N LYS A 44 10.78 17.18 5.82
CA LYS A 44 10.37 18.07 4.75
C LYS A 44 8.97 17.71 4.26
N LYS A 45 8.39 18.63 3.50
CA LYS A 45 7.06 18.44 2.91
C LYS A 45 7.08 17.35 1.84
N VAL A 46 5.95 16.66 1.70
CA VAL A 46 5.73 15.74 0.60
C VAL A 46 4.28 15.87 0.09
N THR A 47 4.13 15.77 -1.22
CA THR A 47 2.82 15.82 -1.87
C THR A 47 2.54 14.47 -2.54
N VAL A 48 1.60 13.72 -1.96
CA VAL A 48 1.35 12.34 -2.35
C VAL A 48 -0.11 12.10 -2.74
N HIS A 49 -0.39 10.87 -3.14
CA HIS A 49 -1.73 10.41 -3.48
C HIS A 49 -1.82 8.91 -3.16
N TYR A 50 -3.01 8.45 -2.77
CA TYR A 50 -3.17 7.05 -2.34
C TYR A 50 -4.30 6.37 -3.12
N ASP A 51 -4.19 5.05 -3.24
CA ASP A 51 -5.27 4.21 -3.75
C ASP A 51 -5.38 2.96 -2.87
N GLY A 52 -6.45 2.89 -2.08
CA GLY A 52 -6.59 1.82 -1.09
C GLY A 52 -6.99 0.49 -1.69
N ARG A 53 -6.52 -0.61 -1.10
CA ARG A 53 -6.74 -1.94 -1.66
C ARG A 53 -6.54 -3.03 -0.60
N PHE A 54 -7.28 -4.13 -0.75
CA PHE A 54 -7.10 -5.29 0.13
C PHE A 54 -6.08 -6.26 -0.47
N PRO A 55 -5.36 -7.02 0.39
CA PRO A 55 -4.37 -8.01 -0.06
C PRO A 55 -5.02 -9.12 -0.89
N ASP A 56 -6.34 -9.18 -0.84
CA ASP A 56 -7.12 -10.14 -1.64
C ASP A 56 -6.97 -9.83 -3.12
N GLY A 57 -6.49 -8.62 -3.43
CA GLY A 57 -6.28 -8.21 -4.81
C GLY A 57 -7.46 -7.46 -5.39
N LYS A 58 -8.21 -6.78 -4.52
CA LYS A 58 -9.38 -6.02 -4.93
C LYS A 58 -9.65 -4.90 -3.92
N GLN A 59 -10.44 -3.90 -4.32
CA GLN A 59 -10.74 -2.77 -3.46
C GLN A 59 -12.19 -2.32 -3.66
N PHE A 60 -12.73 -1.65 -2.64
CA PHE A 60 -14.14 -1.24 -2.64
C PHE A 60 -14.31 0.15 -3.23
N ASP A 61 -13.23 0.91 -3.29
CA ASP A 61 -13.27 2.29 -3.80
C ASP A 61 -12.07 2.55 -4.69
N SER A 62 -12.26 3.36 -5.73
CA SER A 62 -11.18 3.72 -6.63
C SER A 62 -10.67 5.13 -6.31
N SER A 63 -9.75 5.21 -5.35
CA SER A 63 -9.21 6.47 -4.90
C SER A 63 -8.36 7.12 -6.01
N ARG A 64 -7.93 6.28 -6.95
CA ARG A 64 -7.21 6.74 -8.12
C ARG A 64 -8.10 7.65 -8.97
N SER A 65 -9.35 7.24 -9.17
CA SER A 65 -10.28 7.96 -10.04
C SER A 65 -10.72 9.28 -9.40
N ARG A 66 -10.48 9.41 -8.10
CA ARG A 66 -10.79 10.64 -7.38
C ARG A 66 -9.65 11.64 -7.56
N GLY A 67 -8.43 11.11 -7.76
CA GLY A 67 -7.27 11.93 -8.06
C GLY A 67 -7.04 13.07 -7.09
N LYS A 68 -7.44 12.89 -5.83
CA LYS A 68 -7.28 13.92 -4.81
C LYS A 68 -5.94 13.74 -4.07
N PRO A 69 -4.98 14.65 -4.29
CA PRO A 69 -3.65 14.59 -3.65
C PRO A 69 -3.69 15.03 -2.18
N PHE A 70 -2.62 14.78 -1.46
CA PHE A 70 -2.53 15.09 -0.03
C PHE A 70 -1.10 15.47 0.33
N GLN A 71 -0.94 16.58 1.04
CA GLN A 71 0.39 17.04 1.46
C GLN A 71 0.56 16.83 2.96
N PHE A 72 1.79 16.48 3.36
CA PHE A 72 2.13 16.37 4.78
C PHE A 72 3.64 16.37 4.96
N THR A 73 4.09 16.47 6.20
CA THR A 73 5.52 16.45 6.51
C THR A 73 6.00 15.01 6.70
N LEU A 74 6.94 14.60 5.83
CA LEU A 74 7.48 13.23 5.87
C LEU A 74 8.21 12.98 7.19
N GLY A 75 8.02 11.78 7.74
CA GLY A 75 8.68 11.40 8.98
C GLY A 75 7.79 11.66 10.19
N ALA A 76 6.84 12.57 10.04
CA ALA A 76 5.97 12.99 11.14
C ALA A 76 4.90 11.93 11.43
N GLY A 77 4.07 12.21 12.44
CA GLY A 77 3.01 11.29 12.84
C GLY A 77 1.69 11.61 12.14
N GLU A 78 1.79 12.26 10.98
CA GLU A 78 0.62 12.59 10.17
C GLU A 78 -0.09 11.31 9.73
N VAL A 79 0.68 10.34 9.26
CA VAL A 79 0.15 9.08 8.80
C VAL A 79 0.86 7.92 9.50
N ILE A 80 0.28 6.73 9.43
CA ILE A 80 0.91 5.54 9.98
C ILE A 80 2.24 5.29 9.28
N LYS A 81 3.24 4.86 10.05
CA LYS A 81 4.60 4.68 9.52
C LYS A 81 4.63 3.70 8.35
N GLY A 82 3.57 2.92 8.19
CA GLY A 82 3.43 2.11 6.99
C GLY A 82 3.44 2.97 5.74
N TRP A 83 2.52 3.94 5.69
CA TRP A 83 2.43 4.86 4.56
C TRP A 83 3.63 5.80 4.55
N ASP A 84 4.04 6.22 5.75
CA ASP A 84 5.17 7.11 5.93
C ASP A 84 6.43 6.54 5.28
N GLN A 85 6.71 5.28 5.55
CA GLN A 85 7.83 4.59 4.91
C GLN A 85 7.53 4.33 3.44
N GLY A 86 6.25 4.05 3.15
CA GLY A 86 5.81 3.86 1.78
C GLY A 86 6.22 5.01 0.87
N VAL A 87 5.96 6.24 1.32
CA VAL A 87 6.38 7.42 0.58
C VAL A 87 7.88 7.67 0.75
N ALA A 88 8.41 7.37 1.94
CA ALA A 88 9.83 7.59 2.22
C ALA A 88 10.72 6.67 1.36
N THR A 89 10.14 5.59 0.84
CA THR A 89 10.90 4.65 0.01
C THR A 89 10.74 4.94 -1.48
N MET A 90 10.16 6.09 -1.83
CA MET A 90 10.00 6.46 -3.25
C MET A 90 10.55 7.86 -3.53
N THR A 91 10.50 8.25 -4.81
CA THR A 91 11.04 9.53 -5.26
C THR A 91 10.01 10.28 -6.12
N LEU A 92 10.38 11.48 -6.58
CA LEU A 92 9.46 12.31 -7.35
C LEU A 92 9.12 11.65 -8.68
N GLY A 93 7.82 11.58 -8.98
CA GLY A 93 7.36 10.98 -10.22
C GLY A 93 7.35 9.47 -10.15
N GLU A 94 7.20 8.94 -8.95
CA GLU A 94 7.24 7.50 -8.71
C GLU A 94 5.96 7.03 -8.03
N LYS A 95 5.47 5.86 -8.43
CA LYS A 95 4.27 5.27 -7.86
C LYS A 95 4.48 3.77 -7.68
N ALA A 96 4.07 3.25 -6.53
CA ALA A 96 4.30 1.85 -6.19
C ALA A 96 3.15 1.26 -5.40
N LEU A 97 2.97 -0.04 -5.53
CA LEU A 97 2.00 -0.79 -4.75
C LEU A 97 2.69 -1.31 -3.50
N PHE A 98 2.28 -0.82 -2.32
CA PHE A 98 2.94 -1.19 -1.08
C PHE A 98 1.96 -1.92 -0.15
N THR A 99 2.31 -3.15 0.21
CA THR A 99 1.53 -3.92 1.17
C THR A 99 1.89 -3.49 2.60
N ILE A 100 0.93 -2.86 3.28
CA ILE A 100 1.14 -2.32 4.62
C ILE A 100 0.87 -3.38 5.69
N PRO A 101 1.91 -3.86 6.39
CA PRO A 101 1.76 -4.85 7.47
C PRO A 101 0.97 -4.29 8.65
N TYR A 102 0.09 -5.11 9.23
CA TYR A 102 -0.86 -4.64 10.25
C TYR A 102 -0.16 -3.97 11.42
N GLN A 103 1.09 -4.36 11.70
CA GLN A 103 1.84 -3.79 12.82
C GLN A 103 2.10 -2.30 12.57
N LEU A 104 2.34 -1.95 11.31
CA LEU A 104 2.64 -0.57 10.93
C LEU A 104 1.38 0.10 10.38
N ALA A 105 0.23 -0.49 10.68
CA ALA A 105 -1.04 -0.01 10.17
C ALA A 105 -2.09 0.00 11.26
N TYR A 106 -3.24 0.60 10.93
CA TYR A 106 -4.41 0.61 11.82
C TYR A 106 -5.10 -0.76 11.77
N GLY A 107 -4.68 -1.58 10.81
CA GLY A 107 -5.29 -2.89 10.62
C GLY A 107 -5.15 -3.80 11.83
N GLU A 108 -4.13 -3.54 12.66
CA GLU A 108 -3.93 -4.28 13.90
C GLU A 108 -5.15 -4.04 14.80
N ARG A 109 -5.43 -2.77 15.03
CA ARG A 109 -6.53 -2.35 15.90
C ARG A 109 -7.89 -2.77 15.30
N GLY A 110 -8.08 -2.46 14.02
CA GLY A 110 -9.36 -2.73 13.37
C GLY A 110 -10.51 -2.06 14.10
N TYR A 111 -10.64 -0.74 13.92
CA TYR A 111 -11.66 0.03 14.63
C TYR A 111 -13.08 -0.47 14.32
N PRO A 112 -13.47 -0.57 13.02
CA PRO A 112 -14.78 -1.07 12.62
C PRO A 112 -14.74 -2.57 12.25
N PRO A 113 -15.83 -3.32 12.49
CA PRO A 113 -15.92 -4.75 12.14
C PRO A 113 -15.66 -4.98 10.64
N VAL A 114 -15.84 -3.93 9.85
CA VAL A 114 -15.60 -3.98 8.41
C VAL A 114 -14.10 -4.18 8.13
N ILE A 115 -13.27 -3.67 9.03
CA ILE A 115 -11.82 -3.84 8.94
C ILE A 115 -11.35 -4.80 10.03
N PRO A 116 -11.14 -6.09 9.68
CA PRO A 116 -10.76 -7.12 10.64
C PRO A 116 -9.51 -6.75 11.45
N PRO A 117 -9.50 -7.08 12.76
CA PRO A 117 -8.32 -6.85 13.61
C PRO A 117 -7.13 -7.66 13.12
N LYS A 118 -5.94 -7.07 13.21
CA LYS A 118 -4.69 -7.69 12.77
C LYS A 118 -4.70 -7.93 11.25
N ALA A 119 -5.48 -7.13 10.52
CA ALA A 119 -5.58 -7.26 9.07
C ALA A 119 -4.48 -6.46 8.38
N THR A 120 -3.85 -7.08 7.39
CA THR A 120 -2.85 -6.42 6.57
C THR A 120 -3.53 -5.69 5.40
N LEU A 121 -3.05 -4.50 5.07
CA LEU A 121 -3.70 -3.66 4.05
C LEU A 121 -2.76 -3.46 2.85
N VAL A 122 -3.31 -2.98 1.74
CA VAL A 122 -2.51 -2.65 0.57
C VAL A 122 -2.87 -1.24 0.08
N PHE A 123 -1.87 -0.43 -0.18
CA PHE A 123 -2.08 0.93 -0.68
C PHE A 123 -1.13 1.23 -1.83
N GLU A 124 -1.69 1.64 -2.95
CA GLU A 124 -0.89 2.12 -4.06
C GLU A 124 -0.58 3.60 -3.81
N VAL A 125 0.68 3.88 -3.52
CA VAL A 125 1.12 5.21 -3.15
C VAL A 125 1.76 5.93 -4.34
N GLU A 126 1.48 7.22 -4.46
CA GLU A 126 1.91 8.03 -5.60
C GLU A 126 2.57 9.33 -5.10
N LEU A 127 3.79 9.58 -5.56
CA LEU A 127 4.52 10.79 -5.18
C LEU A 127 4.42 11.83 -6.29
N LEU A 128 3.64 12.89 -6.05
CA LEU A 128 3.47 13.96 -7.03
C LEU A 128 4.58 14.99 -6.89
N ALA A 129 4.92 15.34 -5.65
CA ALA A 129 5.97 16.32 -5.38
C ALA A 129 6.55 16.13 -3.99
N VAL A 130 7.65 16.82 -3.70
CA VAL A 130 8.27 16.74 -2.38
C VAL A 130 8.45 18.16 -1.83
N MET A 1 -11.34 -3.71 -30.81
CA MET A 1 -10.18 -4.54 -31.22
C MET A 1 -9.03 -4.35 -30.24
N ALA A 2 -8.82 -5.35 -29.39
CA ALA A 2 -7.77 -5.31 -28.38
C ALA A 2 -7.23 -6.72 -28.13
N HIS A 3 -6.15 -6.82 -27.36
CA HIS A 3 -5.54 -8.11 -27.05
C HIS A 3 -5.66 -8.44 -25.57
N HIS A 4 -6.03 -9.67 -25.26
CA HIS A 4 -6.19 -10.11 -23.88
C HIS A 4 -4.85 -10.59 -23.35
N HIS A 5 -3.98 -9.65 -23.01
CA HIS A 5 -2.62 -9.98 -22.59
C HIS A 5 -2.42 -9.71 -21.10
N HIS A 6 -3.51 -9.70 -20.34
CA HIS A 6 -3.43 -9.65 -18.87
C HIS A 6 -3.27 -11.07 -18.34
N HIS A 7 -3.76 -12.01 -19.13
CA HIS A 7 -3.43 -13.43 -19.02
C HIS A 7 -4.11 -14.13 -17.82
N HIS A 8 -5.00 -13.44 -17.13
CA HIS A 8 -5.81 -14.10 -16.10
C HIS A 8 -6.94 -14.87 -16.77
N MET A 9 -6.64 -16.13 -17.12
CA MET A 9 -7.57 -17.01 -17.83
C MET A 9 -8.90 -17.15 -17.07
N GLY A 10 -8.83 -17.69 -15.87
CA GLY A 10 -10.03 -17.89 -15.07
C GLY A 10 -9.71 -18.43 -13.69
N THR A 11 -8.84 -19.44 -13.65
CA THR A 11 -8.39 -20.02 -12.41
C THR A 11 -6.90 -20.33 -12.47
N LEU A 12 -6.19 -20.00 -11.40
CA LEU A 12 -4.76 -20.25 -11.30
C LEU A 12 -4.34 -20.11 -9.83
N GLU A 13 -4.76 -18.99 -9.24
CA GLU A 13 -4.48 -18.71 -7.84
C GLU A 13 -5.58 -19.34 -6.97
N ALA A 14 -5.85 -20.62 -7.23
CA ALA A 14 -6.95 -21.34 -6.58
C ALA A 14 -6.66 -21.58 -5.09
N GLN A 15 -5.40 -21.40 -4.70
CA GLN A 15 -5.02 -21.54 -3.31
C GLN A 15 -5.03 -20.16 -2.65
N THR A 16 -6.00 -19.95 -1.75
CA THR A 16 -6.16 -18.68 -1.06
C THR A 16 -4.86 -18.22 -0.40
N GLN A 17 -4.33 -17.09 -0.84
CA GLN A 17 -3.08 -16.55 -0.32
C GLN A 17 -3.25 -16.10 1.14
N GLY A 18 -4.49 -15.75 1.50
CA GLY A 18 -4.80 -15.39 2.88
C GLY A 18 -4.61 -13.92 3.16
N PRO A 19 -5.58 -13.07 2.79
CA PRO A 19 -5.52 -11.62 3.06
C PRO A 19 -5.37 -11.32 4.56
N GLY A 20 -5.93 -12.19 5.38
CA GLY A 20 -5.79 -12.05 6.83
C GLY A 20 -4.52 -12.69 7.34
N SER A 21 -3.39 -12.28 6.78
CA SER A 21 -2.09 -12.79 7.18
C SER A 21 -1.82 -12.48 8.66
N MET A 22 -1.90 -13.50 9.51
CA MET A 22 -1.69 -13.34 10.95
C MET A 22 -0.19 -13.21 11.29
N SER A 23 0.51 -12.37 10.54
CA SER A 23 1.91 -12.07 10.81
C SER A 23 2.24 -10.67 10.30
N ALA A 24 2.65 -10.59 9.02
CA ALA A 24 2.98 -9.34 8.37
C ALA A 24 3.54 -9.60 6.98
N GLN A 25 3.21 -8.72 6.03
CA GLN A 25 3.81 -8.73 4.70
C GLN A 25 4.28 -7.31 4.38
N LEU A 26 5.49 -7.18 3.85
CA LEU A 26 6.08 -5.87 3.60
C LEU A 26 6.78 -5.86 2.26
N GLU A 27 6.13 -5.27 1.26
CA GLU A 27 6.69 -5.17 -0.09
C GLU A 27 6.22 -3.89 -0.76
N LYS A 28 6.90 -3.54 -1.84
CA LYS A 28 6.51 -2.42 -2.68
C LYS A 28 6.83 -2.72 -4.13
N LYS A 29 5.81 -2.75 -4.97
CA LYS A 29 5.98 -3.06 -6.39
C LYS A 29 5.77 -1.80 -7.21
N VAL A 30 6.84 -1.29 -7.79
CA VAL A 30 6.78 -0.04 -8.53
C VAL A 30 6.07 -0.20 -9.87
N LEU A 31 5.01 0.58 -10.08
CA LEU A 31 4.29 0.59 -11.36
C LEU A 31 4.94 1.60 -12.29
N THR A 32 5.35 2.72 -11.71
CA THR A 32 5.96 3.81 -12.46
C THR A 32 7.20 4.34 -11.72
N PRO A 33 8.40 4.10 -12.27
CA PRO A 33 9.65 4.51 -11.61
C PRO A 33 9.81 6.03 -11.57
N GLY A 34 10.28 6.55 -10.44
CA GLY A 34 10.49 7.97 -10.29
C GLY A 34 11.84 8.41 -10.79
N ASP A 35 12.26 9.62 -10.42
CA ASP A 35 13.55 10.16 -10.85
C ASP A 35 14.70 9.33 -10.29
N GLY A 36 14.45 8.66 -9.17
CA GLY A 36 15.47 7.81 -8.55
C GLY A 36 16.52 8.59 -7.79
N VAL A 37 16.79 9.83 -8.23
CA VAL A 37 17.75 10.69 -7.56
C VAL A 37 17.07 11.60 -6.55
N THR A 38 15.77 11.83 -6.75
CA THR A 38 15.00 12.70 -5.86
C THR A 38 14.67 11.98 -4.55
N LYS A 39 15.57 12.09 -3.59
CA LYS A 39 15.45 11.40 -2.30
C LYS A 39 14.61 12.21 -1.32
N PRO A 40 13.42 11.71 -0.94
CA PRO A 40 12.55 12.34 0.05
C PRO A 40 12.98 11.96 1.48
N GLN A 41 13.43 12.96 2.23
CA GLN A 41 13.86 12.75 3.62
C GLN A 41 12.79 13.25 4.60
N ALA A 42 13.02 13.03 5.88
CA ALA A 42 12.14 13.55 6.92
C ALA A 42 12.24 15.07 7.00
N GLY A 43 11.20 15.70 7.53
CA GLY A 43 11.15 17.15 7.63
C GLY A 43 10.80 17.79 6.30
N LYS A 44 10.16 17.03 5.42
CA LYS A 44 9.80 17.52 4.09
C LYS A 44 8.28 17.55 3.93
N LYS A 45 7.77 18.63 3.34
CA LYS A 45 6.36 18.71 2.99
C LYS A 45 6.15 18.00 1.66
N VAL A 46 5.62 16.78 1.72
CA VAL A 46 5.50 15.95 0.53
C VAL A 46 4.06 15.86 0.07
N THR A 47 3.88 15.86 -1.25
CA THR A 47 2.59 15.68 -1.89
C THR A 47 2.51 14.28 -2.48
N VAL A 48 1.70 13.42 -1.86
CA VAL A 48 1.58 12.03 -2.28
C VAL A 48 0.19 11.75 -2.85
N HIS A 49 0.04 10.57 -3.41
CA HIS A 49 -1.23 10.10 -3.94
C HIS A 49 -1.45 8.67 -3.45
N TYR A 50 -2.64 8.39 -2.93
CA TYR A 50 -2.92 7.09 -2.31
C TYR A 50 -4.19 6.47 -2.89
N ASP A 51 -4.18 5.15 -3.00
CA ASP A 51 -5.36 4.39 -3.41
C ASP A 51 -5.51 3.13 -2.55
N GLY A 52 -6.63 3.01 -1.84
CA GLY A 52 -6.85 1.89 -0.94
C GLY A 52 -7.29 0.65 -1.69
N ARG A 53 -6.60 -0.47 -1.45
CA ARG A 53 -6.83 -1.69 -2.19
C ARG A 53 -6.59 -2.93 -1.32
N PHE A 54 -7.28 -4.02 -1.64
CA PHE A 54 -7.08 -5.27 -0.92
C PHE A 54 -6.00 -6.10 -1.61
N PRO A 55 -5.26 -6.93 -0.84
CA PRO A 55 -4.25 -7.83 -1.41
C PRO A 55 -4.85 -8.84 -2.39
N ASP A 56 -6.18 -8.93 -2.35
CA ASP A 56 -6.95 -9.74 -3.29
C ASP A 56 -6.76 -9.24 -4.73
N GLY A 57 -6.58 -7.92 -4.85
CA GLY A 57 -6.46 -7.30 -6.16
C GLY A 57 -7.50 -6.21 -6.36
N LYS A 58 -8.73 -6.51 -5.93
CA LYS A 58 -9.83 -5.56 -6.00
C LYS A 58 -9.74 -4.56 -4.85
N GLN A 59 -10.38 -3.40 -5.02
CA GLN A 59 -10.34 -2.34 -4.03
C GLN A 59 -11.76 -1.90 -3.64
N PHE A 60 -11.88 -1.16 -2.54
CA PHE A 60 -13.19 -0.77 -2.02
C PHE A 60 -13.68 0.53 -2.67
N ASP A 61 -12.77 1.27 -3.31
CA ASP A 61 -13.13 2.44 -4.11
C ASP A 61 -11.92 2.88 -4.92
N SER A 62 -12.16 3.53 -6.06
CA SER A 62 -11.08 4.00 -6.91
C SER A 62 -10.65 5.41 -6.52
N SER A 63 -9.59 5.50 -5.73
CA SER A 63 -9.02 6.78 -5.34
C SER A 63 -7.89 7.17 -6.30
N ARG A 64 -7.37 6.18 -7.03
CA ARG A 64 -6.31 6.38 -8.00
C ARG A 64 -6.80 7.20 -9.20
N SER A 65 -7.96 6.82 -9.74
CA SER A 65 -8.51 7.43 -10.95
C SER A 65 -8.96 8.88 -10.70
N ARG A 66 -9.35 9.17 -9.46
CA ARG A 66 -9.79 10.51 -9.07
C ARG A 66 -8.59 11.46 -8.95
N GLY A 67 -7.41 10.88 -8.74
CA GLY A 67 -6.19 11.66 -8.67
C GLY A 67 -6.24 12.78 -7.65
N LYS A 68 -6.69 12.46 -6.44
CA LYS A 68 -6.69 13.43 -5.35
C LYS A 68 -5.43 13.23 -4.50
N PRO A 69 -4.49 14.19 -4.53
CA PRO A 69 -3.25 14.12 -3.77
C PRO A 69 -3.39 14.68 -2.34
N PHE A 70 -2.58 14.17 -1.44
CA PHE A 70 -2.56 14.61 -0.04
C PHE A 70 -1.17 15.10 0.31
N GLN A 71 -1.10 16.22 1.02
CA GLN A 71 0.18 16.84 1.39
C GLN A 71 0.38 16.78 2.89
N PHE A 72 1.53 16.29 3.33
CA PHE A 72 1.85 16.21 4.75
C PHE A 72 3.34 16.35 4.98
N THR A 73 3.71 16.70 6.21
CA THR A 73 5.11 16.80 6.59
C THR A 73 5.65 15.42 6.96
N LEU A 74 6.44 14.85 6.06
CA LEU A 74 7.07 13.56 6.30
C LEU A 74 7.91 13.61 7.57
N GLY A 75 7.74 12.62 8.43
CA GLY A 75 8.42 12.61 9.72
C GLY A 75 7.53 13.09 10.85
N ALA A 76 6.54 13.91 10.50
CA ALA A 76 5.59 14.42 11.49
C ALA A 76 4.54 13.36 11.82
N GLY A 77 3.73 13.63 12.83
CA GLY A 77 2.73 12.67 13.27
C GLY A 77 1.48 12.65 12.42
N GLU A 78 1.65 12.86 11.11
CA GLU A 78 0.53 12.81 10.18
C GLU A 78 0.27 11.37 9.76
N VAL A 79 1.36 10.63 9.57
CA VAL A 79 1.30 9.22 9.19
C VAL A 79 2.20 8.42 10.12
N ILE A 80 1.94 7.12 10.23
CA ILE A 80 2.77 6.24 11.03
C ILE A 80 3.86 5.61 10.18
N LYS A 81 4.84 4.99 10.83
CA LYS A 81 6.04 4.46 10.16
C LYS A 81 5.69 3.54 8.98
N GLY A 82 4.46 3.03 8.93
CA GLY A 82 4.04 2.23 7.78
C GLY A 82 4.04 3.06 6.49
N TRP A 83 3.20 4.08 6.46
CA TRP A 83 3.11 4.95 5.29
C TRP A 83 4.37 5.82 5.18
N ASP A 84 4.98 6.09 6.32
CA ASP A 84 6.25 6.83 6.37
C ASP A 84 7.32 6.11 5.55
N GLN A 85 7.50 4.81 5.82
CA GLN A 85 8.43 3.99 5.04
C GLN A 85 7.93 3.86 3.61
N GLY A 86 6.60 3.76 3.46
CA GLY A 86 5.99 3.68 2.14
C GLY A 86 6.44 4.79 1.22
N VAL A 87 6.32 6.04 1.69
CA VAL A 87 6.75 7.19 0.91
C VAL A 87 8.28 7.32 0.91
N ALA A 88 8.92 6.89 2.00
CA ALA A 88 10.37 7.02 2.14
C ALA A 88 11.12 6.10 1.17
N THR A 89 10.50 4.98 0.78
CA THR A 89 11.15 4.00 -0.09
C THR A 89 11.03 4.39 -1.57
N MET A 90 10.29 5.46 -1.87
CA MET A 90 10.09 5.88 -3.26
C MET A 90 10.81 7.20 -3.54
N THR A 91 10.74 7.66 -4.79
CA THR A 91 11.30 8.95 -5.19
C THR A 91 10.23 9.78 -5.92
N LEU A 92 10.58 11.01 -6.30
CA LEU A 92 9.62 11.92 -6.94
C LEU A 92 9.14 11.34 -8.28
N GLY A 93 7.82 11.33 -8.47
CA GLY A 93 7.22 10.86 -9.71
C GLY A 93 7.08 9.36 -9.76
N GLU A 94 7.24 8.72 -8.60
CA GLU A 94 7.20 7.26 -8.52
C GLU A 94 5.86 6.78 -7.96
N LYS A 95 5.25 5.83 -8.69
CA LYS A 95 4.02 5.19 -8.25
C LYS A 95 4.32 3.73 -7.91
N ALA A 96 4.13 3.37 -6.65
CA ALA A 96 4.41 2.01 -6.17
C ALA A 96 3.24 1.44 -5.37
N LEU A 97 3.01 0.16 -5.55
CA LEU A 97 1.99 -0.56 -4.79
C LEU A 97 2.62 -1.13 -3.52
N PHE A 98 2.27 -0.57 -2.38
CA PHE A 98 2.89 -0.94 -1.12
C PHE A 98 1.95 -1.81 -0.28
N THR A 99 2.49 -2.89 0.28
CA THR A 99 1.73 -3.78 1.13
C THR A 99 1.90 -3.38 2.60
N ILE A 100 0.81 -2.91 3.22
CA ILE A 100 0.83 -2.45 4.60
C ILE A 100 0.21 -3.50 5.53
N PRO A 101 1.03 -4.11 6.42
CA PRO A 101 0.52 -5.06 7.43
C PRO A 101 -0.51 -4.42 8.34
N TYR A 102 -1.39 -5.24 8.91
CA TYR A 102 -2.44 -4.77 9.80
C TYR A 102 -1.86 -3.94 10.96
N GLN A 103 -0.65 -4.30 11.37
CA GLN A 103 0.02 -3.66 12.50
C GLN A 103 0.58 -2.28 12.14
N LEU A 104 0.57 -1.96 10.84
CA LEU A 104 1.10 -0.69 10.36
C LEU A 104 -0.01 0.17 9.76
N ALA A 105 -1.25 -0.14 10.10
CA ALA A 105 -2.41 0.61 9.61
C ALA A 105 -3.65 0.32 10.46
N TYR A 106 -4.79 0.82 10.02
CA TYR A 106 -6.07 0.61 10.71
C TYR A 106 -6.60 -0.80 10.47
N GLY A 107 -5.89 -1.57 9.63
CA GLY A 107 -6.31 -2.92 9.27
C GLY A 107 -6.40 -3.85 10.46
N GLU A 108 -5.66 -3.51 11.53
CA GLU A 108 -5.71 -4.29 12.76
C GLU A 108 -7.06 -4.13 13.45
N ARG A 109 -7.44 -2.88 13.73
CA ARG A 109 -8.65 -2.57 14.47
C ARG A 109 -9.89 -2.74 13.58
N GLY A 110 -9.86 -2.14 12.40
CA GLY A 110 -10.96 -2.27 11.45
C GLY A 110 -12.17 -1.44 11.85
N TYR A 111 -12.13 -0.15 11.57
CA TYR A 111 -13.25 0.76 11.88
C TYR A 111 -14.40 0.60 10.88
N PRO A 112 -14.15 0.66 9.55
CA PRO A 112 -15.19 0.51 8.55
C PRO A 112 -15.59 -0.96 8.36
N PRO A 113 -16.91 -1.26 8.43
CA PRO A 113 -17.40 -2.65 8.29
C PRO A 113 -17.08 -3.26 6.92
N VAL A 114 -16.64 -2.44 5.97
CA VAL A 114 -16.21 -2.93 4.66
C VAL A 114 -14.77 -3.46 4.73
N ILE A 115 -14.06 -3.08 5.78
CA ILE A 115 -12.68 -3.50 6.00
C ILE A 115 -12.62 -4.54 7.11
N PRO A 116 -12.09 -5.74 6.82
CA PRO A 116 -11.92 -6.80 7.81
C PRO A 116 -10.83 -6.47 8.84
N PRO A 117 -11.13 -6.60 10.15
CA PRO A 117 -10.14 -6.37 11.22
C PRO A 117 -9.03 -7.43 11.21
N LYS A 118 -7.83 -7.02 11.64
CA LYS A 118 -6.65 -7.89 11.68
C LYS A 118 -6.24 -8.32 10.28
N ALA A 119 -6.55 -7.49 9.28
CA ALA A 119 -6.26 -7.82 7.89
C ALA A 119 -5.18 -6.91 7.32
N THR A 120 -4.39 -7.44 6.39
CA THR A 120 -3.35 -6.67 5.72
C THR A 120 -3.95 -5.86 4.57
N LEU A 121 -3.61 -4.59 4.49
CA LEU A 121 -4.22 -3.68 3.52
C LEU A 121 -3.15 -3.15 2.56
N VAL A 122 -3.49 -3.05 1.28
CA VAL A 122 -2.57 -2.58 0.27
C VAL A 122 -2.94 -1.17 -0.18
N PHE A 123 -1.94 -0.32 -0.37
CA PHE A 123 -2.17 1.05 -0.80
C PHE A 123 -1.30 1.37 -2.01
N GLU A 124 -1.93 1.82 -3.09
CA GLU A 124 -1.18 2.38 -4.20
C GLU A 124 -0.71 3.76 -3.79
N VAL A 125 0.57 3.88 -3.51
CA VAL A 125 1.16 5.12 -3.03
C VAL A 125 2.08 5.71 -4.10
N GLU A 126 2.00 7.02 -4.28
CA GLU A 126 2.71 7.68 -5.35
C GLU A 126 3.22 9.05 -4.91
N LEU A 127 4.51 9.29 -5.08
CA LEU A 127 5.08 10.59 -4.75
C LEU A 127 4.77 11.56 -5.88
N LEU A 128 3.77 12.41 -5.67
CA LEU A 128 3.28 13.30 -6.71
C LEU A 128 4.27 14.44 -6.90
N ALA A 129 4.66 15.07 -5.79
CA ALA A 129 5.58 16.21 -5.83
C ALA A 129 6.18 16.47 -4.46
N VAL A 130 7.33 17.11 -4.44
CA VAL A 130 7.99 17.52 -3.21
C VAL A 130 8.93 18.71 -3.50
N MET A 1 3.15 -56.48 -24.68
CA MET A 1 1.72 -56.85 -24.82
C MET A 1 0.99 -56.63 -23.50
N ALA A 2 0.31 -55.50 -23.39
CA ALA A 2 -0.46 -55.15 -22.20
C ALA A 2 -1.66 -54.30 -22.59
N HIS A 3 -2.61 -54.17 -21.68
CA HIS A 3 -3.81 -53.39 -21.92
C HIS A 3 -3.57 -51.92 -21.57
N HIS A 4 -4.13 -51.04 -22.38
CA HIS A 4 -4.08 -49.60 -22.11
C HIS A 4 -5.52 -49.08 -22.01
N HIS A 5 -6.31 -49.77 -21.19
CA HIS A 5 -7.73 -49.45 -21.04
C HIS A 5 -7.90 -48.13 -20.27
N HIS A 6 -6.82 -47.68 -19.62
CA HIS A 6 -6.77 -46.36 -19.01
C HIS A 6 -5.86 -45.47 -19.86
N HIS A 7 -6.03 -44.16 -19.76
CA HIS A 7 -5.24 -43.23 -20.58
C HIS A 7 -4.76 -42.05 -19.73
N HIS A 8 -3.62 -41.48 -20.12
CA HIS A 8 -2.99 -40.41 -19.36
C HIS A 8 -3.40 -39.03 -19.89
N MET A 9 -3.59 -38.09 -18.97
CA MET A 9 -3.92 -36.71 -19.31
C MET A 9 -3.74 -35.82 -18.07
N GLY A 10 -2.88 -34.82 -18.17
CA GLY A 10 -2.56 -33.98 -17.03
C GLY A 10 -3.05 -32.56 -17.20
N THR A 11 -4.33 -32.34 -16.89
CA THR A 11 -4.92 -31.00 -16.94
C THR A 11 -4.76 -30.32 -15.58
N LEU A 12 -3.80 -29.39 -15.51
CA LEU A 12 -3.53 -28.66 -14.28
C LEU A 12 -4.50 -27.48 -14.14
N GLU A 13 -5.36 -27.55 -13.14
CA GLU A 13 -6.31 -26.46 -12.87
C GLU A 13 -5.62 -25.36 -12.06
N ALA A 14 -5.84 -24.11 -12.45
CA ALA A 14 -5.23 -22.97 -11.77
C ALA A 14 -6.30 -22.15 -11.04
N GLN A 15 -6.29 -22.24 -9.72
CA GLN A 15 -7.22 -21.46 -8.90
C GLN A 15 -6.71 -20.04 -8.70
N THR A 16 -7.57 -19.18 -8.17
CA THR A 16 -7.21 -17.80 -7.88
C THR A 16 -6.58 -17.68 -6.50
N GLN A 17 -5.70 -16.69 -6.34
CA GLN A 17 -5.05 -16.44 -5.05
C GLN A 17 -5.77 -15.32 -4.29
N GLY A 18 -5.36 -15.12 -3.04
CA GLY A 18 -5.99 -14.11 -2.20
C GLY A 18 -5.14 -13.75 -1.00
N PRO A 19 -5.75 -13.22 0.07
CA PRO A 19 -5.03 -12.81 1.28
C PRO A 19 -4.38 -14.00 2.00
N GLY A 20 -5.13 -15.10 2.11
CA GLY A 20 -4.65 -16.25 2.86
C GLY A 20 -4.54 -15.96 4.35
N SER A 21 -3.36 -15.51 4.77
CA SER A 21 -3.10 -15.19 6.17
C SER A 21 -3.28 -13.69 6.41
N MET A 22 -3.66 -13.33 7.64
CA MET A 22 -3.83 -11.93 8.02
C MET A 22 -2.50 -11.34 8.50
N SER A 23 -1.47 -12.19 8.55
CA SER A 23 -0.17 -11.79 9.04
C SER A 23 0.45 -10.69 8.16
N ALA A 24 1.55 -10.10 8.62
CA ALA A 24 2.17 -8.99 7.92
C ALA A 24 2.89 -9.47 6.66
N GLN A 25 2.20 -9.44 5.54
CA GLN A 25 2.79 -9.73 4.24
C GLN A 25 3.24 -8.41 3.61
N LEU A 26 4.44 -8.38 3.04
CA LEU A 26 5.00 -7.11 2.57
C LEU A 26 5.43 -7.19 1.09
N GLU A 27 4.60 -6.62 0.22
CA GLU A 27 4.97 -6.41 -1.17
C GLU A 27 5.15 -4.93 -1.44
N LYS A 28 6.38 -4.53 -1.72
CA LYS A 28 6.68 -3.17 -2.16
C LYS A 28 7.17 -3.22 -3.60
N LYS A 29 6.28 -2.89 -4.53
CA LYS A 29 6.55 -3.01 -5.96
C LYS A 29 6.32 -1.67 -6.65
N VAL A 30 7.38 -1.15 -7.26
CA VAL A 30 7.29 0.11 -7.98
C VAL A 30 6.43 -0.07 -9.23
N LEU A 31 5.28 0.59 -9.24
CA LEU A 31 4.32 0.46 -10.34
C LEU A 31 4.81 1.27 -11.53
N THR A 32 5.33 2.46 -11.25
CA THR A 32 5.88 3.34 -12.27
C THR A 32 7.06 4.12 -11.67
N PRO A 33 8.29 3.89 -12.17
CA PRO A 33 9.51 4.52 -11.62
C PRO A 33 9.52 6.04 -11.81
N GLY A 34 10.18 6.73 -10.88
CA GLY A 34 10.27 8.18 -10.93
C GLY A 34 11.64 8.65 -11.34
N ASP A 35 12.17 9.65 -10.65
CA ASP A 35 13.51 10.17 -10.92
C ASP A 35 14.58 9.20 -10.44
N GLY A 36 14.45 8.78 -9.19
CA GLY A 36 15.49 7.95 -8.58
C GLY A 36 16.58 8.80 -7.92
N VAL A 37 16.75 10.03 -8.41
CA VAL A 37 17.76 10.94 -7.87
C VAL A 37 17.13 11.94 -6.89
N THR A 38 15.83 12.18 -7.05
CA THR A 38 15.12 13.09 -6.17
C THR A 38 14.78 12.39 -4.85
N LYS A 39 15.66 12.56 -3.86
CA LYS A 39 15.54 11.86 -2.59
C LYS A 39 14.69 12.67 -1.61
N PRO A 40 13.67 12.03 -1.00
CA PRO A 40 12.81 12.70 -0.01
C PRO A 40 13.49 12.83 1.36
N GLN A 41 13.60 14.06 1.84
CA GLN A 41 14.21 14.34 3.14
C GLN A 41 13.16 14.32 4.24
N ALA A 42 13.59 13.92 5.44
CA ALA A 42 12.73 13.95 6.62
C ALA A 42 12.52 15.37 7.08
N GLY A 43 11.30 15.72 7.45
CA GLY A 43 10.98 17.08 7.87
C GLY A 43 10.44 17.92 6.72
N LYS A 44 10.42 17.33 5.53
CA LYS A 44 9.90 18.00 4.34
C LYS A 44 8.43 17.69 4.14
N LYS A 45 7.66 18.74 3.86
CA LYS A 45 6.26 18.58 3.48
C LYS A 45 6.19 18.00 2.07
N VAL A 46 5.79 16.74 1.97
CA VAL A 46 5.74 16.05 0.69
C VAL A 46 4.30 15.88 0.22
N THR A 47 4.11 15.91 -1.11
CA THR A 47 2.80 15.77 -1.71
C THR A 47 2.66 14.37 -2.32
N VAL A 48 1.84 13.54 -1.68
CA VAL A 48 1.70 12.14 -2.04
C VAL A 48 0.24 11.79 -2.30
N HIS A 49 0.00 10.55 -2.67
CA HIS A 49 -1.36 10.03 -2.78
C HIS A 49 -1.33 8.53 -2.50
N TYR A 50 -2.45 7.99 -2.04
CA TYR A 50 -2.56 6.55 -1.77
C TYR A 50 -3.86 6.00 -2.35
N ASP A 51 -3.89 4.70 -2.59
CA ASP A 51 -5.07 4.01 -3.11
C ASP A 51 -5.30 2.73 -2.32
N GLY A 52 -6.51 2.62 -1.74
CA GLY A 52 -6.83 1.53 -0.84
C GLY A 52 -7.24 0.26 -1.57
N ARG A 53 -6.28 -0.62 -1.81
CA ARG A 53 -6.52 -1.88 -2.50
C ARG A 53 -6.49 -3.06 -1.52
N PHE A 54 -7.44 -3.97 -1.69
CA PHE A 54 -7.53 -5.16 -0.85
C PHE A 54 -6.48 -6.19 -1.29
N PRO A 55 -6.04 -7.08 -0.38
CA PRO A 55 -5.07 -8.14 -0.72
C PRO A 55 -5.53 -8.99 -1.91
N ASP A 56 -6.84 -9.00 -2.13
CA ASP A 56 -7.47 -9.68 -3.27
C ASP A 56 -6.89 -9.20 -4.59
N GLY A 57 -6.35 -7.98 -4.58
CA GLY A 57 -5.82 -7.37 -5.79
C GLY A 57 -6.80 -6.39 -6.39
N LYS A 58 -7.97 -6.30 -5.76
CA LYS A 58 -9.05 -5.43 -6.23
C LYS A 58 -9.25 -4.26 -5.27
N GLN A 59 -9.82 -3.17 -5.76
CA GLN A 59 -10.17 -2.02 -4.91
C GLN A 59 -11.51 -1.43 -5.36
N PHE A 60 -12.11 -0.63 -4.49
CA PHE A 60 -13.43 -0.06 -4.75
C PHE A 60 -13.40 0.91 -5.94
N ASP A 61 -12.41 1.80 -5.96
CA ASP A 61 -12.28 2.81 -7.01
C ASP A 61 -10.94 3.52 -6.90
N SER A 62 -10.24 3.66 -8.03
CA SER A 62 -8.92 4.29 -8.03
C SER A 62 -9.04 5.78 -7.73
N SER A 63 -8.65 6.18 -6.52
CA SER A 63 -8.80 7.55 -6.09
C SER A 63 -7.74 8.45 -6.73
N ARG A 64 -6.59 7.86 -7.09
CA ARG A 64 -5.52 8.62 -7.73
C ARG A 64 -6.01 9.17 -9.07
N SER A 65 -6.92 8.43 -9.71
CA SER A 65 -7.48 8.81 -11.00
C SER A 65 -8.23 10.16 -10.91
N ARG A 66 -8.49 10.61 -9.68
CA ARG A 66 -9.19 11.88 -9.45
C ARG A 66 -8.24 13.07 -9.63
N GLY A 67 -6.94 12.80 -9.63
CA GLY A 67 -5.95 13.85 -9.78
C GLY A 67 -5.88 14.76 -8.57
N LYS A 68 -6.10 14.19 -7.39
CA LYS A 68 -6.09 14.96 -6.15
C LYS A 68 -5.23 14.24 -5.10
N PRO A 69 -4.09 14.85 -4.71
CA PRO A 69 -3.18 14.29 -3.72
C PRO A 69 -3.42 14.82 -2.29
N PHE A 70 -2.65 14.29 -1.35
CA PHE A 70 -2.66 14.73 0.03
C PHE A 70 -1.22 15.08 0.44
N GLN A 71 -1.06 16.13 1.25
CA GLN A 71 0.27 16.59 1.62
C GLN A 71 0.51 16.36 3.12
N PHE A 72 1.69 15.85 3.45
CA PHE A 72 2.06 15.63 4.85
C PHE A 72 3.57 15.74 5.00
N THR A 73 4.03 15.96 6.23
CA THR A 73 5.46 16.07 6.51
C THR A 73 6.07 14.69 6.74
N LEU A 74 6.99 14.29 5.86
CA LEU A 74 7.64 13.00 5.95
C LEU A 74 8.48 12.91 7.23
N GLY A 75 8.43 11.76 7.89
CA GLY A 75 9.18 11.58 9.12
C GLY A 75 8.46 12.16 10.31
N ALA A 76 7.13 12.13 10.26
CA ALA A 76 6.29 12.65 11.33
C ALA A 76 5.01 11.84 11.43
N GLY A 77 4.34 11.91 12.57
CA GLY A 77 3.14 11.13 12.81
C GLY A 77 1.91 11.67 12.10
N GLU A 78 2.11 12.34 10.97
CA GLU A 78 1.01 12.86 10.17
C GLU A 78 0.14 11.71 9.68
N VAL A 79 0.81 10.69 9.16
CA VAL A 79 0.17 9.48 8.65
C VAL A 79 0.80 8.25 9.28
N ILE A 80 0.29 7.08 8.93
CA ILE A 80 0.82 5.82 9.44
C ILE A 80 2.22 5.55 8.87
N LYS A 81 3.08 4.93 9.67
CA LYS A 81 4.45 4.61 9.25
C LYS A 81 4.46 3.76 7.98
N GLY A 82 3.34 3.10 7.69
CA GLY A 82 3.21 2.38 6.45
C GLY A 82 3.40 3.29 5.25
N TRP A 83 2.57 4.33 5.18
CA TRP A 83 2.63 5.30 4.09
C TRP A 83 3.90 6.11 4.17
N ASP A 84 4.30 6.45 5.39
CA ASP A 84 5.51 7.25 5.63
C ASP A 84 6.72 6.59 4.98
N GLN A 85 6.95 5.32 5.32
CA GLN A 85 8.09 4.58 4.78
C GLN A 85 7.86 4.25 3.31
N GLY A 86 6.60 4.00 2.95
CA GLY A 86 6.23 3.72 1.58
C GLY A 86 6.69 4.83 0.64
N VAL A 87 6.37 6.07 1.00
CA VAL A 87 6.80 7.22 0.20
C VAL A 87 8.28 7.53 0.42
N ALA A 88 8.77 7.25 1.63
CA ALA A 88 10.18 7.51 1.98
C ALA A 88 11.12 6.66 1.13
N THR A 89 10.68 5.46 0.76
CA THR A 89 11.52 4.54 0.00
C THR A 89 11.50 4.85 -1.50
N MET A 90 10.59 5.73 -1.93
CA MET A 90 10.46 6.07 -3.36
C MET A 90 11.08 7.45 -3.64
N THR A 91 10.88 7.94 -4.86
CA THR A 91 11.39 9.25 -5.28
C THR A 91 10.29 10.05 -6.00
N LEU A 92 10.62 11.28 -6.42
CA LEU A 92 9.66 12.15 -7.08
C LEU A 92 9.20 11.53 -8.41
N GLY A 93 7.90 11.65 -8.67
CA GLY A 93 7.32 11.17 -9.92
C GLY A 93 7.25 9.65 -9.97
N GLU A 94 7.20 9.04 -8.79
CA GLU A 94 7.26 7.59 -8.69
C GLU A 94 6.02 7.05 -7.98
N LYS A 95 5.45 5.98 -8.54
CA LYS A 95 4.25 5.33 -7.99
C LYS A 95 4.61 3.89 -7.61
N ALA A 96 4.28 3.51 -6.37
CA ALA A 96 4.60 2.18 -5.88
C ALA A 96 3.43 1.56 -5.13
N LEU A 97 3.23 0.27 -5.32
CA LEU A 97 2.23 -0.49 -4.59
C LEU A 97 2.88 -1.06 -3.32
N PHE A 98 2.41 -0.62 -2.17
CA PHE A 98 3.01 -1.00 -0.89
C PHE A 98 1.97 -1.70 -0.01
N THR A 99 2.28 -2.92 0.40
CA THR A 99 1.38 -3.68 1.28
C THR A 99 1.55 -3.20 2.72
N ILE A 100 0.55 -2.49 3.23
CA ILE A 100 0.60 -1.92 4.57
C ILE A 100 0.19 -2.97 5.61
N PRO A 101 1.15 -3.45 6.42
CA PRO A 101 0.88 -4.44 7.46
C PRO A 101 0.10 -3.85 8.63
N TYR A 102 -0.71 -4.69 9.27
CA TYR A 102 -1.57 -4.27 10.38
C TYR A 102 -0.78 -3.56 11.49
N GLN A 103 0.50 -3.91 11.62
CA GLN A 103 1.35 -3.38 12.69
C GLN A 103 1.83 -1.96 12.39
N LEU A 104 1.83 -1.58 11.11
CA LEU A 104 2.29 -0.25 10.69
C LEU A 104 1.09 0.62 10.30
N ALA A 105 -0.08 0.25 10.82
CA ALA A 105 -1.31 0.96 10.50
C ALA A 105 -2.39 0.68 11.55
N TYR A 106 -3.58 1.21 11.29
CA TYR A 106 -4.74 0.96 12.14
C TYR A 106 -5.34 -0.41 11.84
N GLY A 107 -4.78 -1.08 10.83
CA GLY A 107 -5.30 -2.36 10.37
C GLY A 107 -5.40 -3.41 11.45
N GLU A 108 -4.58 -3.26 12.49
CA GLU A 108 -4.62 -4.17 13.63
C GLU A 108 -5.95 -4.01 14.37
N ARG A 109 -6.32 -2.76 14.63
CA ARG A 109 -7.53 -2.44 15.38
C ARG A 109 -8.77 -2.56 14.48
N GLY A 110 -8.76 -1.83 13.38
CA GLY A 110 -9.93 -1.74 12.53
C GLY A 110 -10.96 -0.77 13.09
N TYR A 111 -11.90 -0.33 12.26
CA TYR A 111 -12.94 0.61 12.69
C TYR A 111 -14.28 0.28 12.00
N PRO A 112 -14.36 0.29 10.65
CA PRO A 112 -15.60 -0.04 9.95
C PRO A 112 -15.78 -1.55 9.80
N PRO A 113 -17.03 -2.06 9.96
CA PRO A 113 -17.32 -3.50 9.85
C PRO A 113 -16.95 -4.08 8.47
N VAL A 114 -16.55 -3.21 7.55
CA VAL A 114 -16.12 -3.63 6.22
C VAL A 114 -14.66 -4.12 6.25
N ILE A 115 -13.88 -3.56 7.18
CA ILE A 115 -12.46 -3.88 7.30
C ILE A 115 -12.21 -4.66 8.60
N PRO A 116 -11.89 -5.96 8.49
CA PRO A 116 -11.61 -6.81 9.66
C PRO A 116 -10.34 -6.36 10.40
N PRO A 117 -10.28 -6.58 11.72
CA PRO A 117 -9.08 -6.27 12.52
C PRO A 117 -7.90 -7.17 12.15
N LYS A 118 -6.69 -6.66 12.39
CA LYS A 118 -5.45 -7.38 12.05
C LYS A 118 -5.40 -7.67 10.55
N ALA A 119 -5.96 -6.76 9.77
CA ALA A 119 -6.00 -6.93 8.32
C ALA A 119 -4.89 -6.12 7.65
N THR A 120 -3.98 -6.83 6.98
CA THR A 120 -2.98 -6.20 6.15
C THR A 120 -3.63 -5.69 4.86
N LEU A 121 -3.47 -4.40 4.56
CA LEU A 121 -4.18 -3.77 3.45
C LEU A 121 -3.16 -3.23 2.46
N VAL A 122 -3.47 -3.29 1.16
CA VAL A 122 -2.51 -2.92 0.13
C VAL A 122 -2.77 -1.50 -0.34
N PHE A 123 -1.87 -0.58 -0.03
CA PHE A 123 -2.03 0.81 -0.42
C PHE A 123 -1.05 1.18 -1.51
N GLU A 124 -1.58 1.56 -2.66
CA GLU A 124 -0.78 2.12 -3.73
C GLU A 124 -0.40 3.54 -3.35
N VAL A 125 0.88 3.75 -3.04
CA VAL A 125 1.38 5.07 -2.68
C VAL A 125 1.99 5.74 -3.91
N GLU A 126 1.91 7.06 -3.96
CA GLU A 126 2.25 7.80 -5.18
C GLU A 126 2.85 9.17 -4.81
N LEU A 127 4.09 9.40 -5.22
CA LEU A 127 4.78 10.66 -4.93
C LEU A 127 4.51 11.67 -6.05
N LEU A 128 3.64 12.65 -5.79
CA LEU A 128 3.24 13.61 -6.82
C LEU A 128 4.23 14.78 -6.87
N ALA A 129 4.61 15.28 -5.71
CA ALA A 129 5.51 16.43 -5.62
C ALA A 129 6.18 16.47 -4.26
N VAL A 130 7.24 17.27 -4.15
CA VAL A 130 7.95 17.44 -2.89
C VAL A 130 8.43 18.89 -2.75
N MET A 1 -9.84 -23.34 -40.90
CA MET A 1 -10.17 -24.70 -40.41
C MET A 1 -9.23 -25.11 -39.29
N ALA A 2 -7.94 -25.18 -39.58
CA ALA A 2 -6.94 -25.61 -38.60
C ALA A 2 -6.55 -24.48 -37.68
N HIS A 3 -6.74 -24.68 -36.37
CA HIS A 3 -6.32 -23.71 -35.35
C HIS A 3 -6.31 -24.38 -33.97
N HIS A 4 -5.33 -24.03 -33.15
CA HIS A 4 -5.19 -24.65 -31.83
C HIS A 4 -6.10 -23.97 -30.81
N HIS A 5 -6.32 -24.65 -29.68
CA HIS A 5 -7.21 -24.13 -28.65
C HIS A 5 -6.67 -24.45 -27.25
N HIS A 6 -6.09 -23.44 -26.61
CA HIS A 6 -5.64 -23.52 -25.23
C HIS A 6 -5.84 -22.18 -24.54
N HIS A 7 -6.05 -22.22 -23.23
CA HIS A 7 -6.14 -21.00 -22.43
C HIS A 7 -4.85 -20.85 -21.62
N HIS A 8 -4.52 -21.89 -20.87
CA HIS A 8 -3.27 -21.94 -20.10
C HIS A 8 -2.52 -23.23 -20.41
N MET A 9 -1.22 -23.09 -20.61
CA MET A 9 -0.33 -24.24 -20.77
C MET A 9 0.64 -24.27 -19.59
N GLY A 10 1.14 -23.09 -19.22
CA GLY A 10 1.98 -22.95 -18.05
C GLY A 10 1.14 -22.86 -16.78
N THR A 11 0.72 -24.02 -16.28
CA THR A 11 -0.13 -24.10 -15.10
C THR A 11 0.66 -23.92 -13.80
N LEU A 12 1.86 -23.32 -13.90
CA LEU A 12 2.72 -23.14 -12.74
C LEU A 12 2.30 -21.90 -11.92
N GLU A 13 1.23 -21.24 -12.34
CA GLU A 13 0.68 -20.11 -11.62
C GLU A 13 -0.05 -20.58 -10.36
N ALA A 14 0.72 -20.76 -9.28
CA ALA A 14 0.18 -21.24 -8.02
C ALA A 14 0.90 -20.59 -6.84
N GLN A 15 0.31 -20.71 -5.65
CA GLN A 15 0.86 -20.10 -4.44
C GLN A 15 1.68 -21.12 -3.65
N THR A 16 2.51 -20.63 -2.73
CA THR A 16 3.20 -21.47 -1.77
C THR A 16 2.62 -21.23 -0.38
N GLN A 17 2.23 -19.98 -0.13
CA GLN A 17 1.52 -19.60 1.09
C GLN A 17 0.52 -18.49 0.76
N GLY A 18 -0.50 -18.33 1.60
CA GLY A 18 -1.55 -17.36 1.33
C GLY A 18 -1.35 -16.06 2.09
N PRO A 19 -2.18 -15.04 1.80
CA PRO A 19 -2.14 -13.75 2.52
C PRO A 19 -2.58 -13.89 3.98
N GLY A 20 -3.30 -14.97 4.27
CA GLY A 20 -3.76 -15.24 5.61
C GLY A 20 -2.67 -15.81 6.51
N SER A 21 -1.55 -15.11 6.58
CA SER A 21 -0.43 -15.50 7.41
C SER A 21 -0.02 -14.33 8.31
N MET A 22 -0.39 -14.41 9.58
CA MET A 22 -0.13 -13.33 10.54
C MET A 22 1.38 -13.13 10.73
N SER A 23 1.97 -12.39 9.81
CA SER A 23 3.38 -12.03 9.86
C SER A 23 3.58 -10.72 9.09
N ALA A 24 4.81 -10.24 9.03
CA ALA A 24 5.12 -9.02 8.28
C ALA A 24 5.18 -9.33 6.79
N GLN A 25 4.02 -9.30 6.13
CA GLN A 25 3.97 -9.51 4.69
C GLN A 25 4.04 -8.16 3.99
N LEU A 26 4.86 -8.08 2.94
CA LEU A 26 5.10 -6.81 2.25
C LEU A 26 5.31 -6.99 0.75
N GLU A 27 4.44 -6.37 -0.03
CA GLU A 27 4.70 -6.12 -1.44
C GLU A 27 5.12 -4.67 -1.63
N LYS A 28 6.24 -4.48 -2.32
CA LYS A 28 6.66 -3.17 -2.78
C LYS A 28 6.89 -3.25 -4.29
N LYS A 29 5.91 -2.77 -5.05
CA LYS A 29 5.88 -2.98 -6.49
C LYS A 29 5.91 -1.64 -7.21
N VAL A 30 7.00 -1.36 -7.93
CA VAL A 30 7.12 -0.12 -8.67
C VAL A 30 6.18 -0.12 -9.88
N LEU A 31 5.12 0.68 -9.80
CA LEU A 31 4.12 0.75 -10.87
C LEU A 31 4.61 1.71 -11.96
N THR A 32 5.13 2.84 -11.52
CA THR A 32 5.69 3.85 -12.42
C THR A 32 6.96 4.43 -11.80
N PRO A 33 8.14 4.13 -12.37
CA PRO A 33 9.42 4.68 -11.90
C PRO A 33 9.48 6.19 -12.06
N GLY A 34 9.93 6.88 -11.01
CA GLY A 34 9.96 8.34 -11.03
C GLY A 34 11.35 8.89 -11.28
N ASP A 35 11.61 10.08 -10.74
CA ASP A 35 12.90 10.76 -10.90
C ASP A 35 14.05 9.87 -10.43
N GLY A 36 13.97 9.39 -9.19
CA GLY A 36 15.02 8.56 -8.63
C GLY A 36 16.26 9.35 -8.23
N VAL A 37 16.30 10.63 -8.61
CA VAL A 37 17.43 11.49 -8.28
C VAL A 37 17.06 12.44 -7.14
N THR A 38 15.79 12.42 -6.74
CA THR A 38 15.28 13.27 -5.68
C THR A 38 15.55 12.63 -4.32
N LYS A 39 16.30 13.32 -3.46
CA LYS A 39 16.64 12.82 -2.14
C LYS A 39 16.27 13.84 -1.06
N PRO A 40 15.03 13.76 -0.53
CA PRO A 40 14.57 14.64 0.55
C PRO A 40 14.92 14.07 1.93
N GLN A 41 14.47 14.75 2.98
CA GLN A 41 14.72 14.32 4.36
C GLN A 41 13.54 14.68 5.25
N ALA A 42 13.60 14.24 6.51
CA ALA A 42 12.51 14.47 7.45
C ALA A 42 12.26 15.97 7.66
N GLY A 43 11.00 16.36 7.75
CA GLY A 43 10.64 17.76 7.94
C GLY A 43 10.18 18.42 6.67
N LYS A 44 10.20 17.65 5.56
CA LYS A 44 9.75 18.16 4.28
C LYS A 44 8.27 17.87 4.06
N LYS A 45 7.54 18.89 3.62
CA LYS A 45 6.13 18.72 3.27
C LYS A 45 6.04 18.21 1.83
N VAL A 46 5.66 16.94 1.68
CA VAL A 46 5.63 16.29 0.37
C VAL A 46 4.19 16.08 -0.12
N THR A 47 4.03 16.16 -1.44
CA THR A 47 2.74 15.98 -2.11
C THR A 47 2.62 14.57 -2.69
N VAL A 48 1.77 13.77 -2.05
CA VAL A 48 1.58 12.36 -2.39
C VAL A 48 0.12 12.08 -2.78
N HIS A 49 -0.13 10.84 -3.12
CA HIS A 49 -1.46 10.35 -3.50
C HIS A 49 -1.51 8.86 -3.17
N TYR A 50 -2.68 8.35 -2.78
CA TYR A 50 -2.80 6.96 -2.36
C TYR A 50 -3.91 6.23 -3.11
N ASP A 51 -3.81 4.90 -3.11
CA ASP A 51 -4.89 4.01 -3.56
C ASP A 51 -5.03 2.87 -2.57
N GLY A 52 -6.20 2.23 -2.52
CA GLY A 52 -6.44 1.16 -1.55
C GLY A 52 -6.73 -0.18 -2.22
N ARG A 53 -6.02 -1.22 -1.80
CA ARG A 53 -6.14 -2.54 -2.41
C ARG A 53 -6.13 -3.63 -1.33
N PHE A 54 -6.89 -4.69 -1.56
CA PHE A 54 -6.90 -5.86 -0.68
C PHE A 54 -5.75 -6.79 -1.06
N PRO A 55 -5.28 -7.64 -0.13
CA PRO A 55 -4.19 -8.59 -0.39
C PRO A 55 -4.55 -9.59 -1.49
N ASP A 56 -5.84 -9.71 -1.77
CA ASP A 56 -6.34 -10.62 -2.81
C ASP A 56 -5.93 -10.13 -4.19
N GLY A 57 -5.66 -8.84 -4.30
CA GLY A 57 -5.36 -8.23 -5.58
C GLY A 57 -6.46 -7.29 -6.02
N LYS A 58 -7.66 -7.51 -5.47
CA LYS A 58 -8.82 -6.66 -5.72
C LYS A 58 -8.64 -5.32 -5.01
N GLN A 59 -9.05 -4.22 -5.64
CA GLN A 59 -9.06 -2.92 -4.99
C GLN A 59 -10.48 -2.37 -5.00
N PHE A 60 -10.93 -1.83 -3.86
CA PHE A 60 -12.31 -1.39 -3.71
C PHE A 60 -12.59 -0.14 -4.55
N ASP A 61 -11.57 0.68 -4.76
CA ASP A 61 -11.70 1.89 -5.54
C ASP A 61 -10.36 2.38 -6.04
N SER A 62 -10.29 2.74 -7.32
CA SER A 62 -9.11 3.38 -7.86
C SER A 62 -9.11 4.86 -7.48
N SER A 63 -8.56 5.16 -6.31
CA SER A 63 -8.55 6.52 -5.76
C SER A 63 -7.70 7.45 -6.63
N ARG A 64 -6.93 6.85 -7.55
CA ARG A 64 -6.16 7.58 -8.53
C ARG A 64 -7.11 8.36 -9.46
N SER A 65 -8.29 7.79 -9.68
CA SER A 65 -9.28 8.38 -10.58
C SER A 65 -9.93 9.61 -9.93
N ARG A 66 -9.82 9.71 -8.61
CA ARG A 66 -10.42 10.83 -7.88
C ARG A 66 -9.57 12.09 -8.08
N GLY A 67 -8.31 11.89 -8.46
CA GLY A 67 -7.44 13.01 -8.83
C GLY A 67 -7.31 14.06 -7.74
N LYS A 68 -7.05 13.61 -6.52
CA LYS A 68 -6.79 14.53 -5.41
C LYS A 68 -5.51 14.11 -4.68
N PRO A 69 -4.53 15.01 -4.55
CA PRO A 69 -3.31 14.76 -3.80
C PRO A 69 -3.47 15.00 -2.31
N PHE A 70 -2.44 14.69 -1.55
CA PHE A 70 -2.41 14.88 -0.11
C PHE A 70 -0.99 15.24 0.31
N GLN A 71 -0.84 16.32 1.07
CA GLN A 71 0.48 16.77 1.49
C GLN A 71 0.71 16.48 2.96
N PHE A 72 1.87 15.89 3.27
CA PHE A 72 2.21 15.58 4.67
C PHE A 72 3.71 15.75 4.89
N THR A 73 4.09 15.94 6.14
CA THR A 73 5.50 16.11 6.50
C THR A 73 6.17 14.75 6.67
N LEU A 74 7.25 14.52 5.93
CA LEU A 74 8.00 13.28 6.01
C LEU A 74 8.53 13.06 7.44
N GLY A 75 8.28 11.86 7.97
CA GLY A 75 8.67 11.54 9.33
C GLY A 75 7.84 12.28 10.36
N ALA A 76 6.54 12.41 10.10
CA ALA A 76 5.63 13.09 11.02
C ALA A 76 4.37 12.26 11.26
N GLY A 77 3.66 12.57 12.33
CA GLY A 77 2.49 11.80 12.73
C GLY A 77 1.24 12.15 11.94
N GLU A 78 1.41 12.79 10.79
CA GLU A 78 0.27 13.08 9.91
C GLU A 78 -0.12 11.82 9.14
N VAL A 79 0.81 10.88 9.08
CA VAL A 79 0.57 9.58 8.45
C VAL A 79 1.13 8.47 9.35
N ILE A 80 0.65 7.25 9.15
CA ILE A 80 1.16 6.09 9.87
C ILE A 80 2.57 5.76 9.40
N LYS A 81 3.38 5.18 10.29
CA LYS A 81 4.76 4.83 9.97
C LYS A 81 4.79 3.91 8.73
N GLY A 82 3.71 3.17 8.54
CA GLY A 82 3.57 2.34 7.35
C GLY A 82 3.69 3.16 6.07
N TRP A 83 2.91 4.24 5.99
CA TRP A 83 2.94 5.12 4.81
C TRP A 83 4.26 5.90 4.78
N ASP A 84 4.80 6.18 5.96
CA ASP A 84 6.12 6.81 6.07
C ASP A 84 7.17 5.96 5.35
N GLN A 85 7.12 4.65 5.57
CA GLN A 85 8.01 3.72 4.88
C GLN A 85 7.62 3.65 3.41
N GLY A 86 6.32 3.74 3.14
CA GLY A 86 5.82 3.74 1.77
C GLY A 86 6.44 4.85 0.95
N VAL A 87 6.48 6.07 1.49
CA VAL A 87 7.08 7.20 0.81
C VAL A 87 8.61 7.10 0.86
N ALA A 88 9.14 6.56 1.95
CA ALA A 88 10.59 6.41 2.12
C ALA A 88 11.17 5.43 1.11
N THR A 89 10.36 4.45 0.69
CA THR A 89 10.82 3.41 -0.25
C THR A 89 10.65 3.87 -1.70
N MET A 90 10.19 5.11 -1.90
CA MET A 90 9.92 5.62 -3.25
C MET A 90 10.59 6.98 -3.45
N THR A 91 10.48 7.51 -4.68
CA THR A 91 11.06 8.81 -5.01
C THR A 91 10.00 9.73 -5.66
N LEU A 92 10.39 10.95 -5.98
CA LEU A 92 9.47 11.94 -6.54
C LEU A 92 9.06 11.54 -7.96
N GLY A 93 7.77 11.73 -8.27
CA GLY A 93 7.26 11.41 -9.59
C GLY A 93 7.04 9.93 -9.78
N GLU A 94 7.09 9.19 -8.69
CA GLU A 94 7.03 7.73 -8.73
C GLU A 94 5.73 7.22 -8.12
N LYS A 95 5.30 6.04 -8.54
CA LYS A 95 4.12 5.38 -7.99
C LYS A 95 4.43 3.91 -7.72
N ALA A 96 4.17 3.47 -6.50
CA ALA A 96 4.46 2.10 -6.10
C ALA A 96 3.33 1.53 -5.26
N LEU A 97 3.10 0.23 -5.40
CA LEU A 97 2.12 -0.49 -4.62
C LEU A 97 2.79 -1.03 -3.37
N PHE A 98 2.43 -0.48 -2.20
CA PHE A 98 3.09 -0.83 -0.95
C PHE A 98 2.09 -1.47 0.01
N THR A 99 2.45 -2.63 0.57
CA THR A 99 1.58 -3.33 1.49
C THR A 99 1.74 -2.80 2.92
N ILE A 100 0.63 -2.50 3.57
CA ILE A 100 0.65 -2.03 4.96
C ILE A 100 0.15 -3.14 5.89
N PRO A 101 1.08 -3.81 6.60
CA PRO A 101 0.74 -4.87 7.55
C PRO A 101 -0.11 -4.33 8.71
N TYR A 102 -0.88 -5.22 9.33
CA TYR A 102 -1.72 -4.86 10.47
C TYR A 102 -0.89 -4.23 11.59
N GLN A 103 0.40 -4.52 11.61
CA GLN A 103 1.32 -3.98 12.63
C GLN A 103 1.65 -2.51 12.37
N LEU A 104 1.22 -1.97 11.24
CA LEU A 104 1.55 -0.59 10.87
C LEU A 104 0.29 0.22 10.54
N ALA A 105 -0.88 -0.29 10.91
CA ALA A 105 -2.14 0.38 10.59
C ALA A 105 -3.27 -0.12 11.47
N TYR A 106 -4.49 0.37 11.20
CA TYR A 106 -5.69 -0.01 11.94
C TYR A 106 -6.04 -1.49 11.71
N GLY A 107 -5.39 -2.11 10.72
CA GLY A 107 -5.69 -3.48 10.32
C GLY A 107 -5.73 -4.45 11.49
N GLU A 108 -4.89 -4.20 12.49
CA GLU A 108 -4.87 -5.02 13.70
C GLU A 108 -6.24 -5.03 14.37
N ARG A 109 -6.81 -3.84 14.55
CA ARG A 109 -8.07 -3.70 15.28
C ARG A 109 -9.27 -3.92 14.37
N GLY A 110 -9.24 -3.28 13.21
CA GLY A 110 -10.34 -3.38 12.26
C GLY A 110 -11.46 -2.41 12.60
N TYR A 111 -12.24 -2.01 11.59
CA TYR A 111 -13.38 -1.11 11.78
C TYR A 111 -14.53 -1.48 10.82
N PRO A 112 -14.29 -1.49 9.49
CA PRO A 112 -15.34 -1.85 8.51
C PRO A 112 -15.62 -3.35 8.53
N PRO A 113 -16.89 -3.77 8.37
CA PRO A 113 -17.27 -5.19 8.39
C PRO A 113 -16.46 -6.04 7.40
N VAL A 114 -15.99 -5.41 6.32
CA VAL A 114 -15.21 -6.10 5.29
C VAL A 114 -13.77 -6.33 5.73
N ILE A 115 -13.33 -5.59 6.74
CA ILE A 115 -11.97 -5.69 7.26
C ILE A 115 -11.98 -6.37 8.64
N PRO A 116 -11.59 -7.66 8.70
CA PRO A 116 -11.52 -8.39 9.96
C PRO A 116 -10.28 -8.00 10.78
N PRO A 117 -10.23 -8.34 12.07
CA PRO A 117 -9.06 -8.05 12.92
C PRO A 117 -7.77 -8.66 12.36
N LYS A 118 -6.66 -7.92 12.50
CA LYS A 118 -5.35 -8.36 12.05
C LYS A 118 -5.29 -8.48 10.52
N ALA A 119 -6.11 -7.69 9.84
CA ALA A 119 -6.16 -7.70 8.39
C ALA A 119 -5.13 -6.73 7.80
N THR A 120 -4.19 -7.29 7.06
CA THR A 120 -3.20 -6.49 6.34
C THR A 120 -3.86 -5.84 5.12
N LEU A 121 -3.55 -4.58 4.86
CA LEU A 121 -4.19 -3.85 3.76
C LEU A 121 -3.12 -3.20 2.89
N VAL A 122 -3.31 -3.23 1.57
CA VAL A 122 -2.32 -2.72 0.65
C VAL A 122 -2.69 -1.31 0.20
N PHE A 123 -1.72 -0.41 0.19
CA PHE A 123 -1.94 0.96 -0.26
C PHE A 123 -0.92 1.33 -1.34
N GLU A 124 -1.42 1.80 -2.47
CA GLU A 124 -0.57 2.31 -3.53
C GLU A 124 -0.13 3.72 -3.14
N VAL A 125 1.18 3.91 -2.99
CA VAL A 125 1.74 5.22 -2.67
C VAL A 125 2.20 5.89 -3.96
N GLU A 126 1.89 7.17 -4.09
CA GLU A 126 2.18 7.90 -5.32
C GLU A 126 2.78 9.26 -4.97
N LEU A 127 4.07 9.42 -5.19
CA LEU A 127 4.75 10.68 -4.90
C LEU A 127 4.63 11.60 -6.11
N LEU A 128 3.83 12.65 -5.99
CA LEU A 128 3.63 13.58 -7.11
C LEU A 128 4.75 14.60 -7.12
N ALA A 129 4.99 15.23 -5.97
CA ALA A 129 6.00 16.28 -5.87
C ALA A 129 6.25 16.64 -4.42
N VAL A 130 7.04 17.67 -4.21
CA VAL A 130 7.27 18.23 -2.90
C VAL A 130 6.85 19.71 -2.89
N MET A 1 -5.85 -34.56 -7.99
CA MET A 1 -5.95 -33.08 -7.84
C MET A 1 -5.01 -32.59 -6.75
N ALA A 2 -5.21 -31.34 -6.33
CA ALA A 2 -4.51 -30.75 -5.20
C ALA A 2 -3.05 -30.46 -5.50
N HIS A 3 -2.20 -31.48 -5.40
CA HIS A 3 -0.74 -31.33 -5.48
C HIS A 3 -0.23 -30.46 -4.33
N HIS A 4 -1.11 -30.18 -3.36
CA HIS A 4 -0.75 -29.36 -2.20
C HIS A 4 -0.28 -30.26 -1.07
N HIS A 5 0.83 -29.88 -0.45
CA HIS A 5 1.40 -30.64 0.66
C HIS A 5 1.28 -29.85 1.96
N HIS A 6 1.10 -30.55 3.07
CA HIS A 6 0.95 -29.91 4.38
C HIS A 6 2.31 -29.42 4.87
N HIS A 7 2.79 -28.34 4.26
CA HIS A 7 4.07 -27.77 4.64
C HIS A 7 3.84 -26.56 5.54
N HIS A 8 4.37 -26.62 6.75
CA HIS A 8 4.23 -25.56 7.74
C HIS A 8 5.60 -25.13 8.22
N MET A 9 5.74 -23.83 8.50
CA MET A 9 7.03 -23.27 8.87
C MET A 9 6.88 -22.34 10.08
N GLY A 10 7.57 -22.66 11.17
CA GLY A 10 7.62 -21.77 12.31
C GLY A 10 8.62 -20.65 12.10
N THR A 11 8.53 -20.01 10.94
CA THR A 11 9.47 -18.97 10.55
C THR A 11 9.30 -17.73 11.41
N LEU A 12 10.43 -17.13 11.80
CA LEU A 12 10.41 -15.87 12.55
C LEU A 12 11.08 -14.78 11.73
N GLU A 13 11.58 -15.15 10.56
CA GLU A 13 12.23 -14.23 9.65
C GLU A 13 11.19 -13.54 8.78
N ALA A 14 11.07 -12.22 8.94
CA ALA A 14 10.03 -11.44 8.27
C ALA A 14 10.28 -11.32 6.76
N GLN A 15 9.94 -12.37 6.03
CA GLN A 15 10.01 -12.37 4.57
C GLN A 15 9.29 -13.60 4.01
N THR A 16 8.20 -13.36 3.27
CA THR A 16 7.42 -14.45 2.69
C THR A 16 6.75 -13.96 1.40
N GLN A 17 6.46 -14.90 0.50
CA GLN A 17 5.75 -14.58 -0.74
C GLN A 17 4.27 -14.32 -0.44
N GLY A 18 3.97 -13.10 -0.02
CA GLY A 18 2.60 -12.73 0.31
C GLY A 18 2.41 -12.50 1.80
N PRO A 19 1.58 -11.51 2.19
CA PRO A 19 1.31 -11.22 3.59
C PRO A 19 0.52 -12.34 4.28
N GLY A 20 1.24 -13.33 4.81
CA GLY A 20 0.62 -14.44 5.49
C GLY A 20 0.74 -14.36 7.00
N SER A 21 0.71 -15.53 7.65
CA SER A 21 0.75 -15.62 9.12
C SER A 21 1.99 -14.92 9.70
N MET A 22 2.99 -14.69 8.85
CA MET A 22 4.25 -14.07 9.28
C MET A 22 4.07 -12.61 9.69
N SER A 23 2.84 -12.09 9.52
CA SER A 23 2.47 -10.73 9.93
C SER A 23 3.38 -9.65 9.30
N ALA A 24 4.60 -9.51 9.81
CA ALA A 24 5.54 -8.52 9.31
C ALA A 24 6.04 -8.90 7.92
N GLN A 25 5.59 -8.16 6.91
CA GLN A 25 5.99 -8.40 5.53
C GLN A 25 6.33 -7.08 4.84
N LEU A 26 7.03 -7.18 3.71
CA LEU A 26 7.41 -6.02 2.94
C LEU A 26 7.33 -6.33 1.44
N GLU A 27 6.25 -5.86 0.81
CA GLU A 27 6.11 -5.97 -0.63
C GLU A 27 5.88 -4.60 -1.25
N LYS A 28 6.94 -4.05 -1.84
CA LYS A 28 6.88 -2.78 -2.54
C LYS A 28 7.09 -3.03 -4.03
N LYS A 29 6.04 -2.85 -4.81
CA LYS A 29 6.10 -3.13 -6.25
C LYS A 29 6.07 -1.82 -7.02
N VAL A 30 7.19 -1.47 -7.65
CA VAL A 30 7.28 -0.22 -8.40
C VAL A 30 6.41 -0.29 -9.65
N LEU A 31 5.29 0.42 -9.62
CA LEU A 31 4.34 0.43 -10.73
C LEU A 31 4.72 1.51 -11.74
N THR A 32 5.35 2.56 -11.24
CA THR A 32 5.80 3.66 -12.07
C THR A 32 7.16 4.14 -11.59
N PRO A 33 8.22 3.92 -12.39
CA PRO A 33 9.57 4.40 -12.06
C PRO A 33 9.61 5.92 -11.91
N GLY A 34 10.13 6.39 -10.79
CA GLY A 34 10.16 7.81 -10.53
C GLY A 34 11.33 8.52 -11.17
N ASP A 35 11.47 9.79 -10.86
CA ASP A 35 12.57 10.61 -11.37
C ASP A 35 13.91 10.05 -10.90
N GLY A 36 13.98 9.65 -9.64
CA GLY A 36 15.11 8.91 -9.13
C GLY A 36 16.13 9.78 -8.38
N VAL A 37 16.27 11.05 -8.76
CA VAL A 37 17.24 11.92 -8.09
C VAL A 37 16.54 12.87 -7.12
N THR A 38 15.28 13.20 -7.43
CA THR A 38 14.45 13.98 -6.51
C THR A 38 13.98 13.11 -5.35
N LYS A 39 14.79 13.05 -4.31
CA LYS A 39 14.53 12.20 -3.16
C LYS A 39 13.77 12.95 -2.07
N PRO A 40 12.52 12.54 -1.78
CA PRO A 40 11.74 13.11 -0.67
C PRO A 40 12.31 12.69 0.68
N GLN A 41 12.94 13.62 1.36
CA GLN A 41 13.60 13.35 2.64
C GLN A 41 12.67 13.66 3.81
N ALA A 42 12.94 13.04 4.96
CA ALA A 42 12.14 13.26 6.16
C ALA A 42 12.28 14.70 6.66
N GLY A 43 11.29 15.15 7.42
CA GLY A 43 11.29 16.51 7.94
C GLY A 43 10.94 17.53 6.87
N LYS A 44 10.27 17.07 5.81
CA LYS A 44 9.91 17.92 4.69
C LYS A 44 8.42 17.71 4.33
N LYS A 45 7.74 18.81 3.96
CA LYS A 45 6.37 18.73 3.49
C LYS A 45 6.33 18.11 2.10
N VAL A 46 5.85 16.88 2.00
CA VAL A 46 5.79 16.17 0.73
C VAL A 46 4.36 16.08 0.23
N THR A 47 4.21 16.10 -1.09
CA THR A 47 2.91 15.98 -1.75
C THR A 47 2.77 14.58 -2.35
N VAL A 48 1.90 13.78 -1.73
CA VAL A 48 1.77 12.36 -2.04
C VAL A 48 0.36 12.01 -2.53
N HIS A 49 0.17 10.75 -2.87
CA HIS A 49 -1.12 10.21 -3.32
C HIS A 49 -1.22 8.74 -2.92
N TYR A 50 -2.37 8.33 -2.42
CA TYR A 50 -2.58 6.94 -1.97
C TYR A 50 -3.81 6.34 -2.64
N ASP A 51 -3.87 5.01 -2.66
CA ASP A 51 -5.08 4.28 -3.03
C ASP A 51 -5.23 3.03 -2.16
N GLY A 52 -6.44 2.78 -1.67
CA GLY A 52 -6.67 1.66 -0.76
C GLY A 52 -7.09 0.40 -1.49
N ARG A 53 -6.36 -0.69 -1.27
CA ARG A 53 -6.52 -1.91 -2.05
C ARG A 53 -6.39 -3.16 -1.15
N PHE A 54 -7.27 -4.12 -1.38
CA PHE A 54 -7.21 -5.41 -0.68
C PHE A 54 -6.35 -6.40 -1.47
N PRO A 55 -5.65 -7.32 -0.78
CA PRO A 55 -4.81 -8.33 -1.44
C PRO A 55 -5.59 -9.21 -2.41
N ASP A 56 -6.92 -9.21 -2.27
CA ASP A 56 -7.80 -9.99 -3.14
C ASP A 56 -7.77 -9.44 -4.57
N GLY A 57 -7.56 -8.13 -4.67
CA GLY A 57 -7.74 -7.43 -5.93
C GLY A 57 -8.90 -6.45 -5.82
N LYS A 58 -9.75 -6.72 -4.84
CA LYS A 58 -10.85 -5.83 -4.47
C LYS A 58 -10.29 -4.55 -3.83
N GLN A 59 -11.05 -3.46 -3.91
CA GLN A 59 -10.67 -2.21 -3.25
C GLN A 59 -11.91 -1.52 -2.69
N PHE A 60 -11.74 -0.75 -1.63
CA PHE A 60 -12.87 -0.12 -0.93
C PHE A 60 -13.05 1.33 -1.37
N ASP A 61 -12.15 1.81 -2.21
CA ASP A 61 -12.20 3.18 -2.73
C ASP A 61 -11.21 3.33 -3.87
N SER A 62 -11.56 4.12 -4.87
CA SER A 62 -10.65 4.41 -5.96
C SER A 62 -10.15 5.85 -5.88
N SER A 63 -9.10 6.04 -5.10
CA SER A 63 -8.49 7.37 -4.94
C SER A 63 -7.62 7.67 -6.16
N ARG A 64 -7.28 6.61 -6.90
CA ARG A 64 -6.58 6.73 -8.17
C ARG A 64 -7.47 7.44 -9.18
N SER A 65 -8.77 7.23 -9.04
CA SER A 65 -9.77 7.80 -9.95
C SER A 65 -9.95 9.29 -9.69
N ARG A 66 -9.63 9.73 -8.47
CA ARG A 66 -9.80 11.12 -8.08
C ARG A 66 -8.61 11.97 -8.52
N GLY A 67 -7.44 11.32 -8.61
CA GLY A 67 -6.21 12.03 -8.96
C GLY A 67 -5.89 13.15 -7.98
N LYS A 68 -6.39 13.01 -6.76
CA LYS A 68 -6.25 14.02 -5.73
C LYS A 68 -4.97 13.81 -4.91
N PRO A 69 -4.15 14.86 -4.76
CA PRO A 69 -2.94 14.81 -3.94
C PRO A 69 -3.21 15.16 -2.46
N PHE A 70 -2.33 14.69 -1.59
CA PHE A 70 -2.40 14.95 -0.16
C PHE A 70 -1.01 15.33 0.34
N GLN A 71 -0.91 16.43 1.08
CA GLN A 71 0.39 16.92 1.55
C GLN A 71 0.54 16.70 3.05
N PHE A 72 1.74 16.26 3.46
CA PHE A 72 2.04 16.09 4.88
C PHE A 72 3.55 16.14 5.09
N THR A 73 3.97 16.33 6.34
CA THR A 73 5.38 16.35 6.68
C THR A 73 5.90 14.93 6.85
N LEU A 74 6.76 14.50 5.93
CA LEU A 74 7.35 13.17 5.96
C LEU A 74 8.18 12.99 7.23
N GLY A 75 8.17 11.79 7.80
CA GLY A 75 8.89 11.54 9.04
C GLY A 75 8.12 12.05 10.24
N ALA A 76 6.82 11.82 10.25
CA ALA A 76 5.94 12.29 11.32
C ALA A 76 4.78 11.33 11.51
N GLY A 77 4.22 11.31 12.72
CA GLY A 77 3.12 10.43 13.04
C GLY A 77 1.78 10.97 12.55
N GLU A 78 1.84 12.00 11.72
CA GLU A 78 0.63 12.58 11.12
C GLU A 78 -0.07 11.56 10.24
N VAL A 79 0.68 10.58 9.76
CA VAL A 79 0.14 9.45 9.02
C VAL A 79 0.64 8.16 9.63
N ILE A 80 0.15 7.03 9.14
CA ILE A 80 0.63 5.73 9.60
C ILE A 80 2.02 5.46 9.01
N LYS A 81 2.90 4.87 9.81
CA LYS A 81 4.27 4.61 9.37
C LYS A 81 4.32 3.73 8.14
N GLY A 82 3.20 3.06 7.83
CA GLY A 82 3.09 2.33 6.58
C GLY A 82 3.21 3.27 5.40
N TRP A 83 2.38 4.32 5.40
CA TRP A 83 2.39 5.31 4.33
C TRP A 83 3.69 6.10 4.37
N ASP A 84 4.12 6.46 5.58
CA ASP A 84 5.36 7.21 5.79
C ASP A 84 6.53 6.53 5.08
N GLN A 85 6.74 5.25 5.40
CA GLN A 85 7.82 4.49 4.78
C GLN A 85 7.56 4.29 3.29
N GLY A 86 6.30 4.04 2.94
CA GLY A 86 5.92 3.83 1.55
C GLY A 86 6.39 4.95 0.64
N VAL A 87 6.02 6.19 1.00
CA VAL A 87 6.42 7.35 0.22
C VAL A 87 7.89 7.71 0.46
N ALA A 88 8.40 7.43 1.65
CA ALA A 88 9.78 7.74 2.00
C ALA A 88 10.76 6.90 1.19
N THR A 89 10.36 5.69 0.81
CA THR A 89 11.26 4.76 0.12
C THR A 89 11.20 4.95 -1.41
N MET A 90 10.50 5.98 -1.87
CA MET A 90 10.41 6.25 -3.31
C MET A 90 10.94 7.65 -3.65
N THR A 91 10.77 8.05 -4.91
CA THR A 91 11.20 9.37 -5.37
C THR A 91 10.03 10.12 -6.01
N LEU A 92 10.27 11.38 -6.39
CA LEU A 92 9.25 12.21 -7.00
C LEU A 92 8.80 11.61 -8.34
N GLY A 93 7.48 11.52 -8.52
CA GLY A 93 6.92 11.01 -9.76
C GLY A 93 6.85 9.49 -9.78
N GLU A 94 7.13 8.87 -8.64
CA GLU A 94 7.19 7.42 -8.53
C GLU A 94 5.93 6.87 -7.90
N LYS A 95 5.45 5.74 -8.40
CA LYS A 95 4.25 5.08 -7.88
C LYS A 95 4.54 3.60 -7.65
N ALA A 96 4.08 3.08 -6.52
CA ALA A 96 4.34 1.69 -6.15
C ALA A 96 3.19 1.12 -5.35
N LEU A 97 3.00 -0.19 -5.48
CA LEU A 97 2.02 -0.92 -4.70
C LEU A 97 2.70 -1.41 -3.43
N PHE A 98 2.34 -0.83 -2.30
CA PHE A 98 3.01 -1.12 -1.04
C PHE A 98 2.06 -1.86 -0.10
N THR A 99 2.42 -3.09 0.26
CA THR A 99 1.63 -3.87 1.20
C THR A 99 1.87 -3.39 2.63
N ILE A 100 0.85 -2.78 3.21
CA ILE A 100 0.95 -2.21 4.55
C ILE A 100 0.54 -3.25 5.60
N PRO A 101 1.50 -3.73 6.42
CA PRO A 101 1.20 -4.65 7.52
C PRO A 101 0.23 -4.01 8.52
N TYR A 102 -0.65 -4.82 9.09
CA TYR A 102 -1.69 -4.33 10.01
C TYR A 102 -1.07 -3.54 11.16
N GLN A 103 0.10 -3.98 11.59
CA GLN A 103 0.80 -3.36 12.73
C GLN A 103 1.20 -1.92 12.42
N LEU A 104 1.32 -1.61 11.13
CA LEU A 104 1.72 -0.27 10.68
C LEU A 104 0.51 0.53 10.19
N ALA A 105 -0.68 0.06 10.56
CA ALA A 105 -1.93 0.69 10.12
C ALA A 105 -3.02 0.51 11.17
N TYR A 106 -4.20 1.05 10.87
CA TYR A 106 -5.36 0.94 11.77
C TYR A 106 -5.96 -0.46 11.70
N GLY A 107 -5.51 -1.25 10.72
CA GLY A 107 -6.01 -2.61 10.54
C GLY A 107 -5.54 -3.54 11.64
N GLU A 108 -4.63 -3.06 12.48
CA GLU A 108 -4.12 -3.84 13.61
C GLU A 108 -5.27 -4.26 14.52
N ARG A 109 -6.04 -3.29 14.97
CA ARG A 109 -7.18 -3.56 15.84
C ARG A 109 -8.48 -3.48 15.07
N GLY A 110 -8.46 -2.72 13.97
CA GLY A 110 -9.65 -2.54 13.15
C GLY A 110 -10.65 -1.58 13.77
N TYR A 111 -11.79 -1.44 13.13
CA TYR A 111 -12.90 -0.63 13.66
C TYR A 111 -14.25 -1.19 13.16
N PRO A 112 -14.48 -1.25 11.82
CA PRO A 112 -15.73 -1.75 11.26
C PRO A 112 -15.65 -3.24 10.89
N PRO A 113 -16.80 -3.93 10.81
CA PRO A 113 -16.85 -5.37 10.48
C PRO A 113 -16.26 -5.67 9.10
N VAL A 114 -16.14 -4.63 8.28
CA VAL A 114 -15.54 -4.75 6.96
C VAL A 114 -14.02 -4.92 7.07
N ILE A 115 -13.45 -4.29 8.10
CA ILE A 115 -12.00 -4.35 8.32
C ILE A 115 -11.71 -5.20 9.55
N PRO A 116 -11.32 -6.48 9.34
CA PRO A 116 -11.04 -7.40 10.45
C PRO A 116 -9.81 -6.98 11.26
N PRO A 117 -9.76 -7.35 12.55
CA PRO A 117 -8.59 -7.09 13.39
C PRO A 117 -7.36 -7.84 12.86
N LYS A 118 -6.22 -7.16 12.86
CA LYS A 118 -4.97 -7.71 12.38
C LYS A 118 -5.05 -7.99 10.87
N ALA A 119 -5.75 -7.11 10.16
CA ALA A 119 -5.89 -7.21 8.72
C ALA A 119 -4.80 -6.41 8.00
N THR A 120 -3.95 -7.11 7.27
CA THR A 120 -2.95 -6.46 6.43
C THR A 120 -3.64 -5.86 5.20
N LEU A 121 -3.29 -4.62 4.87
CA LEU A 121 -3.99 -3.88 3.82
C LEU A 121 -2.98 -3.40 2.78
N VAL A 122 -3.37 -3.38 1.51
CA VAL A 122 -2.46 -2.94 0.46
C VAL A 122 -2.78 -1.51 0.06
N PHE A 123 -1.77 -0.65 0.05
CA PHE A 123 -1.95 0.73 -0.36
C PHE A 123 -1.02 1.07 -1.50
N GLU A 124 -1.60 1.46 -2.61
CA GLU A 124 -0.83 1.93 -3.76
C GLU A 124 -0.47 3.39 -3.53
N VAL A 125 0.82 3.62 -3.31
CA VAL A 125 1.33 4.94 -2.94
C VAL A 125 2.03 5.60 -4.14
N GLU A 126 2.01 6.92 -4.17
CA GLU A 126 2.60 7.67 -5.27
C GLU A 126 3.09 9.03 -4.77
N LEU A 127 4.34 9.36 -5.09
CA LEU A 127 4.93 10.65 -4.72
C LEU A 127 4.76 11.61 -5.90
N LEU A 128 4.03 12.71 -5.67
CA LEU A 128 3.76 13.69 -6.72
C LEU A 128 4.81 14.80 -6.72
N ALA A 129 5.04 15.39 -5.56
CA ALA A 129 5.96 16.53 -5.45
C ALA A 129 6.61 16.61 -4.08
N VAL A 130 7.63 17.45 -3.98
CA VAL A 130 8.37 17.66 -2.75
C VAL A 130 8.87 19.11 -2.71
N MET A 1 -36.72 -11.63 -24.05
CA MET A 1 -35.46 -10.90 -24.34
C MET A 1 -34.32 -11.49 -23.52
N ALA A 2 -33.09 -11.32 -24.00
CA ALA A 2 -31.92 -11.94 -23.36
C ALA A 2 -30.66 -11.13 -23.62
N HIS A 3 -29.61 -11.45 -22.87
CA HIS A 3 -28.30 -10.81 -23.03
C HIS A 3 -27.25 -11.59 -22.22
N HIS A 4 -26.29 -12.18 -22.91
CA HIS A 4 -25.31 -13.07 -22.28
C HIS A 4 -23.92 -12.86 -22.87
N HIS A 5 -23.01 -12.38 -22.04
CA HIS A 5 -21.61 -12.20 -22.42
C HIS A 5 -20.72 -12.60 -21.25
N HIS A 6 -19.63 -13.32 -21.53
CA HIS A 6 -18.70 -13.75 -20.49
C HIS A 6 -17.28 -13.36 -20.88
N HIS A 7 -16.70 -12.43 -20.13
CA HIS A 7 -15.35 -11.92 -20.44
C HIS A 7 -14.27 -12.80 -19.81
N HIS A 8 -13.84 -13.81 -20.55
CA HIS A 8 -12.74 -14.68 -20.10
C HIS A 8 -12.08 -15.37 -21.30
N MET A 9 -10.78 -15.14 -21.46
CA MET A 9 -10.01 -15.73 -22.55
C MET A 9 -8.57 -15.95 -22.12
N GLY A 10 -8.13 -17.21 -22.18
CA GLY A 10 -6.76 -17.56 -21.84
C GLY A 10 -6.55 -17.77 -20.35
N THR A 11 -5.37 -18.25 -20.01
CA THR A 11 -4.98 -18.46 -18.61
C THR A 11 -3.63 -17.78 -18.36
N LEU A 12 -3.28 -17.62 -17.09
CA LEU A 12 -2.02 -16.98 -16.69
C LEU A 12 -1.31 -17.81 -15.63
N GLU A 13 0.02 -17.68 -15.58
CA GLU A 13 0.81 -18.34 -14.55
C GLU A 13 0.73 -17.56 -13.24
N ALA A 14 -0.35 -17.80 -12.49
CA ALA A 14 -0.59 -17.11 -11.23
C ALA A 14 0.08 -17.86 -10.08
N GLN A 15 0.93 -17.17 -9.34
CA GLN A 15 1.66 -17.76 -8.22
C GLN A 15 2.21 -16.65 -7.32
N THR A 16 1.56 -16.43 -6.19
CA THR A 16 1.98 -15.41 -5.25
C THR A 16 1.61 -15.81 -3.83
N GLN A 17 2.60 -15.84 -2.93
CA GLN A 17 2.37 -16.12 -1.52
C GLN A 17 1.84 -14.86 -0.82
N GLY A 18 0.54 -14.63 -0.93
CA GLY A 18 -0.07 -13.46 -0.33
C GLY A 18 -0.68 -13.74 1.02
N PRO A 19 -1.56 -12.84 1.51
CA PRO A 19 -2.24 -13.00 2.80
C PRO A 19 -2.89 -14.38 2.95
N GLY A 20 -2.14 -15.29 3.57
CA GLY A 20 -2.63 -16.62 3.89
C GLY A 20 -1.91 -17.15 5.10
N SER A 21 -0.60 -17.02 5.06
CA SER A 21 0.25 -17.29 6.22
C SER A 21 0.41 -16.00 7.03
N MET A 22 -0.34 -15.88 8.12
CA MET A 22 -0.37 -14.64 8.90
C MET A 22 0.99 -14.35 9.56
N SER A 23 1.65 -13.30 9.06
CA SER A 23 2.92 -12.86 9.60
C SER A 23 3.25 -11.45 9.08
N ALA A 24 4.34 -10.88 9.57
CA ALA A 24 4.76 -9.54 9.17
C ALA A 24 5.47 -9.57 7.82
N GLN A 25 4.70 -9.72 6.75
CA GLN A 25 5.24 -9.70 5.40
C GLN A 25 5.16 -8.28 4.84
N LEU A 26 6.24 -7.85 4.20
CA LEU A 26 6.33 -6.48 3.69
C LEU A 26 6.73 -6.49 2.21
N GLU A 27 5.85 -5.97 1.36
CA GLU A 27 6.09 -5.94 -0.07
C GLU A 27 6.00 -4.52 -0.61
N LYS A 28 6.82 -4.23 -1.62
CA LYS A 28 6.76 -2.96 -2.34
C LYS A 28 7.00 -3.21 -3.83
N LYS A 29 5.95 -3.04 -4.63
CA LYS A 29 6.05 -3.23 -6.08
C LYS A 29 5.99 -1.90 -6.79
N VAL A 30 7.11 -1.47 -7.37
CA VAL A 30 7.16 -0.20 -8.10
C VAL A 30 6.41 -0.33 -9.43
N LEU A 31 5.29 0.38 -9.54
CA LEU A 31 4.45 0.31 -10.74
C LEU A 31 4.85 1.38 -11.73
N THR A 32 5.35 2.49 -11.21
CA THR A 32 5.84 3.59 -12.02
C THR A 32 7.09 4.18 -11.37
N PRO A 33 8.27 4.00 -11.99
CA PRO A 33 9.53 4.50 -11.43
C PRO A 33 9.63 6.02 -11.50
N GLY A 34 10.08 6.64 -10.40
CA GLY A 34 10.24 8.08 -10.37
C GLY A 34 11.52 8.52 -11.05
N ASP A 35 11.91 9.76 -10.80
CA ASP A 35 13.15 10.29 -11.39
C ASP A 35 14.39 9.65 -10.75
N GLY A 36 14.22 9.10 -9.55
CA GLY A 36 15.30 8.43 -8.86
C GLY A 36 16.33 9.37 -8.26
N VAL A 37 16.51 10.53 -8.88
CA VAL A 37 17.48 11.52 -8.42
C VAL A 37 16.84 12.50 -7.43
N THR A 38 15.56 12.78 -7.64
CA THR A 38 14.82 13.69 -6.78
C THR A 38 14.38 12.97 -5.50
N LYS A 39 15.03 13.34 -4.40
CA LYS A 39 14.86 12.67 -3.11
C LYS A 39 13.82 13.39 -2.24
N PRO A 40 12.80 12.66 -1.76
CA PRO A 40 11.86 13.17 -0.76
C PRO A 40 12.49 13.13 0.64
N GLN A 41 12.87 14.30 1.15
CA GLN A 41 13.56 14.41 2.43
C GLN A 41 12.57 14.51 3.59
N ALA A 42 12.94 13.92 4.73
CA ALA A 42 12.15 14.04 5.94
C ALA A 42 12.31 15.43 6.55
N GLY A 43 11.33 15.86 7.35
CA GLY A 43 11.35 17.19 7.91
C GLY A 43 11.02 18.25 6.86
N LYS A 44 10.44 17.79 5.76
CA LYS A 44 10.04 18.68 4.66
C LYS A 44 8.62 18.35 4.21
N LYS A 45 7.95 19.33 3.63
CA LYS A 45 6.61 19.13 3.07
C LYS A 45 6.70 18.33 1.79
N VAL A 46 5.93 17.24 1.71
CA VAL A 46 5.88 16.40 0.51
C VAL A 46 4.43 16.26 0.02
N THR A 47 4.29 16.09 -1.29
CA THR A 47 2.99 15.98 -1.97
C THR A 47 2.78 14.55 -2.51
N VAL A 48 1.85 13.83 -1.89
CA VAL A 48 1.64 12.41 -2.17
C VAL A 48 0.17 12.07 -2.48
N HIS A 49 -0.04 10.79 -2.78
CA HIS A 49 -1.37 10.20 -2.98
C HIS A 49 -1.39 8.81 -2.33
N TYR A 50 -2.57 8.37 -1.90
CA TYR A 50 -2.74 7.02 -1.35
C TYR A 50 -3.99 6.38 -1.93
N ASP A 51 -3.93 5.08 -2.19
CA ASP A 51 -5.10 4.34 -2.65
C ASP A 51 -5.19 3.00 -1.92
N GLY A 52 -6.41 2.55 -1.61
CA GLY A 52 -6.62 1.34 -0.85
C GLY A 52 -7.13 0.19 -1.70
N ARG A 53 -6.62 -1.02 -1.44
CA ARG A 53 -6.97 -2.17 -2.27
C ARG A 53 -6.75 -3.49 -1.51
N PHE A 54 -7.57 -4.48 -1.86
CA PHE A 54 -7.42 -5.83 -1.32
C PHE A 54 -6.38 -6.60 -2.15
N PRO A 55 -5.71 -7.59 -1.55
CA PRO A 55 -4.60 -8.33 -2.20
C PRO A 55 -4.98 -9.00 -3.52
N ASP A 56 -6.27 -9.21 -3.73
CA ASP A 56 -6.74 -9.91 -4.94
C ASP A 56 -6.97 -8.93 -6.09
N GLY A 57 -6.64 -7.65 -5.85
CA GLY A 57 -6.76 -6.64 -6.89
C GLY A 57 -8.16 -6.05 -6.96
N LYS A 58 -8.86 -6.09 -5.84
CA LYS A 58 -10.22 -5.58 -5.73
C LYS A 58 -10.25 -4.37 -4.80
N GLN A 59 -11.13 -3.42 -5.09
CA GLN A 59 -11.30 -2.25 -4.21
C GLN A 59 -12.64 -1.59 -4.48
N PHE A 60 -13.13 -0.84 -3.51
CA PHE A 60 -14.43 -0.17 -3.62
C PHE A 60 -14.36 0.96 -4.65
N ASP A 61 -13.27 1.72 -4.61
CA ASP A 61 -13.07 2.86 -5.50
C ASP A 61 -11.64 3.36 -5.39
N SER A 62 -11.08 3.84 -6.50
CA SER A 62 -9.74 4.40 -6.50
C SER A 62 -9.77 5.86 -6.03
N SER A 63 -9.15 6.11 -4.89
CA SER A 63 -9.22 7.43 -4.26
C SER A 63 -8.13 8.37 -4.80
N ARG A 64 -7.01 7.81 -5.24
CA ARG A 64 -5.92 8.62 -5.78
C ARG A 64 -6.32 9.24 -7.12
N SER A 65 -7.15 8.52 -7.88
CA SER A 65 -7.60 8.98 -9.19
C SER A 65 -8.61 10.13 -9.06
N ARG A 66 -8.96 10.48 -7.83
CA ARG A 66 -9.91 11.55 -7.57
C ARG A 66 -9.27 12.92 -7.76
N GLY A 67 -7.97 12.93 -8.06
CA GLY A 67 -7.26 14.16 -8.34
C GLY A 67 -7.04 15.03 -7.11
N LYS A 68 -7.35 14.48 -5.94
CA LYS A 68 -7.17 15.19 -4.68
C LYS A 68 -5.78 14.88 -4.11
N PRO A 69 -4.83 15.83 -4.16
CA PRO A 69 -3.47 15.64 -3.66
C PRO A 69 -3.39 15.83 -2.14
N PHE A 70 -2.60 14.99 -1.49
CA PHE A 70 -2.38 15.10 -0.05
C PHE A 70 -0.97 15.61 0.19
N GLN A 71 -0.78 16.45 1.20
CA GLN A 71 0.53 17.00 1.51
C GLN A 71 0.80 16.94 3.00
N PHE A 72 2.02 16.56 3.38
CA PHE A 72 2.39 16.47 4.80
C PHE A 72 3.89 16.53 4.96
N THR A 73 4.35 16.79 6.19
CA THR A 73 5.77 16.78 6.51
C THR A 73 6.25 15.33 6.65
N LEU A 74 7.08 14.89 5.71
CA LEU A 74 7.62 13.53 5.73
C LEU A 74 8.43 13.27 6.99
N GLY A 75 8.32 12.06 7.53
CA GLY A 75 9.05 11.71 8.74
C GLY A 75 8.38 12.25 9.99
N ALA A 76 7.06 12.36 9.93
CA ALA A 76 6.28 12.89 11.04
C ALA A 76 5.00 12.07 11.23
N GLY A 77 4.40 12.17 12.42
CA GLY A 77 3.20 11.41 12.73
C GLY A 77 1.94 12.02 12.13
N GLU A 78 2.04 12.44 10.87
CA GLU A 78 0.89 12.94 10.14
C GLU A 78 0.02 11.77 9.69
N VAL A 79 0.69 10.77 9.12
CA VAL A 79 0.04 9.53 8.70
C VAL A 79 0.70 8.35 9.41
N ILE A 80 0.17 7.15 9.20
CA ILE A 80 0.80 5.95 9.78
C ILE A 80 2.18 5.74 9.17
N LYS A 81 3.11 5.25 9.98
CA LYS A 81 4.50 5.08 9.57
C LYS A 81 4.57 4.14 8.36
N GLY A 82 3.53 3.32 8.19
CA GLY A 82 3.44 2.46 7.02
C GLY A 82 3.40 3.27 5.73
N TRP A 83 2.48 4.22 5.66
CA TRP A 83 2.36 5.10 4.51
C TRP A 83 3.58 6.00 4.39
N ASP A 84 4.03 6.51 5.54
CA ASP A 84 5.22 7.34 5.60
C ASP A 84 6.42 6.60 4.98
N GLN A 85 6.56 5.33 5.34
CA GLN A 85 7.62 4.48 4.83
C GLN A 85 7.45 4.29 3.33
N GLY A 86 6.21 4.01 2.91
CA GLY A 86 5.91 3.80 1.51
C GLY A 86 6.36 4.95 0.63
N VAL A 87 6.00 6.16 1.02
CA VAL A 87 6.36 7.36 0.25
C VAL A 87 7.83 7.73 0.44
N ALA A 88 8.39 7.42 1.61
CA ALA A 88 9.78 7.75 1.92
C ALA A 88 10.76 6.85 1.16
N THR A 89 10.33 5.62 0.88
CA THR A 89 11.20 4.63 0.24
C THR A 89 11.26 4.82 -1.27
N MET A 90 10.48 5.76 -1.79
CA MET A 90 10.45 6.04 -3.23
C MET A 90 11.03 7.42 -3.52
N THR A 91 10.99 7.80 -4.80
CA THR A 91 11.47 9.12 -5.23
C THR A 91 10.36 9.90 -5.91
N LEU A 92 10.65 11.15 -6.28
CA LEU A 92 9.64 12.04 -6.87
C LEU A 92 9.13 11.46 -8.20
N GLY A 93 7.81 11.35 -8.30
CA GLY A 93 7.17 10.89 -9.52
C GLY A 93 7.00 9.39 -9.56
N GLU A 94 7.25 8.73 -8.44
CA GLU A 94 7.15 7.28 -8.36
C GLU A 94 5.82 6.83 -7.76
N LYS A 95 5.29 5.73 -8.27
CA LYS A 95 4.05 5.15 -7.77
C LYS A 95 4.25 3.66 -7.55
N ALA A 96 4.07 3.23 -6.31
CA ALA A 96 4.31 1.84 -5.93
C ALA A 96 3.11 1.23 -5.23
N LEU A 97 2.91 -0.05 -5.43
CA LEU A 97 1.90 -0.82 -4.74
C LEU A 97 2.53 -1.39 -3.48
N PHE A 98 2.20 -0.78 -2.34
CA PHE A 98 2.83 -1.12 -1.08
C PHE A 98 1.88 -1.99 -0.24
N THR A 99 2.33 -3.20 0.05
CA THR A 99 1.52 -4.14 0.80
C THR A 99 1.76 -3.97 2.31
N ILE A 100 0.78 -3.38 2.98
CA ILE A 100 0.89 -3.08 4.40
C ILE A 100 0.46 -4.27 5.26
N PRO A 101 1.42 -4.88 6.01
CA PRO A 101 1.11 -5.91 6.99
C PRO A 101 0.29 -5.32 8.14
N TYR A 102 -0.55 -6.15 8.73
CA TYR A 102 -1.52 -5.68 9.72
C TYR A 102 -0.86 -4.89 10.86
N GLN A 103 0.37 -5.26 11.21
CA GLN A 103 1.06 -4.66 12.35
C GLN A 103 1.41 -3.19 12.12
N LEU A 104 1.53 -2.79 10.84
CA LEU A 104 1.95 -1.43 10.50
C LEU A 104 0.76 -0.50 10.34
N ALA A 105 -0.44 -0.99 10.64
CA ALA A 105 -1.65 -0.20 10.49
C ALA A 105 -2.74 -0.69 11.45
N TYR A 106 -3.90 -0.06 11.37
CA TYR A 106 -5.06 -0.43 12.19
C TYR A 106 -5.58 -1.81 11.79
N GLY A 107 -5.14 -2.31 10.63
CA GLY A 107 -5.56 -3.61 10.14
C GLY A 107 -5.27 -4.71 11.13
N GLU A 108 -4.31 -4.47 12.02
CA GLU A 108 -4.02 -5.40 13.11
C GLU A 108 -5.26 -5.65 13.96
N ARG A 109 -5.99 -4.57 14.25
CA ARG A 109 -7.17 -4.64 15.09
C ARG A 109 -8.43 -4.68 14.23
N GLY A 110 -8.29 -4.27 12.97
CA GLY A 110 -9.40 -4.26 12.03
C GLY A 110 -10.46 -3.24 12.40
N TYR A 111 -11.62 -3.77 12.83
CA TYR A 111 -12.81 -2.99 13.26
C TYR A 111 -13.91 -2.97 12.17
N PRO A 112 -13.76 -2.25 11.02
CA PRO A 112 -14.82 -2.17 10.01
C PRO A 112 -15.08 -3.54 9.36
N PRO A 113 -16.33 -3.80 8.93
CA PRO A 113 -16.73 -5.11 8.36
C PRO A 113 -15.81 -5.58 7.23
N VAL A 114 -15.27 -4.63 6.48
CA VAL A 114 -14.41 -4.96 5.33
C VAL A 114 -12.97 -5.22 5.77
N ILE A 115 -12.60 -4.74 6.95
CA ILE A 115 -11.25 -4.89 7.48
C ILE A 115 -11.29 -5.55 8.87
N PRO A 116 -11.14 -6.89 8.92
CA PRO A 116 -11.09 -7.63 10.19
C PRO A 116 -9.71 -7.57 10.83
N PRO A 117 -9.55 -8.03 12.09
CA PRO A 117 -8.24 -8.12 12.73
C PRO A 117 -7.26 -8.96 11.92
N LYS A 118 -5.97 -8.60 12.00
CA LYS A 118 -4.90 -9.28 11.26
C LYS A 118 -4.99 -9.02 9.76
N ALA A 119 -5.76 -8.00 9.37
CA ALA A 119 -5.95 -7.69 7.96
C ALA A 119 -4.70 -7.06 7.34
N THR A 120 -4.08 -7.81 6.43
CA THR A 120 -2.99 -7.28 5.62
C THR A 120 -3.59 -6.63 4.36
N LEU A 121 -3.35 -5.33 4.18
CA LEU A 121 -4.08 -4.56 3.18
C LEU A 121 -3.11 -3.87 2.22
N VAL A 122 -3.53 -3.70 0.96
CA VAL A 122 -2.68 -3.13 -0.07
C VAL A 122 -3.00 -1.66 -0.27
N PHE A 123 -1.96 -0.83 -0.30
CA PHE A 123 -2.13 0.60 -0.53
C PHE A 123 -1.17 1.08 -1.62
N GLU A 124 -1.72 1.65 -2.68
CA GLU A 124 -0.89 2.30 -3.69
C GLU A 124 -0.43 3.66 -3.18
N VAL A 125 0.87 3.79 -2.96
CA VAL A 125 1.48 5.04 -2.53
C VAL A 125 2.08 5.75 -3.74
N GLU A 126 1.79 7.04 -3.86
CA GLU A 126 2.15 7.79 -5.05
C GLU A 126 2.81 9.13 -4.68
N LEU A 127 4.10 9.26 -4.98
CA LEU A 127 4.85 10.48 -4.70
C LEU A 127 4.70 11.45 -5.88
N LEU A 128 3.90 12.51 -5.70
CA LEU A 128 3.65 13.48 -6.76
C LEU A 128 4.83 14.43 -6.87
N ALA A 129 5.19 15.00 -5.73
CA ALA A 129 6.27 15.97 -5.66
C ALA A 129 6.65 16.20 -4.20
N VAL A 130 7.58 17.12 -3.97
CA VAL A 130 7.95 17.50 -2.63
C VAL A 130 7.29 18.84 -2.30
N MET A 1 35.58 2.08 -4.63
CA MET A 1 34.16 2.48 -4.53
C MET A 1 33.41 1.55 -3.59
N ALA A 2 33.06 2.07 -2.42
CA ALA A 2 32.39 1.26 -1.40
C ALA A 2 30.94 0.98 -1.80
N HIS A 3 30.16 2.03 -2.02
CA HIS A 3 28.77 1.88 -2.47
C HIS A 3 28.73 1.61 -3.97
N HIS A 4 28.72 0.34 -4.32
CA HIS A 4 28.74 -0.07 -5.72
C HIS A 4 27.35 0.07 -6.34
N HIS A 5 27.24 0.94 -7.33
CA HIS A 5 25.96 1.19 -8.00
C HIS A 5 25.65 0.08 -9.02
N HIS A 6 24.58 -0.66 -8.78
CA HIS A 6 24.09 -1.67 -9.71
C HIS A 6 22.79 -2.27 -9.20
N HIS A 7 21.83 -2.47 -10.09
CA HIS A 7 20.58 -3.15 -9.73
C HIS A 7 20.71 -4.65 -10.00
N HIS A 8 19.66 -5.40 -9.68
CA HIS A 8 19.65 -6.84 -9.93
C HIS A 8 18.27 -7.29 -10.42
N MET A 9 18.25 -8.07 -11.49
CA MET A 9 17.00 -8.58 -12.06
C MET A 9 16.59 -9.87 -11.36
N GLY A 10 17.56 -10.51 -10.70
CA GLY A 10 17.30 -11.76 -10.03
C GLY A 10 16.44 -11.61 -8.79
N THR A 11 15.34 -12.36 -8.75
CA THR A 11 14.44 -12.36 -7.60
C THR A 11 14.63 -13.63 -6.77
N LEU A 12 13.77 -13.83 -5.78
CA LEU A 12 13.80 -15.04 -4.96
C LEU A 12 12.43 -15.70 -4.97
N GLU A 13 11.46 -15.05 -4.35
CA GLU A 13 10.08 -15.54 -4.31
C GLU A 13 9.13 -14.44 -4.78
N ALA A 14 7.89 -14.83 -5.09
CA ALA A 14 6.91 -13.91 -5.64
C ALA A 14 6.24 -13.08 -4.54
N GLN A 15 5.51 -13.75 -3.66
CA GLN A 15 4.75 -13.08 -2.61
C GLN A 15 4.51 -14.03 -1.44
N THR A 16 3.95 -13.50 -0.36
CA THR A 16 3.58 -14.31 0.79
C THR A 16 2.37 -15.19 0.43
N GLN A 17 2.44 -16.48 0.80
CA GLN A 17 1.36 -17.40 0.51
C GLN A 17 0.22 -17.22 1.52
N GLY A 18 -0.56 -16.18 1.31
CA GLY A 18 -1.68 -15.88 2.18
C GLY A 18 -1.98 -14.40 2.25
N PRO A 19 -3.03 -13.93 1.56
CA PRO A 19 -3.39 -12.50 1.54
C PRO A 19 -3.81 -11.97 2.91
N GLY A 20 -3.98 -12.90 3.86
CA GLY A 20 -4.32 -12.54 5.23
C GLY A 20 -3.34 -13.14 6.23
N SER A 21 -2.07 -13.20 5.83
CA SER A 21 -1.02 -13.74 6.68
C SER A 21 -0.60 -12.71 7.73
N MET A 22 -1.16 -12.84 8.93
CA MET A 22 -0.82 -11.94 10.03
C MET A 22 0.64 -12.15 10.47
N SER A 23 1.54 -11.43 9.82
CA SER A 23 2.97 -11.49 10.13
C SER A 23 3.65 -10.21 9.64
N ALA A 24 4.97 -10.16 9.78
CA ALA A 24 5.75 -9.00 9.35
C ALA A 24 6.09 -9.09 7.87
N GLN A 25 5.05 -9.08 7.04
CA GLN A 25 5.22 -9.15 5.59
C GLN A 25 5.29 -7.75 5.00
N LEU A 26 6.17 -7.57 4.03
CA LEU A 26 6.35 -6.28 3.38
C LEU A 26 6.70 -6.47 1.91
N GLU A 27 5.71 -6.28 1.04
CA GLU A 27 5.92 -6.39 -0.40
C GLU A 27 5.64 -5.03 -1.06
N LYS A 28 6.62 -4.50 -1.77
CA LYS A 28 6.45 -3.25 -2.50
C LYS A 28 6.83 -3.42 -3.96
N LYS A 29 5.86 -3.20 -4.85
CA LYS A 29 6.05 -3.36 -6.28
C LYS A 29 6.07 -2.00 -6.96
N VAL A 30 7.24 -1.59 -7.47
CA VAL A 30 7.34 -0.35 -8.23
C VAL A 30 6.46 -0.43 -9.47
N LEU A 31 5.39 0.36 -9.49
CA LEU A 31 4.42 0.32 -10.58
C LEU A 31 4.73 1.40 -11.59
N THR A 32 5.39 2.46 -11.13
CA THR A 32 5.80 3.55 -12.00
C THR A 32 7.10 4.17 -11.46
N PRO A 33 8.22 4.00 -12.18
CA PRO A 33 9.53 4.52 -11.74
C PRO A 33 9.62 6.03 -11.87
N GLY A 34 10.11 6.68 -10.83
CA GLY A 34 10.24 8.13 -10.84
C GLY A 34 11.62 8.57 -11.26
N ASP A 35 12.06 9.73 -10.78
CA ASP A 35 13.39 10.25 -11.14
C ASP A 35 14.49 9.34 -10.61
N GLY A 36 14.27 8.76 -9.44
CA GLY A 36 15.28 7.92 -8.81
C GLY A 36 16.34 8.73 -8.08
N VAL A 37 16.62 9.94 -8.56
CA VAL A 37 17.62 10.81 -7.95
C VAL A 37 16.99 11.74 -6.91
N THR A 38 15.70 12.01 -7.05
CA THR A 38 14.98 12.89 -6.14
C THR A 38 14.60 12.15 -4.85
N LYS A 39 15.43 12.30 -3.83
CA LYS A 39 15.27 11.55 -2.58
C LYS A 39 14.54 12.37 -1.51
N PRO A 40 13.43 11.82 -0.96
CA PRO A 40 12.71 12.44 0.16
C PRO A 40 13.47 12.24 1.47
N GLN A 41 13.24 13.13 2.43
CA GLN A 41 13.91 13.07 3.73
C GLN A 41 13.09 13.77 4.80
N ALA A 42 13.54 13.69 6.05
CA ALA A 42 12.82 14.29 7.17
C ALA A 42 12.81 15.81 7.06
N GLY A 43 11.70 16.42 7.48
CA GLY A 43 11.55 17.87 7.44
C GLY A 43 11.11 18.36 6.08
N LYS A 44 10.60 17.44 5.25
CA LYS A 44 10.15 17.75 3.90
C LYS A 44 8.63 17.67 3.79
N LYS A 45 8.00 18.78 3.41
CA LYS A 45 6.57 18.78 3.10
C LYS A 45 6.35 18.09 1.76
N VAL A 46 5.82 16.88 1.80
CA VAL A 46 5.65 16.08 0.60
C VAL A 46 4.18 16.01 0.18
N THR A 47 3.96 16.04 -1.14
CA THR A 47 2.65 15.87 -1.74
C THR A 47 2.53 14.47 -2.32
N VAL A 48 1.73 13.63 -1.66
CA VAL A 48 1.62 12.21 -2.00
C VAL A 48 0.19 11.85 -2.43
N HIS A 49 0.01 10.59 -2.80
CA HIS A 49 -1.29 10.06 -3.22
C HIS A 49 -1.40 8.59 -2.80
N TYR A 50 -2.58 8.18 -2.34
CA TYR A 50 -2.81 6.82 -1.86
C TYR A 50 -4.02 6.21 -2.57
N ASP A 51 -3.98 4.88 -2.74
CA ASP A 51 -5.16 4.13 -3.19
C ASP A 51 -5.32 2.86 -2.35
N GLY A 52 -6.51 2.65 -1.80
CA GLY A 52 -6.74 1.52 -0.92
C GLY A 52 -7.27 0.31 -1.66
N ARG A 53 -6.48 -0.78 -1.68
CA ARG A 53 -6.85 -1.99 -2.39
C ARG A 53 -6.61 -3.22 -1.51
N PHE A 54 -7.49 -4.21 -1.64
CA PHE A 54 -7.28 -5.51 -1.02
C PHE A 54 -6.19 -6.26 -1.80
N PRO A 55 -5.35 -7.04 -1.09
CA PRO A 55 -4.18 -7.73 -1.68
C PRO A 55 -4.45 -8.32 -3.07
N ASP A 56 -5.55 -9.05 -3.20
CA ASP A 56 -5.85 -9.80 -4.42
C ASP A 56 -6.01 -8.88 -5.64
N GLY A 57 -6.69 -7.74 -5.46
CA GLY A 57 -6.93 -6.83 -6.57
C GLY A 57 -8.17 -5.98 -6.40
N LYS A 58 -9.11 -6.48 -5.60
CA LYS A 58 -10.36 -5.76 -5.33
C LYS A 58 -10.10 -4.47 -4.54
N GLN A 59 -10.32 -3.33 -5.18
CA GLN A 59 -10.18 -2.03 -4.51
C GLN A 59 -11.56 -1.48 -4.15
N PHE A 60 -11.65 -0.80 -3.01
CA PHE A 60 -12.92 -0.25 -2.53
C PHE A 60 -13.04 1.22 -2.92
N ASP A 61 -11.90 1.89 -3.08
CA ASP A 61 -11.86 3.29 -3.47
C ASP A 61 -10.60 3.56 -4.30
N SER A 62 -10.76 4.34 -5.36
CA SER A 62 -9.64 4.68 -6.22
C SER A 62 -9.50 6.19 -6.35
N SER A 63 -8.71 6.78 -5.46
CA SER A 63 -8.48 8.22 -5.46
C SER A 63 -7.68 8.64 -6.70
N ARG A 64 -7.02 7.66 -7.33
CA ARG A 64 -6.29 7.88 -8.57
C ARG A 64 -7.23 8.39 -9.66
N SER A 65 -8.47 7.90 -9.63
CA SER A 65 -9.47 8.27 -10.62
C SER A 65 -9.81 9.76 -10.51
N ARG A 66 -9.67 10.29 -9.30
CA ARG A 66 -9.93 11.70 -9.04
C ARG A 66 -8.63 12.51 -9.10
N GLY A 67 -7.51 11.81 -9.02
CA GLY A 67 -6.21 12.46 -8.99
C GLY A 67 -6.05 13.31 -7.74
N LYS A 68 -6.61 12.83 -6.64
CA LYS A 68 -6.62 13.57 -5.38
C LYS A 68 -5.33 13.31 -4.60
N PRO A 69 -4.51 14.36 -4.36
CA PRO A 69 -3.28 14.25 -3.60
C PRO A 69 -3.47 14.62 -2.11
N PHE A 70 -2.41 14.46 -1.33
CA PHE A 70 -2.44 14.77 0.10
C PHE A 70 -1.05 15.21 0.54
N GLN A 71 -0.97 16.35 1.21
CA GLN A 71 0.32 16.91 1.64
C GLN A 71 0.53 16.69 3.13
N PHE A 72 1.73 16.29 3.51
CA PHE A 72 2.11 16.18 4.91
C PHE A 72 3.62 16.33 5.07
N THR A 73 4.07 16.70 6.26
CA THR A 73 5.49 16.88 6.52
C THR A 73 6.14 15.57 6.93
N LEU A 74 6.93 15.00 6.02
CA LEU A 74 7.65 13.75 6.29
C LEU A 74 8.58 13.94 7.48
N GLY A 75 8.27 13.28 8.58
CA GLY A 75 9.02 13.44 9.82
C GLY A 75 8.09 13.56 11.00
N ALA A 76 6.90 14.12 10.76
CA ALA A 76 5.86 14.24 11.78
C ALA A 76 4.89 13.07 11.65
N GLY A 77 4.18 12.77 12.74
CA GLY A 77 3.25 11.64 12.75
C GLY A 77 1.93 11.94 12.06
N GLU A 78 2.01 12.60 10.90
CA GLU A 78 0.81 12.91 10.11
C GLU A 78 0.22 11.64 9.51
N VAL A 79 1.06 10.62 9.36
CA VAL A 79 0.66 9.34 8.79
C VAL A 79 1.23 8.19 9.61
N ILE A 80 0.75 6.97 9.36
CA ILE A 80 1.26 5.78 10.02
C ILE A 80 2.62 5.39 9.44
N LYS A 81 3.40 4.63 10.21
CA LYS A 81 4.77 4.27 9.82
C LYS A 81 4.78 3.60 8.45
N GLY A 82 3.77 2.78 8.18
CA GLY A 82 3.66 2.09 6.91
C GLY A 82 3.67 3.08 5.74
N TRP A 83 2.87 4.13 5.85
CA TRP A 83 2.75 5.13 4.79
C TRP A 83 4.02 5.99 4.73
N ASP A 84 4.56 6.32 5.89
CA ASP A 84 5.79 7.13 5.97
C ASP A 84 6.92 6.42 5.21
N GLN A 85 7.10 5.13 5.48
CA GLN A 85 8.11 4.35 4.78
C GLN A 85 7.76 4.24 3.30
N GLY A 86 6.49 3.98 3.02
CA GLY A 86 6.02 3.86 1.64
C GLY A 86 6.38 5.06 0.80
N VAL A 87 6.09 6.26 1.29
CA VAL A 87 6.37 7.48 0.55
C VAL A 87 7.87 7.83 0.58
N ALA A 88 8.54 7.49 1.68
CA ALA A 88 9.95 7.82 1.83
C ALA A 88 10.85 6.87 1.04
N THR A 89 10.34 5.70 0.69
CA THR A 89 11.13 4.69 0.00
C THR A 89 11.10 4.88 -1.52
N MET A 90 10.40 5.91 -1.98
CA MET A 90 10.29 6.18 -3.42
C MET A 90 10.93 7.51 -3.79
N THR A 91 10.73 7.96 -5.03
CA THR A 91 11.25 9.23 -5.50
C THR A 91 10.17 10.03 -6.24
N LEU A 92 10.51 11.23 -6.70
CA LEU A 92 9.56 12.13 -7.36
C LEU A 92 8.98 11.48 -8.63
N GLY A 93 7.64 11.47 -8.72
CA GLY A 93 6.96 10.94 -9.90
C GLY A 93 6.82 9.43 -9.86
N GLU A 94 7.18 8.84 -8.74
CA GLU A 94 7.24 7.39 -8.60
C GLU A 94 6.03 6.87 -7.83
N LYS A 95 5.53 5.70 -8.22
CA LYS A 95 4.40 5.08 -7.55
C LYS A 95 4.66 3.58 -7.37
N ALA A 96 4.23 3.05 -6.24
CA ALA A 96 4.43 1.64 -5.92
C ALA A 96 3.18 1.05 -5.30
N LEU A 97 3.01 -0.25 -5.50
CA LEU A 97 1.94 -1.02 -4.85
C LEU A 97 2.50 -1.56 -3.54
N PHE A 98 2.09 -0.95 -2.43
CA PHE A 98 2.72 -1.18 -1.14
C PHE A 98 1.81 -1.97 -0.20
N THR A 99 2.18 -3.22 0.05
CA THR A 99 1.44 -4.08 0.97
C THR A 99 1.68 -3.64 2.43
N ILE A 100 0.62 -3.15 3.07
CA ILE A 100 0.69 -2.74 4.47
C ILE A 100 0.17 -3.87 5.37
N PRO A 101 1.07 -4.49 6.17
CA PRO A 101 0.69 -5.50 7.15
C PRO A 101 -0.25 -4.93 8.21
N TYR A 102 -1.05 -5.80 8.82
CA TYR A 102 -2.15 -5.38 9.68
C TYR A 102 -1.67 -4.44 10.80
N GLN A 103 -0.53 -4.74 11.41
CA GLN A 103 -0.07 -4.01 12.60
C GLN A 103 0.51 -2.64 12.22
N LEU A 104 0.68 -2.38 10.93
CA LEU A 104 1.20 -1.09 10.47
C LEU A 104 0.07 -0.21 9.93
N ALA A 105 -1.16 -0.59 10.25
CA ALA A 105 -2.34 0.16 9.84
C ALA A 105 -3.48 -0.05 10.82
N TYR A 106 -4.58 0.68 10.60
CA TYR A 106 -5.77 0.55 11.43
C TYR A 106 -6.41 -0.83 11.26
N GLY A 107 -6.00 -1.53 10.20
CA GLY A 107 -6.53 -2.86 9.93
C GLY A 107 -6.21 -3.86 11.02
N GLU A 108 -5.25 -3.52 11.89
CA GLU A 108 -4.90 -4.34 13.04
C GLU A 108 -6.11 -4.49 13.95
N ARG A 109 -6.66 -3.35 14.38
CA ARG A 109 -7.71 -3.34 15.38
C ARG A 109 -9.09 -3.32 14.75
N GLY A 110 -9.19 -2.71 13.57
CA GLY A 110 -10.46 -2.62 12.88
C GLY A 110 -11.36 -1.52 13.45
N TYR A 111 -12.06 -0.82 12.55
CA TYR A 111 -12.98 0.25 12.96
C TYR A 111 -14.28 0.19 12.14
N PRO A 112 -14.21 0.22 10.78
CA PRO A 112 -15.39 0.07 9.95
C PRO A 112 -15.67 -1.41 9.63
N PRO A 113 -16.96 -1.83 9.65
CA PRO A 113 -17.34 -3.23 9.40
C PRO A 113 -16.76 -3.80 8.10
N VAL A 114 -16.44 -2.93 7.15
CA VAL A 114 -15.86 -3.35 5.88
C VAL A 114 -14.41 -3.79 6.04
N ILE A 115 -13.72 -3.25 7.06
CA ILE A 115 -12.34 -3.59 7.34
C ILE A 115 -12.24 -4.33 8.67
N PRO A 116 -12.10 -5.68 8.63
CA PRO A 116 -12.03 -6.50 9.84
C PRO A 116 -10.66 -6.38 10.53
N PRO A 117 -10.57 -6.82 11.81
CA PRO A 117 -9.30 -6.80 12.54
C PRO A 117 -8.29 -7.78 11.95
N LYS A 118 -7.01 -7.42 12.08
CA LYS A 118 -5.90 -8.22 11.54
C LYS A 118 -5.91 -8.23 10.00
N ALA A 119 -6.59 -7.26 9.43
CA ALA A 119 -6.70 -7.15 7.97
C ALA A 119 -5.44 -6.51 7.38
N THR A 120 -4.80 -7.23 6.45
CA THR A 120 -3.68 -6.70 5.70
C THR A 120 -4.21 -5.97 4.47
N LEU A 121 -3.72 -4.76 4.23
CA LEU A 121 -4.29 -3.91 3.17
C LEU A 121 -3.17 -3.34 2.30
N VAL A 122 -3.37 -3.33 1.00
CA VAL A 122 -2.35 -2.87 0.06
C VAL A 122 -2.71 -1.48 -0.47
N PHE A 123 -1.83 -0.51 -0.23
CA PHE A 123 -2.06 0.86 -0.67
C PHE A 123 -1.11 1.21 -1.81
N GLU A 124 -1.68 1.71 -2.90
CA GLU A 124 -0.86 2.32 -3.94
C GLU A 124 -0.42 3.69 -3.47
N VAL A 125 0.88 3.83 -3.27
CA VAL A 125 1.47 5.07 -2.79
C VAL A 125 2.22 5.77 -3.92
N GLU A 126 2.03 7.07 -4.06
CA GLU A 126 2.62 7.83 -5.15
C GLU A 126 3.14 9.18 -4.64
N LEU A 127 4.36 9.52 -5.04
CA LEU A 127 4.98 10.79 -4.67
C LEU A 127 4.81 11.80 -5.82
N LEU A 128 3.91 12.76 -5.64
CA LEU A 128 3.62 13.76 -6.68
C LEU A 128 4.61 14.93 -6.61
N ALA A 129 4.91 15.38 -5.40
CA ALA A 129 5.82 16.51 -5.22
C ALA A 129 6.63 16.35 -3.94
N VAL A 130 7.91 16.72 -4.01
CA VAL A 130 8.81 16.65 -2.86
C VAL A 130 9.71 17.89 -2.84
N MET A 1 -36.15 -29.01 1.63
CA MET A 1 -35.04 -28.92 0.65
C MET A 1 -35.38 -27.92 -0.45
N ALA A 2 -34.52 -26.92 -0.63
CA ALA A 2 -34.76 -25.84 -1.59
C ALA A 2 -34.21 -26.19 -2.97
N HIS A 3 -34.15 -27.48 -3.27
CA HIS A 3 -33.66 -27.95 -4.57
C HIS A 3 -34.63 -28.97 -5.15
N HIS A 4 -35.03 -28.77 -6.40
CA HIS A 4 -35.93 -29.69 -7.09
C HIS A 4 -35.11 -30.74 -7.85
N HIS A 5 -33.89 -30.35 -8.20
CA HIS A 5 -32.94 -31.24 -8.87
C HIS A 5 -31.66 -31.32 -8.06
N HIS A 6 -30.93 -32.42 -8.18
CA HIS A 6 -29.75 -32.66 -7.35
C HIS A 6 -28.56 -31.82 -7.79
N HIS A 7 -27.64 -31.59 -6.86
CA HIS A 7 -26.46 -30.79 -7.12
C HIS A 7 -25.33 -31.67 -7.67
N HIS A 8 -25.16 -31.63 -9.00
CA HIS A 8 -24.13 -32.43 -9.65
C HIS A 8 -22.74 -31.97 -9.23
N MET A 9 -22.67 -30.75 -8.70
CA MET A 9 -21.43 -30.20 -8.15
C MET A 9 -21.57 -30.07 -6.64
N GLY A 10 -20.50 -30.40 -5.92
CA GLY A 10 -20.54 -30.35 -4.47
C GLY A 10 -20.17 -29.01 -3.90
N THR A 11 -20.54 -28.77 -2.65
CA THR A 11 -20.23 -27.52 -1.95
C THR A 11 -18.87 -27.62 -1.25
N LEU A 12 -18.11 -28.65 -1.61
CA LEU A 12 -16.81 -28.90 -1.00
C LEU A 12 -15.78 -27.87 -1.48
N GLU A 13 -15.00 -27.35 -0.54
CA GLU A 13 -13.97 -26.38 -0.84
C GLU A 13 -12.68 -27.10 -1.25
N ALA A 14 -11.56 -26.41 -1.12
CA ALA A 14 -10.25 -26.96 -1.43
C ALA A 14 -9.21 -26.40 -0.48
N GLN A 15 -7.93 -26.69 -0.73
CA GLN A 15 -6.84 -26.14 0.06
C GLN A 15 -6.57 -24.71 -0.39
N THR A 16 -6.38 -23.81 0.56
CA THR A 16 -6.18 -22.40 0.25
C THR A 16 -4.70 -22.04 0.21
N GLN A 17 -4.41 -20.85 -0.29
CA GLN A 17 -3.05 -20.33 -0.40
C GLN A 17 -3.11 -18.83 -0.69
N GLY A 18 -2.93 -18.02 0.35
CA GLY A 18 -3.04 -16.59 0.19
C GLY A 18 -2.33 -15.84 1.30
N PRO A 19 -2.37 -14.50 1.27
CA PRO A 19 -1.68 -13.65 2.24
C PRO A 19 -2.36 -13.68 3.61
N GLY A 20 -2.24 -14.81 4.30
CA GLY A 20 -2.79 -14.93 5.65
C GLY A 20 -2.03 -14.06 6.62
N SER A 21 -2.70 -13.04 7.16
CA SER A 21 -2.07 -12.08 8.06
C SER A 21 -1.78 -12.69 9.42
N MET A 22 -0.78 -13.58 9.46
CA MET A 22 -0.28 -14.15 10.71
C MET A 22 1.18 -13.75 10.88
N SER A 23 1.59 -12.80 10.05
CA SER A 23 2.96 -12.32 10.01
C SER A 23 3.00 -11.01 9.22
N ALA A 24 4.05 -10.23 9.42
CA ALA A 24 4.19 -8.97 8.71
C ALA A 24 4.64 -9.22 7.27
N GLN A 25 3.67 -9.30 6.38
CA GLN A 25 3.95 -9.55 4.96
C GLN A 25 4.07 -8.22 4.23
N LEU A 26 4.96 -8.15 3.25
CA LEU A 26 5.29 -6.90 2.60
C LEU A 26 5.60 -7.10 1.10
N GLU A 27 4.71 -6.62 0.27
CA GLU A 27 4.94 -6.54 -1.18
C GLU A 27 5.12 -5.08 -1.58
N LYS A 28 6.32 -4.71 -2.02
CA LYS A 28 6.58 -3.37 -2.52
C LYS A 28 6.83 -3.43 -4.02
N LYS A 29 5.81 -3.07 -4.79
CA LYS A 29 5.83 -3.21 -6.24
C LYS A 29 5.92 -1.84 -6.90
N VAL A 30 7.00 -1.60 -7.64
CA VAL A 30 7.13 -0.34 -8.37
C VAL A 30 6.01 -0.23 -9.42
N LEU A 31 5.03 0.61 -9.13
CA LEU A 31 3.83 0.71 -9.96
C LEU A 31 4.07 1.69 -11.10
N THR A 32 4.93 2.67 -10.86
CA THR A 32 5.28 3.66 -11.86
C THR A 32 6.69 4.18 -11.59
N PRO A 33 7.67 3.85 -12.45
CA PRO A 33 9.06 4.30 -12.30
C PRO A 33 9.18 5.84 -12.32
N GLY A 34 9.81 6.39 -11.30
CA GLY A 34 9.95 7.83 -11.19
C GLY A 34 11.32 8.32 -11.58
N ASP A 35 11.67 9.50 -11.09
CA ASP A 35 12.94 10.15 -11.43
C ASP A 35 14.13 9.25 -11.06
N GLY A 36 14.21 8.86 -9.79
CA GLY A 36 15.22 7.91 -9.36
C GLY A 36 16.42 8.56 -8.68
N VAL A 37 16.77 9.78 -9.05
CA VAL A 37 17.96 10.44 -8.49
C VAL A 37 17.58 11.53 -7.48
N THR A 38 16.30 11.86 -7.44
CA THR A 38 15.78 12.82 -6.47
C THR A 38 14.94 12.09 -5.42
N LYS A 39 15.44 12.06 -4.18
CA LYS A 39 14.76 11.36 -3.09
C LYS A 39 14.13 12.37 -2.12
N PRO A 40 12.92 12.08 -1.62
CA PRO A 40 12.33 12.84 -0.51
C PRO A 40 12.99 12.47 0.82
N GLN A 41 12.85 13.33 1.82
CA GLN A 41 13.47 13.11 3.12
C GLN A 41 12.54 13.56 4.24
N ALA A 42 12.93 13.24 5.48
CA ALA A 42 12.10 13.52 6.65
C ALA A 42 12.11 15.01 7.00
N GLY A 43 11.06 15.45 7.70
CA GLY A 43 10.94 16.85 8.07
C GLY A 43 10.56 17.73 6.89
N LYS A 44 9.89 17.13 5.90
CA LYS A 44 9.52 17.84 4.68
C LYS A 44 8.05 17.64 4.36
N LYS A 45 7.33 18.75 4.14
CA LYS A 45 5.94 18.68 3.70
C LYS A 45 5.91 18.26 2.23
N VAL A 46 5.53 17.01 1.98
CA VAL A 46 5.54 16.43 0.63
C VAL A 46 4.13 16.26 0.06
N THR A 47 4.04 16.31 -1.26
CA THR A 47 2.80 16.12 -2.00
C THR A 47 2.72 14.69 -2.56
N VAL A 48 1.82 13.90 -1.98
CA VAL A 48 1.70 12.48 -2.28
C VAL A 48 0.30 12.11 -2.81
N HIS A 49 0.13 10.84 -3.12
CA HIS A 49 -1.15 10.29 -3.59
C HIS A 49 -1.31 8.88 -3.04
N TYR A 50 -2.53 8.55 -2.58
CA TYR A 50 -2.82 7.23 -2.00
C TYR A 50 -4.00 6.58 -2.70
N ASP A 51 -3.94 5.26 -2.84
CA ASP A 51 -5.09 4.47 -3.28
C ASP A 51 -5.18 3.21 -2.41
N GLY A 52 -6.41 2.77 -2.13
CA GLY A 52 -6.61 1.67 -1.20
C GLY A 52 -7.03 0.39 -1.91
N ARG A 53 -6.32 -0.70 -1.62
CA ARG A 53 -6.57 -1.98 -2.29
C ARG A 53 -6.48 -3.16 -1.30
N PHE A 54 -7.37 -4.13 -1.49
CA PHE A 54 -7.33 -5.37 -0.74
C PHE A 54 -6.31 -6.32 -1.38
N PRO A 55 -5.79 -7.30 -0.62
CA PRO A 55 -4.84 -8.29 -1.16
C PRO A 55 -5.44 -9.12 -2.30
N ASP A 56 -6.77 -9.07 -2.43
CA ASP A 56 -7.49 -9.76 -3.50
C ASP A 56 -7.43 -8.97 -4.80
N GLY A 57 -6.89 -7.76 -4.74
CA GLY A 57 -6.77 -6.92 -5.91
C GLY A 57 -7.86 -5.87 -6.01
N LYS A 58 -8.96 -6.12 -5.31
CA LYS A 58 -10.11 -5.21 -5.32
C LYS A 58 -9.79 -3.92 -4.57
N GLN A 59 -9.91 -2.79 -5.26
CA GLN A 59 -9.73 -1.48 -4.64
C GLN A 59 -11.04 -1.02 -3.98
N PHE A 60 -10.98 -0.55 -2.74
CA PHE A 60 -12.19 -0.10 -2.04
C PHE A 60 -12.44 1.39 -2.31
N ASP A 61 -11.40 2.09 -2.74
CA ASP A 61 -11.54 3.51 -3.12
C ASP A 61 -10.41 3.88 -4.07
N SER A 62 -10.72 4.76 -5.01
CA SER A 62 -9.75 5.18 -6.01
C SER A 62 -9.62 6.70 -6.03
N SER A 63 -8.58 7.21 -5.36
CA SER A 63 -8.29 8.63 -5.35
C SER A 63 -7.77 9.05 -6.73
N ARG A 64 -7.12 8.10 -7.40
CA ARG A 64 -6.62 8.32 -8.76
C ARG A 64 -7.75 8.64 -9.71
N SER A 65 -8.87 7.92 -9.56
CA SER A 65 -10.02 8.13 -10.43
C SER A 65 -10.67 9.47 -10.13
N ARG A 66 -10.38 10.02 -8.95
CA ARG A 66 -10.87 11.35 -8.56
C ARG A 66 -9.93 12.43 -9.09
N GLY A 67 -8.65 12.06 -9.24
CA GLY A 67 -7.64 13.02 -9.62
C GLY A 67 -7.25 13.93 -8.48
N LYS A 68 -7.42 13.43 -7.26
CA LYS A 68 -7.16 14.21 -6.04
C LYS A 68 -5.89 13.72 -5.33
N PRO A 69 -4.86 14.58 -5.22
CA PRO A 69 -3.64 14.29 -4.46
C PRO A 69 -3.81 14.60 -2.96
N PHE A 70 -2.75 14.39 -2.21
CA PHE A 70 -2.72 14.61 -0.76
C PHE A 70 -1.37 15.22 -0.38
N GLN A 71 -1.29 15.79 0.82
CA GLN A 71 -0.04 16.40 1.29
C GLN A 71 0.16 16.13 2.78
N PHE A 72 1.39 15.81 3.18
CA PHE A 72 1.71 15.58 4.59
C PHE A 72 3.21 15.78 4.81
N THR A 73 3.61 15.90 6.06
CA THR A 73 5.02 16.06 6.41
C THR A 73 5.68 14.69 6.60
N LEU A 74 6.54 14.31 5.65
CA LEU A 74 7.26 13.05 5.72
C LEU A 74 8.17 13.03 6.96
N GLY A 75 8.15 11.91 7.67
CA GLY A 75 8.95 11.79 8.88
C GLY A 75 8.37 12.56 10.05
N ALA A 76 7.05 12.69 10.07
CA ALA A 76 6.36 13.41 11.13
C ALA A 76 5.11 12.67 11.60
N GLY A 77 4.51 13.16 12.68
CA GLY A 77 3.32 12.56 13.23
C GLY A 77 2.06 12.99 12.50
N GLU A 78 2.04 12.80 11.18
CA GLU A 78 0.86 13.09 10.36
C GLU A 78 0.34 11.83 9.68
N VAL A 79 1.19 10.80 9.60
CA VAL A 79 0.81 9.52 9.01
C VAL A 79 1.47 8.36 9.78
N ILE A 80 0.94 7.16 9.59
CA ILE A 80 1.53 5.96 10.16
C ILE A 80 2.82 5.60 9.41
N LYS A 81 3.75 4.94 10.11
CA LYS A 81 5.04 4.58 9.52
C LYS A 81 4.90 3.67 8.31
N GLY A 82 3.72 3.07 8.14
CA GLY A 82 3.47 2.30 6.94
C GLY A 82 3.56 3.17 5.70
N TRP A 83 2.72 4.19 5.64
CA TRP A 83 2.70 5.12 4.52
C TRP A 83 3.99 5.93 4.48
N ASP A 84 4.45 6.32 5.68
CA ASP A 84 5.68 7.10 5.82
C ASP A 84 6.84 6.42 5.09
N GLN A 85 7.08 5.16 5.43
CA GLN A 85 8.14 4.38 4.78
C GLN A 85 7.80 4.11 3.32
N GLY A 86 6.51 3.88 3.06
CA GLY A 86 6.05 3.64 1.70
C GLY A 86 6.50 4.71 0.73
N VAL A 87 6.21 5.97 1.07
CA VAL A 87 6.63 7.10 0.23
C VAL A 87 8.13 7.37 0.41
N ALA A 88 8.66 7.10 1.61
CA ALA A 88 10.08 7.34 1.90
C ALA A 88 10.99 6.43 1.08
N THR A 89 10.48 5.27 0.68
CA THR A 89 11.28 4.29 -0.04
C THR A 89 11.25 4.52 -1.57
N MET A 90 10.54 5.56 -2.02
CA MET A 90 10.45 5.88 -3.45
C MET A 90 11.15 7.21 -3.75
N THR A 91 11.06 7.65 -5.00
CA THR A 91 11.68 8.89 -5.44
C THR A 91 10.64 9.86 -6.01
N LEU A 92 11.11 11.04 -6.42
CA LEU A 92 10.23 12.10 -6.95
C LEU A 92 9.51 11.61 -8.21
N GLY A 93 8.18 11.76 -8.24
CA GLY A 93 7.39 11.41 -9.41
C GLY A 93 7.30 9.91 -9.62
N GLU A 94 7.23 9.17 -8.52
CA GLU A 94 7.24 7.72 -8.57
C GLU A 94 6.06 7.16 -7.76
N LYS A 95 5.57 5.99 -8.17
CA LYS A 95 4.45 5.35 -7.49
C LYS A 95 4.75 3.87 -7.25
N ALA A 96 4.39 3.40 -6.07
CA ALA A 96 4.59 2.01 -5.70
C ALA A 96 3.38 1.46 -4.98
N LEU A 97 3.11 0.18 -5.21
CA LEU A 97 2.05 -0.53 -4.51
C LEU A 97 2.67 -1.15 -3.27
N PHE A 98 2.38 -0.57 -2.12
CA PHE A 98 3.04 -0.94 -0.88
C PHE A 98 2.06 -1.63 0.05
N THR A 99 2.30 -2.91 0.31
CA THR A 99 1.43 -3.67 1.21
C THR A 99 1.72 -3.29 2.66
N ILE A 100 0.79 -2.55 3.26
CA ILE A 100 0.95 -2.08 4.63
C ILE A 100 0.59 -3.18 5.63
N PRO A 101 1.57 -3.65 6.41
CA PRO A 101 1.36 -4.68 7.44
C PRO A 101 0.47 -4.17 8.57
N TYR A 102 -0.27 -5.10 9.17
CA TYR A 102 -1.19 -4.78 10.27
C TYR A 102 -0.47 -4.05 11.41
N GLN A 103 0.82 -4.34 11.57
CA GLN A 103 1.63 -3.74 12.62
C GLN A 103 1.80 -2.22 12.38
N LEU A 104 1.91 -1.84 11.11
CA LEU A 104 2.23 -0.46 10.75
C LEU A 104 0.97 0.30 10.35
N ALA A 105 -0.19 -0.20 10.75
CA ALA A 105 -1.47 0.40 10.40
C ALA A 105 -2.53 0.07 11.44
N TYR A 106 -3.74 0.56 11.19
CA TYR A 106 -4.88 0.28 12.05
C TYR A 106 -5.41 -1.14 11.78
N GLY A 107 -4.89 -1.75 10.71
CA GLY A 107 -5.38 -3.06 10.27
C GLY A 107 -5.32 -4.13 11.35
N GLU A 108 -4.43 -3.96 12.33
CA GLU A 108 -4.31 -4.92 13.42
C GLU A 108 -5.57 -4.93 14.28
N ARG A 109 -6.12 -3.75 14.54
CA ARG A 109 -7.32 -3.61 15.36
C ARG A 109 -8.57 -3.46 14.48
N GLY A 110 -8.35 -3.18 13.20
CA GLY A 110 -9.44 -3.11 12.23
C GLY A 110 -10.39 -1.94 12.46
N TYR A 111 -11.33 -2.15 13.39
CA TYR A 111 -12.44 -1.22 13.72
C TYR A 111 -13.75 -1.63 13.01
N PRO A 112 -13.92 -1.41 11.68
CA PRO A 112 -15.16 -1.75 10.98
C PRO A 112 -15.13 -3.20 10.46
N PRO A 113 -16.28 -3.91 10.50
CA PRO A 113 -16.37 -5.32 10.06
C PRO A 113 -15.95 -5.50 8.60
N VAL A 114 -15.95 -4.39 7.85
CA VAL A 114 -15.51 -4.41 6.46
C VAL A 114 -14.02 -4.74 6.39
N ILE A 115 -13.27 -4.24 7.37
CA ILE A 115 -11.84 -4.48 7.47
C ILE A 115 -11.56 -5.45 8.62
N PRO A 116 -11.22 -6.71 8.30
CA PRO A 116 -10.96 -7.73 9.34
C PRO A 116 -9.79 -7.36 10.25
N PRO A 117 -9.84 -7.79 11.52
CA PRO A 117 -8.78 -7.51 12.50
C PRO A 117 -7.48 -8.23 12.15
N LYS A 118 -6.36 -7.55 12.42
CA LYS A 118 -5.02 -8.07 12.14
C LYS A 118 -4.80 -8.26 10.65
N ALA A 119 -5.53 -7.50 9.85
CA ALA A 119 -5.48 -7.63 8.39
C ALA A 119 -4.39 -6.75 7.79
N THR A 120 -3.63 -7.33 6.87
CA THR A 120 -2.66 -6.58 6.09
C THR A 120 -3.35 -5.97 4.86
N LEU A 121 -3.14 -4.68 4.62
CA LEU A 121 -3.90 -3.95 3.60
C LEU A 121 -2.95 -3.32 2.58
N VAL A 122 -3.36 -3.25 1.32
CA VAL A 122 -2.47 -2.76 0.27
C VAL A 122 -2.76 -1.30 -0.03
N PHE A 123 -1.77 -0.45 0.16
CA PHE A 123 -1.90 0.97 -0.15
C PHE A 123 -0.94 1.36 -1.27
N GLU A 124 -1.52 1.82 -2.37
CA GLU A 124 -0.74 2.31 -3.49
C GLU A 124 -0.35 3.76 -3.23
N VAL A 125 0.93 3.95 -2.93
CA VAL A 125 1.45 5.26 -2.56
C VAL A 125 2.21 5.88 -3.73
N GLU A 126 2.13 7.20 -3.86
CA GLU A 126 2.78 7.91 -4.95
C GLU A 126 3.31 9.26 -4.47
N LEU A 127 4.57 9.53 -4.77
CA LEU A 127 5.21 10.80 -4.44
C LEU A 127 5.20 11.71 -5.66
N LEU A 128 4.33 12.72 -5.65
CA LEU A 128 4.18 13.61 -6.81
C LEU A 128 5.22 14.71 -6.76
N ALA A 129 5.35 15.33 -5.59
CA ALA A 129 6.28 16.43 -5.39
C ALA A 129 6.48 16.70 -3.91
N VAL A 130 7.20 17.76 -3.59
CA VAL A 130 7.38 18.17 -2.21
C VAL A 130 6.45 19.35 -1.89
N MET A 1 -41.07 -38.03 -17.10
CA MET A 1 -41.42 -37.56 -15.74
C MET A 1 -40.36 -36.59 -15.22
N ALA A 2 -40.74 -35.76 -14.26
CA ALA A 2 -39.85 -34.74 -13.70
C ALA A 2 -38.61 -35.37 -13.04
N HIS A 3 -37.44 -34.78 -13.31
CA HIS A 3 -36.18 -35.21 -12.71
C HIS A 3 -35.28 -33.99 -12.48
N HIS A 4 -34.65 -33.91 -11.32
CA HIS A 4 -33.89 -32.72 -10.95
C HIS A 4 -32.46 -33.10 -10.56
N HIS A 5 -31.52 -32.23 -10.90
CA HIS A 5 -30.11 -32.41 -10.55
C HIS A 5 -29.65 -31.28 -9.64
N HIS A 6 -29.23 -31.61 -8.43
CA HIS A 6 -28.76 -30.61 -7.46
C HIS A 6 -27.38 -30.98 -6.91
N HIS A 7 -26.83 -30.08 -6.09
CA HIS A 7 -25.50 -30.21 -5.47
C HIS A 7 -24.44 -30.66 -6.48
N HIS A 8 -24.62 -30.23 -7.73
CA HIS A 8 -23.64 -30.50 -8.79
C HIS A 8 -22.63 -29.35 -8.84
N MET A 9 -21.64 -29.42 -7.96
CA MET A 9 -20.65 -28.35 -7.82
C MET A 9 -19.24 -28.91 -7.92
N GLY A 10 -18.39 -28.23 -8.69
CA GLY A 10 -17.00 -28.62 -8.79
C GLY A 10 -16.27 -28.38 -7.47
N THR A 11 -15.74 -29.45 -6.89
CA THR A 11 -15.05 -29.37 -5.61
C THR A 11 -13.81 -28.48 -5.69
N LEU A 12 -13.97 -27.21 -5.32
CA LEU A 12 -12.86 -26.27 -5.30
C LEU A 12 -12.07 -26.49 -4.01
N GLU A 13 -10.93 -27.16 -4.14
CA GLU A 13 -10.10 -27.50 -2.99
C GLU A 13 -8.76 -26.78 -3.09
N ALA A 14 -8.67 -25.61 -2.47
CA ALA A 14 -7.47 -24.78 -2.53
C ALA A 14 -6.87 -24.57 -1.14
N GLN A 15 -5.64 -25.02 -0.95
CA GLN A 15 -4.92 -24.84 0.31
C GLN A 15 -4.18 -23.50 0.29
N THR A 16 -4.76 -22.51 0.97
CA THR A 16 -4.16 -21.18 1.04
C THR A 16 -4.51 -20.53 2.39
N GLN A 17 -3.54 -19.81 2.96
CA GLN A 17 -3.75 -19.15 4.26
C GLN A 17 -4.83 -18.08 4.15
N GLY A 18 -4.96 -17.52 2.96
CA GLY A 18 -5.92 -16.45 2.73
C GLY A 18 -5.25 -15.09 2.71
N PRO A 19 -4.88 -14.57 1.53
CA PRO A 19 -4.16 -13.29 1.40
C PRO A 19 -4.92 -12.15 2.08
N GLY A 20 -4.61 -11.92 3.36
CA GLY A 20 -5.22 -10.85 4.10
C GLY A 20 -5.07 -11.07 5.59
N SER A 21 -5.97 -11.86 6.18
CA SER A 21 -5.90 -12.21 7.58
C SER A 21 -4.76 -13.19 7.82
N MET A 22 -3.55 -12.64 7.97
CA MET A 22 -2.33 -13.45 8.10
C MET A 22 -1.33 -12.71 9.00
N SER A 23 -0.07 -13.10 8.89
CA SER A 23 1.02 -12.42 9.56
C SER A 23 1.36 -11.13 8.81
N ALA A 24 2.46 -10.48 9.20
CA ALA A 24 2.91 -9.25 8.56
C ALA A 24 3.38 -9.52 7.13
N GLN A 25 2.61 -9.07 6.15
CA GLN A 25 2.97 -9.21 4.74
C GLN A 25 3.73 -7.96 4.26
N LEU A 26 4.62 -8.15 3.30
CA LEU A 26 5.42 -7.05 2.77
C LEU A 26 5.69 -7.23 1.28
N GLU A 27 5.11 -6.34 0.48
CA GLU A 27 5.40 -6.27 -0.95
C GLU A 27 5.57 -4.81 -1.36
N LYS A 28 6.59 -4.53 -2.16
CA LYS A 28 6.77 -3.19 -2.73
C LYS A 28 7.08 -3.31 -4.22
N LYS A 29 6.05 -3.08 -5.03
CA LYS A 29 6.13 -3.25 -6.48
C LYS A 29 6.01 -1.90 -7.18
N VAL A 30 7.11 -1.45 -7.78
CA VAL A 30 7.12 -0.17 -8.48
C VAL A 30 6.25 -0.23 -9.73
N LEU A 31 5.12 0.48 -9.70
CA LEU A 31 4.18 0.47 -10.81
C LEU A 31 4.58 1.49 -11.87
N THR A 32 5.34 2.49 -11.44
CA THR A 32 5.81 3.54 -12.32
C THR A 32 7.11 4.12 -11.77
N PRO A 33 8.26 3.88 -12.44
CA PRO A 33 9.55 4.42 -12.02
C PRO A 33 9.64 5.94 -12.21
N GLY A 34 9.98 6.65 -11.13
CA GLY A 34 10.11 8.08 -11.19
C GLY A 34 11.52 8.53 -11.54
N ASP A 35 11.96 9.65 -10.97
CA ASP A 35 13.29 10.19 -11.24
C ASP A 35 14.38 9.26 -10.72
N GLY A 36 14.20 8.76 -9.51
CA GLY A 36 15.22 7.95 -8.85
C GLY A 36 16.31 8.81 -8.20
N VAL A 37 16.56 9.99 -8.79
CA VAL A 37 17.56 10.91 -8.26
C VAL A 37 16.94 11.86 -7.24
N THR A 38 15.64 12.07 -7.35
CA THR A 38 14.92 12.95 -6.43
C THR A 38 14.66 12.24 -5.10
N LYS A 39 15.55 12.49 -4.15
CA LYS A 39 15.49 11.84 -2.85
C LYS A 39 15.01 12.81 -1.76
N PRO A 40 13.75 12.69 -1.33
CA PRO A 40 13.21 13.51 -0.24
C PRO A 40 13.72 13.05 1.11
N GLN A 41 13.71 13.95 2.10
CA GLN A 41 14.20 13.63 3.43
C GLN A 41 13.18 14.06 4.50
N ALA A 42 13.42 13.64 5.73
CA ALA A 42 12.54 13.95 6.85
C ALA A 42 12.49 15.46 7.11
N GLY A 43 11.41 15.91 7.74
CA GLY A 43 11.25 17.32 8.04
C GLY A 43 10.86 18.13 6.81
N LYS A 44 10.24 17.46 5.85
CA LYS A 44 9.82 18.11 4.60
C LYS A 44 8.36 17.80 4.29
N LYS A 45 7.54 18.84 4.22
CA LYS A 45 6.16 18.71 3.78
C LYS A 45 6.14 18.32 2.30
N VAL A 46 5.85 17.04 2.03
CA VAL A 46 5.87 16.52 0.67
C VAL A 46 4.45 16.27 0.14
N THR A 47 4.32 16.28 -1.18
CA THR A 47 3.05 16.05 -1.86
C THR A 47 2.95 14.60 -2.35
N VAL A 48 2.11 13.81 -1.69
CA VAL A 48 2.02 12.38 -1.92
C VAL A 48 0.59 11.98 -2.29
N HIS A 49 0.40 10.69 -2.57
CA HIS A 49 -0.92 10.11 -2.74
C HIS A 49 -0.88 8.62 -2.36
N TYR A 50 -1.84 8.19 -1.57
CA TYR A 50 -1.99 6.77 -1.24
C TYR A 50 -3.42 6.35 -1.56
N ASP A 51 -3.58 5.11 -1.99
CA ASP A 51 -4.90 4.61 -2.38
C ASP A 51 -5.10 3.21 -1.80
N GLY A 52 -6.36 2.84 -1.56
CA GLY A 52 -6.67 1.61 -0.84
C GLY A 52 -6.87 0.43 -1.76
N ARG A 53 -6.19 -0.68 -1.48
CA ARG A 53 -6.27 -1.88 -2.30
C ARG A 53 -6.11 -3.13 -1.43
N PHE A 54 -6.80 -4.20 -1.80
CA PHE A 54 -6.73 -5.46 -1.07
C PHE A 54 -5.62 -6.35 -1.64
N PRO A 55 -4.98 -7.18 -0.79
CA PRO A 55 -3.96 -8.15 -1.24
C PRO A 55 -4.55 -9.17 -2.23
N ASP A 56 -5.88 -9.20 -2.31
CA ASP A 56 -6.61 -10.00 -3.29
C ASP A 56 -6.21 -9.57 -4.71
N GLY A 57 -5.78 -8.31 -4.83
CA GLY A 57 -5.42 -7.74 -6.12
C GLY A 57 -6.40 -6.68 -6.55
N LYS A 58 -7.54 -6.66 -5.89
CA LYS A 58 -8.65 -5.75 -6.22
C LYS A 58 -8.71 -4.58 -5.24
N GLN A 59 -9.16 -3.43 -5.72
CA GLN A 59 -9.45 -2.28 -4.86
C GLN A 59 -10.94 -1.98 -4.89
N PHE A 60 -11.52 -1.74 -3.71
CA PHE A 60 -12.96 -1.52 -3.58
C PHE A 60 -13.38 -0.20 -4.20
N ASP A 61 -12.84 0.89 -3.66
CA ASP A 61 -13.09 2.23 -4.19
C ASP A 61 -11.78 3.01 -4.20
N SER A 62 -11.47 3.63 -5.32
CA SER A 62 -10.15 4.23 -5.51
C SER A 62 -10.24 5.77 -5.53
N SER A 63 -9.34 6.42 -4.80
CA SER A 63 -9.35 7.87 -4.65
C SER A 63 -8.84 8.57 -5.91
N ARG A 64 -8.06 7.86 -6.71
CA ARG A 64 -7.57 8.40 -7.99
C ARG A 64 -8.76 8.82 -8.88
N SER A 65 -9.88 8.12 -8.73
CA SER A 65 -11.10 8.45 -9.45
C SER A 65 -11.56 9.89 -9.14
N ARG A 66 -11.19 10.37 -7.94
CA ARG A 66 -11.48 11.75 -7.54
C ARG A 66 -10.28 12.65 -7.81
N GLY A 67 -9.12 12.03 -8.05
CA GLY A 67 -7.92 12.76 -8.42
C GLY A 67 -7.37 13.62 -7.29
N LYS A 68 -7.81 13.37 -6.07
CA LYS A 68 -7.37 14.15 -4.91
C LYS A 68 -6.10 13.57 -4.29
N PRO A 69 -5.00 14.34 -4.27
CA PRO A 69 -3.74 13.95 -3.64
C PRO A 69 -3.70 14.37 -2.17
N PHE A 70 -2.54 14.18 -1.55
CA PHE A 70 -2.34 14.49 -0.13
C PHE A 70 -1.00 15.19 0.07
N GLN A 71 -0.85 15.88 1.19
CA GLN A 71 0.41 16.52 1.55
C GLN A 71 0.68 16.34 3.03
N PHE A 72 1.90 15.91 3.38
CA PHE A 72 2.28 15.73 4.78
C PHE A 72 3.79 15.81 4.92
N THR A 73 4.26 16.14 6.10
CA THR A 73 5.69 16.24 6.37
C THR A 73 6.28 14.86 6.59
N LEU A 74 7.15 14.43 5.67
CA LEU A 74 7.82 13.15 5.77
C LEU A 74 8.56 13.04 7.09
N GLY A 75 8.22 12.02 7.87
CA GLY A 75 8.81 11.83 9.19
C GLY A 75 7.86 12.25 10.29
N ALA A 76 6.94 13.17 9.97
CA ALA A 76 5.98 13.69 10.94
C ALA A 76 4.89 12.67 11.24
N GLY A 77 3.98 13.03 12.14
CA GLY A 77 2.92 12.12 12.54
C GLY A 77 1.58 12.48 11.93
N GLU A 78 1.59 13.31 10.89
CA GLU A 78 0.36 13.68 10.18
C GLU A 78 -0.36 12.42 9.69
N VAL A 79 0.42 11.47 9.20
CA VAL A 79 -0.10 10.16 8.81
C VAL A 79 0.70 9.07 9.53
N ILE A 80 0.18 7.85 9.54
CA ILE A 80 0.87 6.73 10.17
C ILE A 80 2.16 6.36 9.43
N LYS A 81 3.14 5.84 10.16
CA LYS A 81 4.45 5.52 9.62
C LYS A 81 4.37 4.44 8.54
N GLY A 82 3.27 3.71 8.50
CA GLY A 82 3.05 2.77 7.41
C GLY A 82 3.11 3.46 6.07
N TRP A 83 2.25 4.47 5.91
CA TRP A 83 2.19 5.24 4.66
C TRP A 83 3.42 6.14 4.56
N ASP A 84 3.87 6.66 5.69
CA ASP A 84 5.05 7.52 5.75
C ASP A 84 6.24 6.83 5.09
N GLN A 85 6.56 5.62 5.55
CA GLN A 85 7.69 4.86 5.01
C GLN A 85 7.35 4.33 3.62
N GLY A 86 6.09 3.92 3.44
CA GLY A 86 5.65 3.42 2.15
C GLY A 86 5.97 4.37 1.02
N VAL A 87 5.61 5.65 1.20
CA VAL A 87 5.95 6.68 0.23
C VAL A 87 7.43 7.07 0.34
N ALA A 88 7.98 7.01 1.56
CA ALA A 88 9.38 7.39 1.79
C ALA A 88 10.36 6.53 0.99
N THR A 89 9.97 5.28 0.72
CA THR A 89 10.86 4.36 -0.01
C THR A 89 10.88 4.61 -1.53
N MET A 90 10.19 5.65 -2.00
CA MET A 90 10.16 5.96 -3.45
C MET A 90 10.72 7.35 -3.74
N THR A 91 10.73 7.72 -5.02
CA THR A 91 11.23 9.02 -5.47
C THR A 91 10.13 9.83 -6.15
N LEU A 92 10.45 11.06 -6.58
CA LEU A 92 9.46 11.96 -7.19
C LEU A 92 9.00 11.42 -8.55
N GLY A 93 7.69 11.47 -8.76
CA GLY A 93 7.09 11.01 -10.01
C GLY A 93 7.00 9.51 -10.07
N GLU A 94 7.12 8.87 -8.91
CA GLU A 94 7.17 7.42 -8.83
C GLU A 94 5.92 6.90 -8.12
N LYS A 95 5.38 5.81 -8.67
CA LYS A 95 4.19 5.16 -8.11
C LYS A 95 4.50 3.70 -7.82
N ALA A 96 4.07 3.21 -6.67
CA ALA A 96 4.34 1.83 -6.28
C ALA A 96 3.20 1.25 -5.46
N LEU A 97 3.01 -0.05 -5.60
CA LEU A 97 2.04 -0.80 -4.81
C LEU A 97 2.74 -1.32 -3.55
N PHE A 98 2.32 -0.81 -2.39
CA PHE A 98 2.99 -1.17 -1.14
C PHE A 98 2.01 -1.84 -0.18
N THR A 99 2.27 -3.10 0.14
CA THR A 99 1.46 -3.85 1.07
C THR A 99 1.73 -3.41 2.51
N ILE A 100 0.79 -2.67 3.09
CA ILE A 100 0.93 -2.14 4.45
C ILE A 100 0.51 -3.19 5.48
N PRO A 101 1.47 -3.63 6.32
CA PRO A 101 1.20 -4.61 7.40
C PRO A 101 0.06 -4.16 8.31
N TYR A 102 -0.71 -5.13 8.81
CA TYR A 102 -1.91 -4.85 9.57
C TYR A 102 -1.65 -3.92 10.77
N GLN A 103 -0.50 -4.12 11.43
CA GLN A 103 -0.15 -3.32 12.61
C GLN A 103 0.19 -1.88 12.22
N LEU A 104 0.62 -1.70 10.97
CA LEU A 104 1.00 -0.37 10.48
C LEU A 104 -0.18 0.30 9.79
N ALA A 105 -1.37 -0.25 10.02
CA ALA A 105 -2.60 0.26 9.46
C ALA A 105 -3.77 -0.05 10.40
N TYR A 106 -4.98 0.19 9.92
CA TYR A 106 -6.19 -0.12 10.69
C TYR A 106 -6.54 -1.60 10.59
N GLY A 107 -5.82 -2.31 9.71
CA GLY A 107 -6.07 -3.73 9.47
C GLY A 107 -5.83 -4.59 10.70
N GLU A 108 -5.04 -4.08 11.64
CA GLU A 108 -4.80 -4.75 12.90
C GLU A 108 -6.13 -5.02 13.62
N ARG A 109 -6.96 -3.99 13.64
CA ARG A 109 -8.13 -3.96 14.52
C ARG A 109 -9.41 -4.26 13.75
N GLY A 110 -9.47 -3.78 12.50
CA GLY A 110 -10.66 -3.95 11.68
C GLY A 110 -11.86 -3.21 12.24
N TYR A 111 -12.04 -1.96 11.81
CA TYR A 111 -13.15 -1.14 12.27
C TYR A 111 -14.43 -1.45 11.47
N PRO A 112 -14.39 -1.41 10.11
CA PRO A 112 -15.53 -1.80 9.30
C PRO A 112 -15.56 -3.32 9.07
N PRO A 113 -16.77 -3.93 9.03
CA PRO A 113 -16.92 -5.39 8.87
C PRO A 113 -16.27 -5.91 7.58
N VAL A 114 -15.99 -5.00 6.65
CA VAL A 114 -15.33 -5.35 5.39
C VAL A 114 -13.87 -5.73 5.64
N ILE A 115 -13.24 -5.06 6.60
CA ILE A 115 -11.84 -5.27 6.92
C ILE A 115 -11.70 -6.12 8.19
N PRO A 116 -11.23 -7.37 8.05
CA PRO A 116 -11.02 -8.26 9.20
C PRO A 116 -9.84 -7.83 10.06
N PRO A 117 -9.82 -8.21 11.35
CA PRO A 117 -8.67 -7.96 12.23
C PRO A 117 -7.44 -8.75 11.76
N LYS A 118 -6.25 -8.18 12.01
CA LYS A 118 -4.98 -8.77 11.56
C LYS A 118 -4.91 -8.90 10.05
N ALA A 119 -5.70 -8.09 9.34
CA ALA A 119 -5.70 -8.12 7.88
C ALA A 119 -4.71 -7.10 7.33
N THR A 120 -3.68 -7.61 6.66
CA THR A 120 -2.70 -6.74 6.01
C THR A 120 -3.33 -6.13 4.76
N LEU A 121 -3.17 -4.83 4.58
CA LEU A 121 -3.91 -4.09 3.55
C LEU A 121 -2.92 -3.40 2.63
N VAL A 122 -3.24 -3.34 1.34
CA VAL A 122 -2.32 -2.80 0.35
C VAL A 122 -2.69 -1.36 0.02
N PHE A 123 -1.68 -0.50 -0.05
CA PHE A 123 -1.89 0.88 -0.43
C PHE A 123 -1.04 1.23 -1.64
N GLU A 124 -1.71 1.68 -2.70
CA GLU A 124 -1.03 2.16 -3.89
C GLU A 124 -0.58 3.60 -3.62
N VAL A 125 0.72 3.76 -3.44
CA VAL A 125 1.31 5.04 -3.05
C VAL A 125 2.06 5.68 -4.22
N GLU A 126 2.11 7.00 -4.23
CA GLU A 126 2.78 7.76 -5.29
C GLU A 126 3.32 9.08 -4.73
N LEU A 127 4.54 9.42 -5.11
CA LEU A 127 5.15 10.69 -4.73
C LEU A 127 4.96 11.69 -5.87
N LEU A 128 4.10 12.69 -5.66
CA LEU A 128 3.77 13.64 -6.71
C LEU A 128 4.81 14.75 -6.78
N ALA A 129 5.21 15.25 -5.62
CA ALA A 129 6.18 16.32 -5.52
C ALA A 129 6.60 16.51 -4.06
N VAL A 130 7.45 17.49 -3.82
CA VAL A 130 7.85 17.82 -2.46
C VAL A 130 7.06 19.06 -1.99
N MET A 1 -31.18 -8.03 -9.33
CA MET A 1 -30.20 -9.09 -9.63
C MET A 1 -29.73 -9.76 -8.33
N ALA A 2 -29.91 -11.08 -8.25
CA ALA A 2 -29.48 -11.84 -7.08
C ALA A 2 -27.96 -11.96 -7.04
N HIS A 3 -27.42 -12.19 -5.85
CA HIS A 3 -25.98 -12.31 -5.68
C HIS A 3 -25.53 -13.76 -5.85
N HIS A 4 -25.08 -14.11 -7.06
CA HIS A 4 -24.48 -15.41 -7.31
C HIS A 4 -23.27 -15.61 -6.39
N HIS A 5 -23.32 -16.68 -5.60
CA HIS A 5 -22.34 -16.90 -4.54
C HIS A 5 -21.01 -17.39 -5.11
N HIS A 6 -20.02 -16.48 -5.15
CA HIS A 6 -18.67 -16.86 -5.54
C HIS A 6 -18.06 -17.74 -4.45
N HIS A 7 -17.86 -19.00 -4.78
CA HIS A 7 -17.33 -19.97 -3.82
C HIS A 7 -15.88 -19.68 -3.49
N HIS A 8 -15.46 -20.04 -2.28
CA HIS A 8 -14.07 -19.87 -1.86
C HIS A 8 -13.24 -21.05 -2.36
N MET A 9 -13.61 -22.25 -1.91
CA MET A 9 -13.00 -23.51 -2.38
C MET A 9 -11.48 -23.46 -2.32
N GLY A 10 -10.95 -22.67 -1.40
CA GLY A 10 -9.50 -22.54 -1.24
C GLY A 10 -9.06 -21.11 -1.41
N THR A 11 -8.87 -20.69 -2.66
CA THR A 11 -8.40 -19.34 -2.97
C THR A 11 -7.00 -19.10 -2.40
N LEU A 12 -6.93 -18.85 -1.09
CA LEU A 12 -5.66 -18.66 -0.38
C LEU A 12 -5.86 -18.86 1.11
N GLU A 13 -7.03 -19.38 1.48
CA GLU A 13 -7.41 -19.56 2.87
C GLU A 13 -6.91 -20.91 3.39
N ALA A 14 -6.67 -20.99 4.69
CA ALA A 14 -6.18 -22.20 5.36
C ALA A 14 -4.68 -22.43 5.07
N GLN A 15 -4.25 -22.10 3.87
CA GLN A 15 -2.85 -22.20 3.49
C GLN A 15 -1.99 -21.33 4.40
N THR A 16 -0.83 -21.84 4.80
CA THR A 16 0.06 -21.13 5.70
C THR A 16 0.89 -20.07 4.95
N GLN A 17 0.18 -19.11 4.35
CA GLN A 17 0.80 -17.99 3.64
C GLN A 17 -0.29 -17.13 3.01
N GLY A 18 -0.58 -15.98 3.60
CA GLY A 18 -1.60 -15.10 3.08
C GLY A 18 -1.56 -13.72 3.74
N PRO A 19 -1.91 -12.65 3.00
CA PRO A 19 -1.92 -11.29 3.54
C PRO A 19 -3.03 -11.10 4.58
N GLY A 20 -2.81 -11.65 5.77
CA GLY A 20 -3.77 -11.53 6.85
C GLY A 20 -3.12 -11.15 8.15
N SER A 21 -3.13 -12.07 9.11
CA SER A 21 -2.59 -11.81 10.45
C SER A 21 -1.08 -12.05 10.51
N MET A 22 -0.44 -12.21 9.35
CA MET A 22 1.02 -12.34 9.29
C MET A 22 1.66 -11.01 9.69
N SER A 23 2.49 -11.06 10.73
CA SER A 23 3.02 -9.87 11.37
C SER A 23 3.80 -8.96 10.42
N ALA A 24 4.89 -9.49 9.85
CA ALA A 24 5.77 -8.69 9.00
C ALA A 24 5.68 -9.14 7.55
N GLN A 25 5.13 -8.28 6.71
CA GLN A 25 5.05 -8.53 5.27
C GLN A 25 5.66 -7.33 4.53
N LEU A 26 6.36 -7.60 3.43
CA LEU A 26 7.00 -6.54 2.66
C LEU A 26 7.00 -6.89 1.17
N GLU A 27 6.13 -6.24 0.42
CA GLU A 27 6.15 -6.31 -1.05
C GLU A 27 5.92 -4.93 -1.62
N LYS A 28 6.86 -4.46 -2.43
CA LYS A 28 6.71 -3.20 -3.14
C LYS A 28 6.80 -3.44 -4.65
N LYS A 29 5.76 -3.04 -5.35
CA LYS A 29 5.68 -3.25 -6.79
C LYS A 29 5.67 -1.92 -7.52
N VAL A 30 6.76 -1.62 -8.22
CA VAL A 30 6.90 -0.35 -8.94
C VAL A 30 5.90 -0.27 -10.08
N LEU A 31 4.84 0.51 -9.88
CA LEU A 31 3.80 0.68 -10.90
C LEU A 31 4.17 1.84 -11.82
N THR A 32 5.02 2.73 -11.32
CA THR A 32 5.51 3.86 -12.09
C THR A 32 6.92 4.24 -11.62
N PRO A 33 7.95 4.02 -12.46
CA PRO A 33 9.33 4.37 -12.14
C PRO A 33 9.52 5.89 -12.07
N GLY A 34 9.93 6.38 -10.90
CA GLY A 34 10.11 7.80 -10.72
C GLY A 34 11.50 8.27 -11.12
N ASP A 35 11.76 9.56 -10.92
CA ASP A 35 13.06 10.15 -11.28
C ASP A 35 14.20 9.46 -10.54
N GLY A 36 13.94 9.00 -9.33
CA GLY A 36 14.93 8.28 -8.56
C GLY A 36 15.99 9.18 -7.93
N VAL A 37 16.30 10.31 -8.58
CA VAL A 37 17.29 11.24 -8.08
C VAL A 37 16.72 12.12 -6.96
N THR A 38 15.45 12.51 -7.12
CA THR A 38 14.77 13.35 -6.14
C THR A 38 14.59 12.60 -4.82
N LYS A 39 15.52 12.79 -3.91
CA LYS A 39 15.50 12.11 -2.62
C LYS A 39 15.01 13.07 -1.52
N PRO A 40 13.85 12.77 -0.91
CA PRO A 40 13.29 13.57 0.18
C PRO A 40 14.00 13.32 1.51
N GLN A 41 13.47 13.90 2.59
CA GLN A 41 14.04 13.76 3.93
C GLN A 41 12.98 14.01 4.99
N ALA A 42 13.28 13.62 6.22
CA ALA A 42 12.38 13.87 7.34
C ALA A 42 12.37 15.35 7.70
N GLY A 43 11.18 15.93 7.76
CA GLY A 43 11.03 17.36 8.01
C GLY A 43 10.90 18.14 6.74
N LYS A 44 10.28 17.53 5.72
CA LYS A 44 10.08 18.17 4.43
C LYS A 44 8.61 18.09 4.03
N LYS A 45 8.04 19.23 3.65
CA LYS A 45 6.67 19.28 3.16
C LYS A 45 6.60 18.69 1.75
N VAL A 46 6.01 17.49 1.64
CA VAL A 46 5.94 16.78 0.36
C VAL A 46 4.49 16.56 -0.06
N THR A 47 4.29 16.34 -1.37
CA THR A 47 2.96 16.09 -1.93
C THR A 47 2.88 14.64 -2.43
N VAL A 48 1.98 13.87 -1.80
CA VAL A 48 1.86 12.44 -2.08
C VAL A 48 0.46 12.08 -2.57
N HIS A 49 0.28 10.80 -2.88
CA HIS A 49 -1.01 10.24 -3.28
C HIS A 49 -1.07 8.78 -2.84
N TYR A 50 -2.22 8.34 -2.35
CA TYR A 50 -2.38 6.99 -1.83
C TYR A 50 -3.72 6.40 -2.27
N ASP A 51 -3.78 5.07 -2.31
CA ASP A 51 -5.04 4.35 -2.56
C ASP A 51 -4.96 2.96 -1.90
N GLY A 52 -6.10 2.33 -1.67
CA GLY A 52 -6.12 1.06 -0.95
C GLY A 52 -6.96 0.00 -1.65
N ARG A 53 -6.58 -1.26 -1.44
CA ARG A 53 -7.30 -2.40 -2.01
C ARG A 53 -7.18 -3.61 -1.08
N PHE A 54 -8.15 -4.51 -1.17
CA PHE A 54 -8.17 -5.71 -0.34
C PHE A 54 -7.38 -6.83 -1.00
N PRO A 55 -6.78 -7.73 -0.20
CA PRO A 55 -5.96 -8.84 -0.70
C PRO A 55 -6.72 -9.75 -1.69
N ASP A 56 -8.03 -9.88 -1.49
CA ASP A 56 -8.86 -10.74 -2.33
C ASP A 56 -8.94 -10.18 -3.75
N GLY A 57 -9.08 -8.85 -3.86
CA GLY A 57 -9.15 -8.22 -5.17
C GLY A 57 -10.08 -7.02 -5.22
N LYS A 58 -11.08 -7.00 -4.35
CA LYS A 58 -12.06 -5.91 -4.34
C LYS A 58 -11.44 -4.65 -3.71
N GLN A 59 -12.10 -3.51 -3.93
CA GLN A 59 -11.63 -2.23 -3.41
C GLN A 59 -12.78 -1.47 -2.79
N PHE A 60 -12.51 -0.79 -1.67
CA PHE A 60 -13.54 -0.05 -0.93
C PHE A 60 -13.93 1.21 -1.71
N ASP A 61 -12.93 2.01 -2.04
CA ASP A 61 -13.13 3.23 -2.84
C ASP A 61 -11.86 3.53 -3.62
N SER A 62 -12.03 4.03 -4.84
CA SER A 62 -10.90 4.24 -5.75
C SER A 62 -10.31 5.65 -5.61
N SER A 63 -9.32 5.78 -4.73
CA SER A 63 -8.62 7.05 -4.55
C SER A 63 -7.70 7.33 -5.74
N ARG A 64 -7.29 6.27 -6.43
CA ARG A 64 -6.45 6.39 -7.61
C ARG A 64 -7.22 7.06 -8.75
N SER A 65 -8.52 6.74 -8.81
CA SER A 65 -9.40 7.30 -9.83
C SER A 65 -9.72 8.77 -9.54
N ARG A 66 -9.85 9.11 -8.27
CA ARG A 66 -10.16 10.49 -7.88
C ARG A 66 -8.93 11.38 -7.99
N GLY A 67 -7.76 10.76 -7.82
CA GLY A 67 -6.50 11.50 -7.94
C GLY A 67 -6.36 12.59 -6.88
N LYS A 68 -6.84 12.30 -5.68
CA LYS A 68 -6.73 13.24 -4.56
C LYS A 68 -5.33 13.19 -3.96
N PRO A 69 -4.57 14.30 -4.05
CA PRO A 69 -3.23 14.40 -3.45
C PRO A 69 -3.30 14.72 -1.95
N PHE A 70 -2.16 14.61 -1.27
CA PHE A 70 -2.08 14.88 0.15
C PHE A 70 -0.70 15.45 0.47
N GLN A 71 -0.66 16.70 0.93
CA GLN A 71 0.60 17.36 1.27
C GLN A 71 0.80 17.32 2.77
N PHE A 72 1.97 16.83 3.21
CA PHE A 72 2.26 16.72 4.64
C PHE A 72 3.76 16.78 4.88
N THR A 73 4.14 16.90 6.15
CA THR A 73 5.54 16.89 6.55
C THR A 73 6.03 15.45 6.70
N LEU A 74 6.81 15.00 5.73
CA LEU A 74 7.34 13.64 5.72
C LEU A 74 8.19 13.39 6.97
N GLY A 75 8.04 12.19 7.56
CA GLY A 75 8.79 11.86 8.76
C GLY A 75 8.11 12.34 10.01
N ALA A 76 6.78 12.50 9.93
CA ALA A 76 5.99 12.96 11.07
C ALA A 76 4.76 12.07 11.27
N GLY A 77 3.96 12.36 12.28
CA GLY A 77 2.76 11.59 12.55
C GLY A 77 1.56 12.12 11.79
N GLU A 78 1.78 12.54 10.55
CA GLU A 78 0.71 13.06 9.71
C GLU A 78 -0.16 11.90 9.22
N VAL A 79 0.48 10.77 8.99
CA VAL A 79 -0.19 9.54 8.56
C VAL A 79 0.47 8.35 9.25
N ILE A 80 -0.13 7.17 9.12
CA ILE A 80 0.47 5.94 9.66
C ILE A 80 1.86 5.72 9.04
N LYS A 81 2.80 5.26 9.85
CA LYS A 81 4.19 5.10 9.41
C LYS A 81 4.32 4.12 8.26
N GLY A 82 3.29 3.30 8.03
CA GLY A 82 3.26 2.47 6.85
C GLY A 82 3.36 3.32 5.59
N TRP A 83 2.48 4.32 5.51
CA TRP A 83 2.46 5.23 4.36
C TRP A 83 3.64 6.19 4.43
N ASP A 84 3.90 6.72 5.61
CA ASP A 84 5.00 7.68 5.83
C ASP A 84 6.32 7.10 5.31
N GLN A 85 6.67 5.91 5.80
CA GLN A 85 7.90 5.24 5.38
C GLN A 85 7.78 4.76 3.94
N GLY A 86 6.64 4.17 3.60
CA GLY A 86 6.42 3.65 2.26
C GLY A 86 6.70 4.70 1.19
N VAL A 87 6.15 5.89 1.38
CA VAL A 87 6.39 6.98 0.45
C VAL A 87 7.79 7.57 0.66
N ALA A 88 8.26 7.58 1.90
CA ALA A 88 9.58 8.12 2.23
C ALA A 88 10.70 7.37 1.50
N THR A 89 10.49 6.08 1.23
CA THR A 89 11.52 5.26 0.60
C THR A 89 11.53 5.42 -0.94
N MET A 90 10.52 6.09 -1.50
CA MET A 90 10.45 6.28 -2.97
C MET A 90 10.87 7.70 -3.36
N THR A 91 10.65 8.06 -4.63
CA THR A 91 11.06 9.37 -5.15
C THR A 91 9.94 10.03 -5.96
N LEU A 92 10.21 11.24 -6.47
CA LEU A 92 9.21 12.02 -7.21
C LEU A 92 8.83 11.31 -8.52
N GLY A 93 7.52 11.33 -8.82
CA GLY A 93 7.01 10.72 -10.03
C GLY A 93 6.98 9.21 -9.94
N GLU A 94 7.14 8.70 -8.74
CA GLU A 94 7.23 7.27 -8.50
C GLU A 94 6.00 6.77 -7.76
N LYS A 95 5.44 5.66 -8.24
CA LYS A 95 4.26 5.06 -7.65
C LYS A 95 4.48 3.55 -7.51
N ALA A 96 4.21 3.03 -6.32
CA ALA A 96 4.41 1.62 -6.04
C ALA A 96 3.22 1.04 -5.27
N LEU A 97 2.89 -0.20 -5.57
CA LEU A 97 1.87 -0.95 -4.84
C LEU A 97 2.55 -1.70 -3.70
N PHE A 98 2.28 -1.27 -2.48
CA PHE A 98 2.95 -1.84 -1.31
C PHE A 98 1.94 -2.61 -0.45
N THR A 99 2.36 -3.76 0.04
CA THR A 99 1.53 -4.56 0.93
C THR A 99 1.80 -4.15 2.39
N ILE A 100 0.83 -3.44 2.98
CA ILE A 100 0.99 -2.89 4.33
C ILE A 100 0.44 -3.85 5.38
N PRO A 101 1.32 -4.40 6.24
CA PRO A 101 0.93 -5.29 7.34
C PRO A 101 0.30 -4.51 8.50
N TYR A 102 -0.46 -5.21 9.34
CA TYR A 102 -1.21 -4.56 10.42
C TYR A 102 -0.29 -3.83 11.40
N GLN A 103 0.96 -4.28 11.50
CA GLN A 103 1.91 -3.68 12.44
C GLN A 103 2.25 -2.25 12.04
N LEU A 104 1.98 -1.90 10.79
CA LEU A 104 2.31 -0.57 10.25
C LEU A 104 1.04 0.21 9.90
N ALA A 105 -0.10 -0.27 10.39
CA ALA A 105 -1.38 0.34 10.04
C ALA A 105 -2.43 0.12 11.14
N TYR A 106 -3.59 0.72 10.96
CA TYR A 106 -4.71 0.56 11.88
C TYR A 106 -5.32 -0.85 11.75
N GLY A 107 -4.91 -1.56 10.69
CA GLY A 107 -5.47 -2.87 10.39
C GLY A 107 -5.38 -3.85 11.53
N GLU A 108 -4.55 -3.54 12.53
CA GLU A 108 -4.44 -4.37 13.73
C GLU A 108 -5.77 -4.38 14.49
N ARG A 109 -6.25 -3.19 14.80
CA ARG A 109 -7.48 -3.02 15.58
C ARG A 109 -8.67 -2.76 14.65
N GLY A 110 -8.37 -2.61 13.36
CA GLY A 110 -9.40 -2.47 12.35
C GLY A 110 -10.24 -1.21 12.49
N TYR A 111 -11.35 -1.35 13.25
CA TYR A 111 -12.40 -0.32 13.42
C TYR A 111 -13.61 -0.59 12.50
N PRO A 112 -13.49 -0.50 11.15
CA PRO A 112 -14.59 -0.84 10.24
C PRO A 112 -14.76 -2.36 10.13
N PRO A 113 -16.02 -2.86 10.20
CA PRO A 113 -16.31 -4.31 10.14
C PRO A 113 -15.86 -4.94 8.82
N VAL A 114 -15.57 -4.10 7.83
CA VAL A 114 -15.09 -4.57 6.54
C VAL A 114 -13.61 -5.00 6.64
N ILE A 115 -12.94 -4.49 7.66
CA ILE A 115 -11.53 -4.80 7.90
C ILE A 115 -11.40 -5.86 8.99
N PRO A 116 -10.86 -7.05 8.65
CA PRO A 116 -10.63 -8.12 9.63
C PRO A 116 -9.60 -7.70 10.71
N PRO A 117 -9.68 -8.32 11.90
CA PRO A 117 -8.75 -8.00 13.00
C PRO A 117 -7.32 -8.41 12.67
N LYS A 118 -6.39 -7.46 12.80
CA LYS A 118 -4.98 -7.67 12.46
C LYS A 118 -4.84 -8.11 11.01
N ALA A 119 -5.48 -7.36 10.12
CA ALA A 119 -5.47 -7.68 8.69
C ALA A 119 -4.39 -6.88 7.96
N THR A 120 -3.85 -7.47 6.90
CA THR A 120 -2.89 -6.81 6.03
C THR A 120 -3.58 -6.32 4.77
N LEU A 121 -3.35 -5.06 4.40
CA LEU A 121 -4.06 -4.45 3.27
C LEU A 121 -3.08 -4.02 2.17
N VAL A 122 -3.61 -3.81 0.97
CA VAL A 122 -2.80 -3.35 -0.15
C VAL A 122 -2.98 -1.85 -0.31
N PHE A 123 -1.88 -1.11 -0.44
CA PHE A 123 -1.94 0.34 -0.60
C PHE A 123 -1.00 0.81 -1.71
N GLU A 124 -1.56 1.51 -2.68
CA GLU A 124 -0.79 2.15 -3.73
C GLU A 124 -0.33 3.51 -3.24
N VAL A 125 0.97 3.66 -3.03
CA VAL A 125 1.56 4.91 -2.58
C VAL A 125 2.32 5.57 -3.72
N GLU A 126 2.26 6.90 -3.78
CA GLU A 126 2.82 7.66 -4.89
C GLU A 126 3.34 9.01 -4.41
N LEU A 127 4.56 9.35 -4.82
CA LEU A 127 5.16 10.64 -4.49
C LEU A 127 5.07 11.57 -5.71
N LEU A 128 4.26 12.64 -5.59
CA LEU A 128 4.04 13.55 -6.70
C LEU A 128 5.07 14.68 -6.70
N ALA A 129 5.35 15.24 -5.53
CA ALA A 129 6.29 16.35 -5.43
C ALA A 129 7.07 16.28 -4.12
N VAL A 130 8.35 16.63 -4.18
CA VAL A 130 9.21 16.68 -3.01
C VAL A 130 9.31 18.12 -2.51
N MET A 1 25.55 -37.38 -34.08
CA MET A 1 25.09 -36.37 -33.08
C MET A 1 23.84 -35.66 -33.58
N ALA A 2 22.72 -35.85 -32.88
CA ALA A 2 21.46 -35.24 -33.26
C ALA A 2 20.97 -34.28 -32.17
N HIS A 3 20.97 -32.98 -32.49
CA HIS A 3 20.45 -31.96 -31.58
C HIS A 3 18.92 -31.94 -31.68
N HIS A 4 18.25 -32.61 -30.75
CA HIS A 4 16.79 -32.71 -30.79
C HIS A 4 16.22 -33.00 -29.39
N HIS A 5 15.26 -32.18 -28.97
CA HIS A 5 14.61 -32.32 -27.66
C HIS A 5 13.31 -33.10 -27.77
N HIS A 6 12.89 -33.70 -26.66
CA HIS A 6 11.57 -34.30 -26.54
C HIS A 6 10.74 -33.46 -25.58
N HIS A 7 9.76 -32.72 -26.11
CA HIS A 7 9.04 -31.71 -25.32
C HIS A 7 7.78 -32.30 -24.69
N HIS A 8 7.65 -32.14 -23.37
CA HIS A 8 6.48 -32.58 -22.62
C HIS A 8 5.95 -31.42 -21.78
N MET A 9 4.65 -31.18 -21.86
CA MET A 9 4.04 -30.02 -21.19
C MET A 9 3.30 -30.44 -19.92
N GLY A 10 2.99 -29.44 -19.11
CA GLY A 10 2.24 -29.66 -17.89
C GLY A 10 1.89 -28.34 -17.22
N THR A 11 0.70 -28.25 -16.65
CA THR A 11 0.24 -27.01 -16.02
C THR A 11 -0.79 -27.33 -14.94
N LEU A 12 -0.62 -26.72 -13.76
CA LEU A 12 -1.50 -26.94 -12.62
C LEU A 12 -2.00 -25.61 -12.07
N GLU A 13 -3.23 -25.61 -11.56
CA GLU A 13 -3.78 -24.45 -10.88
C GLU A 13 -3.73 -24.69 -9.37
N ALA A 14 -3.51 -23.62 -8.60
CA ALA A 14 -3.33 -23.73 -7.16
C ALA A 14 -4.53 -23.17 -6.40
N GLN A 15 -4.70 -23.64 -5.17
CA GLN A 15 -5.74 -23.17 -4.28
C GLN A 15 -5.21 -21.94 -3.53
N THR A 16 -5.49 -20.76 -4.07
CA THR A 16 -4.88 -19.52 -3.61
C THR A 16 -5.84 -18.69 -2.74
N GLN A 17 -6.78 -19.36 -2.08
CA GLN A 17 -7.69 -18.67 -1.17
C GLN A 17 -7.00 -18.39 0.15
N GLY A 18 -6.15 -17.36 0.15
CA GLY A 18 -5.44 -16.98 1.36
C GLY A 18 -5.03 -15.51 1.34
N PRO A 19 -6.00 -14.58 1.21
CA PRO A 19 -5.69 -13.15 1.26
C PRO A 19 -5.26 -12.73 2.66
N GLY A 20 -3.97 -12.91 2.94
CA GLY A 20 -3.45 -12.68 4.27
C GLY A 20 -3.45 -13.95 5.08
N SER A 21 -2.96 -15.03 4.47
CA SER A 21 -2.87 -16.33 5.13
C SER A 21 -2.01 -16.22 6.39
N MET A 22 -0.73 -15.90 6.20
CA MET A 22 0.17 -15.64 7.30
C MET A 22 -0.03 -14.23 7.84
N SER A 23 0.11 -14.06 9.15
CA SER A 23 -0.03 -12.75 9.78
C SER A 23 0.90 -11.73 9.12
N ALA A 24 2.06 -12.19 8.68
CA ALA A 24 3.05 -11.34 8.03
C ALA A 24 3.09 -11.60 6.53
N GLN A 25 2.53 -10.67 5.76
CA GLN A 25 2.59 -10.71 4.30
C GLN A 25 3.19 -9.40 3.79
N LEU A 26 4.11 -9.49 2.83
CA LEU A 26 4.82 -8.31 2.33
C LEU A 26 5.13 -8.45 0.85
N GLU A 27 4.48 -7.63 0.03
CA GLU A 27 4.83 -7.49 -1.38
C GLU A 27 4.98 -6.01 -1.74
N LYS A 28 6.00 -5.71 -2.54
CA LYS A 28 6.22 -4.36 -3.04
C LYS A 28 6.62 -4.41 -4.50
N LYS A 29 5.74 -3.92 -5.37
CA LYS A 29 5.98 -3.96 -6.81
C LYS A 29 5.75 -2.55 -7.39
N VAL A 30 6.82 -1.98 -7.95
CA VAL A 30 6.76 -0.63 -8.51
C VAL A 30 5.78 -0.57 -9.68
N LEU A 31 4.96 0.48 -9.70
CA LEU A 31 3.96 0.66 -10.76
C LEU A 31 4.47 1.69 -11.77
N THR A 32 5.30 2.60 -11.31
CA THR A 32 5.92 3.62 -12.15
C THR A 32 7.25 4.05 -11.52
N PRO A 33 8.39 3.73 -12.16
CA PRO A 33 9.72 4.09 -11.63
C PRO A 33 9.90 5.61 -11.55
N GLY A 34 10.44 6.08 -10.43
CA GLY A 34 10.60 7.51 -10.21
C GLY A 34 11.88 8.06 -10.81
N ASP A 35 12.07 9.36 -10.68
CA ASP A 35 13.25 10.04 -11.22
C ASP A 35 14.52 9.56 -10.50
N GLY A 36 14.37 9.17 -9.23
CA GLY A 36 15.43 8.47 -8.52
C GLY A 36 16.42 9.37 -7.79
N VAL A 37 16.65 10.58 -8.30
CA VAL A 37 17.69 11.45 -7.74
C VAL A 37 17.17 12.34 -6.61
N THR A 38 15.86 12.58 -6.60
CA THR A 38 15.25 13.46 -5.60
C THR A 38 15.43 12.88 -4.19
N LYS A 39 15.99 13.69 -3.30
CA LYS A 39 16.29 13.25 -1.94
C LYS A 39 15.21 13.73 -0.94
N PRO A 40 14.64 12.81 -0.16
CA PRO A 40 13.69 13.14 0.90
C PRO A 40 14.40 13.37 2.24
N GLN A 41 13.73 14.05 3.16
CA GLN A 41 14.29 14.32 4.49
C GLN A 41 13.16 14.61 5.48
N ALA A 42 13.46 14.44 6.76
CA ALA A 42 12.51 14.72 7.82
C ALA A 42 12.35 16.22 8.00
N GLY A 43 11.19 16.74 7.62
CA GLY A 43 10.92 18.17 7.77
C GLY A 43 10.28 18.79 6.55
N LYS A 44 10.42 18.15 5.40
CA LYS A 44 9.83 18.66 4.17
C LYS A 44 8.37 18.24 4.05
N LYS A 45 7.50 19.22 3.78
CA LYS A 45 6.11 18.95 3.49
C LYS A 45 6.02 18.34 2.09
N VAL A 46 5.66 17.07 2.03
CA VAL A 46 5.65 16.35 0.76
C VAL A 46 4.23 16.13 0.27
N THR A 47 4.07 16.21 -1.05
CA THR A 47 2.80 15.97 -1.69
C THR A 47 2.75 14.55 -2.27
N VAL A 48 1.92 13.72 -1.68
CA VAL A 48 1.83 12.31 -2.02
C VAL A 48 0.41 11.95 -2.47
N HIS A 49 0.22 10.71 -2.85
CA HIS A 49 -1.07 10.23 -3.32
C HIS A 49 -1.24 8.76 -2.92
N TYR A 50 -2.43 8.40 -2.42
CA TYR A 50 -2.68 7.04 -1.93
C TYR A 50 -3.90 6.43 -2.60
N ASP A 51 -3.91 5.09 -2.69
CA ASP A 51 -5.11 4.34 -3.03
C ASP A 51 -5.10 3.02 -2.26
N GLY A 52 -6.27 2.44 -2.02
CA GLY A 52 -6.37 1.26 -1.16
C GLY A 52 -6.85 0.02 -1.90
N ARG A 53 -6.15 -1.09 -1.70
CA ARG A 53 -6.47 -2.34 -2.38
C ARG A 53 -6.29 -3.53 -1.44
N PHE A 54 -7.15 -4.53 -1.59
CA PHE A 54 -7.04 -5.79 -0.84
C PHE A 54 -5.99 -6.69 -1.50
N PRO A 55 -5.27 -7.50 -0.70
CA PRO A 55 -4.14 -8.32 -1.19
C PRO A 55 -4.52 -9.23 -2.37
N ASP A 56 -5.80 -9.58 -2.48
CA ASP A 56 -6.25 -10.48 -3.54
C ASP A 56 -6.28 -9.75 -4.88
N GLY A 57 -6.62 -8.46 -4.85
CA GLY A 57 -6.70 -7.66 -6.06
C GLY A 57 -7.96 -6.80 -6.11
N LYS A 58 -8.90 -7.07 -5.20
CA LYS A 58 -10.15 -6.31 -5.13
C LYS A 58 -9.89 -4.94 -4.48
N GLN A 59 -10.64 -3.93 -4.91
CA GLN A 59 -10.57 -2.60 -4.30
C GLN A 59 -11.97 -2.04 -4.12
N PHE A 60 -12.27 -1.61 -2.90
CA PHE A 60 -13.61 -1.14 -2.53
C PHE A 60 -13.96 0.17 -3.24
N ASP A 61 -12.97 1.03 -3.41
CA ASP A 61 -13.16 2.32 -4.07
C ASP A 61 -11.81 2.92 -4.43
N SER A 62 -11.67 3.37 -5.67
CA SER A 62 -10.41 3.89 -6.16
C SER A 62 -10.27 5.37 -5.83
N SER A 63 -9.35 5.70 -4.92
CA SER A 63 -9.13 7.07 -4.49
C SER A 63 -8.30 7.85 -5.51
N ARG A 64 -7.65 7.14 -6.42
CA ARG A 64 -6.80 7.76 -7.43
C ARG A 64 -7.64 8.58 -8.41
N SER A 65 -8.86 8.12 -8.67
CA SER A 65 -9.74 8.75 -9.65
C SER A 65 -10.17 10.15 -9.19
N ARG A 66 -10.11 10.40 -7.88
CA ARG A 66 -10.49 11.70 -7.33
C ARG A 66 -9.38 12.74 -7.59
N GLY A 67 -8.24 12.27 -8.07
CA GLY A 67 -7.18 13.15 -8.58
C GLY A 67 -6.64 14.16 -7.57
N LYS A 68 -7.04 14.05 -6.31
CA LYS A 68 -6.54 14.95 -5.28
C LYS A 68 -5.42 14.29 -4.49
N PRO A 69 -4.27 14.98 -4.35
CA PRO A 69 -3.15 14.50 -3.54
C PRO A 69 -3.29 14.92 -2.08
N PHE A 70 -2.33 14.49 -1.26
CA PHE A 70 -2.33 14.81 0.17
C PHE A 70 -0.93 15.26 0.58
N GLN A 71 -0.86 16.35 1.32
CA GLN A 71 0.43 16.89 1.77
C GLN A 71 0.64 16.60 3.25
N PHE A 72 1.84 16.13 3.60
CA PHE A 72 2.19 15.92 5.01
C PHE A 72 3.69 16.05 5.20
N THR A 73 4.11 16.39 6.42
CA THR A 73 5.52 16.54 6.74
C THR A 73 6.18 15.16 6.86
N LEU A 74 7.04 14.84 5.89
CA LEU A 74 7.72 13.55 5.87
C LEU A 74 8.70 13.44 7.04
N GLY A 75 8.71 12.29 7.69
CA GLY A 75 9.58 12.07 8.83
C GLY A 75 8.94 12.51 10.14
N ALA A 76 7.70 12.96 10.06
CA ALA A 76 6.95 13.40 11.24
C ALA A 76 5.73 12.51 11.45
N GLY A 77 5.10 12.63 12.62
CA GLY A 77 3.93 11.82 12.93
C GLY A 77 2.66 12.35 12.31
N GLU A 78 2.72 12.62 11.00
CA GLU A 78 1.58 13.15 10.26
C GLU A 78 0.61 12.02 9.92
N VAL A 79 1.17 10.92 9.43
CA VAL A 79 0.39 9.74 9.06
C VAL A 79 1.04 8.49 9.66
N ILE A 80 0.37 7.35 9.49
CA ILE A 80 0.91 6.07 9.97
C ILE A 80 2.28 5.78 9.34
N LYS A 81 3.17 5.19 10.13
CA LYS A 81 4.53 4.87 9.69
C LYS A 81 4.52 4.00 8.43
N GLY A 82 3.42 3.28 8.20
CA GLY A 82 3.27 2.52 6.98
C GLY A 82 3.35 3.42 5.76
N TRP A 83 2.54 4.46 5.75
CA TRP A 83 2.51 5.41 4.64
C TRP A 83 3.80 6.24 4.62
N ASP A 84 4.28 6.61 5.81
CA ASP A 84 5.54 7.35 5.95
C ASP A 84 6.66 6.62 5.18
N GLN A 85 6.86 5.35 5.50
CA GLN A 85 7.88 4.54 4.83
C GLN A 85 7.54 4.38 3.35
N GLY A 86 6.26 4.12 3.06
CA GLY A 86 5.82 3.91 1.69
C GLY A 86 6.23 5.04 0.77
N VAL A 87 5.98 6.27 1.19
CA VAL A 87 6.39 7.44 0.41
C VAL A 87 7.89 7.69 0.52
N ALA A 88 8.46 7.39 1.69
CA ALA A 88 9.88 7.63 1.95
C ALA A 88 10.77 6.62 1.21
N THR A 89 10.17 5.54 0.71
CA THR A 89 10.92 4.54 -0.05
C THR A 89 10.82 4.80 -1.56
N MET A 90 10.31 5.98 -1.94
CA MET A 90 10.19 6.34 -3.37
C MET A 90 10.71 7.75 -3.64
N THR A 91 10.58 8.18 -4.90
CA THR A 91 11.09 9.47 -5.34
C THR A 91 10.07 10.19 -6.23
N LEU A 92 10.43 11.41 -6.68
CA LEU A 92 9.55 12.24 -7.51
C LEU A 92 9.01 11.45 -8.72
N GLY A 93 7.69 11.42 -8.85
CA GLY A 93 7.05 10.80 -10.01
C GLY A 93 6.87 9.31 -9.86
N GLU A 94 7.33 8.78 -8.74
CA GLU A 94 7.33 7.34 -8.51
C GLU A 94 6.01 6.88 -7.90
N LYS A 95 5.55 5.71 -8.31
CA LYS A 95 4.32 5.13 -7.82
C LYS A 95 4.50 3.62 -7.69
N ALA A 96 4.08 3.05 -6.57
CA ALA A 96 4.31 1.64 -6.30
C ALA A 96 3.19 1.03 -5.47
N LEU A 97 2.93 -0.25 -5.72
CA LEU A 97 1.97 -1.02 -4.95
C LEU A 97 2.68 -1.67 -3.77
N PHE A 98 2.39 -1.20 -2.56
CA PHE A 98 3.10 -1.67 -1.36
C PHE A 98 2.12 -2.24 -0.35
N THR A 99 2.48 -3.40 0.21
CA THR A 99 1.67 -4.05 1.22
C THR A 99 1.89 -3.40 2.59
N ILE A 100 0.83 -2.87 3.18
CA ILE A 100 0.91 -2.26 4.51
C ILE A 100 0.43 -3.25 5.57
N PRO A 101 1.37 -3.80 6.38
CA PRO A 101 1.04 -4.72 7.47
C PRO A 101 0.16 -4.03 8.52
N TYR A 102 -0.74 -4.78 9.12
CA TYR A 102 -1.69 -4.24 10.09
C TYR A 102 -0.97 -3.48 11.20
N GLN A 103 0.20 -3.98 11.60
CA GLN A 103 0.96 -3.40 12.70
C GLN A 103 1.41 -1.98 12.39
N LEU A 104 1.57 -1.68 11.09
CA LEU A 104 2.04 -0.36 10.66
C LEU A 104 0.87 0.52 10.23
N ALA A 105 -0.35 0.09 10.54
CA ALA A 105 -1.56 0.81 10.15
C ALA A 105 -2.63 0.69 11.22
N TYR A 106 -3.80 1.27 10.92
CA TYR A 106 -4.96 1.18 11.81
C TYR A 106 -5.60 -0.21 11.75
N GLY A 107 -5.17 -1.01 10.76
CA GLY A 107 -5.68 -2.36 10.60
C GLY A 107 -5.31 -3.25 11.76
N GLU A 108 -4.36 -2.80 12.57
CA GLU A 108 -3.95 -3.50 13.78
C GLU A 108 -5.16 -3.71 14.69
N ARG A 109 -5.83 -2.62 15.03
CA ARG A 109 -7.01 -2.67 15.88
C ARG A 109 -8.26 -2.94 15.05
N GLY A 110 -8.35 -2.28 13.90
CA GLY A 110 -9.55 -2.37 13.07
C GLY A 110 -10.65 -1.47 13.59
N TYR A 111 -11.41 -0.88 12.67
CA TYR A 111 -12.50 0.04 13.03
C TYR A 111 -13.69 -0.14 12.08
N PRO A 112 -13.49 -0.10 10.74
CA PRO A 112 -14.54 -0.42 9.79
C PRO A 112 -14.67 -1.94 9.60
N PRO A 113 -15.89 -2.48 9.54
CA PRO A 113 -16.12 -3.93 9.45
C PRO A 113 -15.41 -4.58 8.24
N VAL A 114 -15.09 -3.76 7.25
CA VAL A 114 -14.38 -4.24 6.05
C VAL A 114 -12.90 -4.48 6.36
N ILE A 115 -12.41 -3.79 7.39
CA ILE A 115 -11.03 -3.94 7.86
C ILE A 115 -11.03 -4.33 9.34
N PRO A 116 -11.09 -5.63 9.63
CA PRO A 116 -11.17 -6.14 11.01
C PRO A 116 -9.80 -6.09 11.72
N PRO A 117 -9.77 -6.40 13.04
CA PRO A 117 -8.52 -6.47 13.80
C PRO A 117 -7.43 -7.29 13.10
N LYS A 118 -6.23 -6.71 13.05
CA LYS A 118 -5.06 -7.35 12.46
C LYS A 118 -5.25 -7.63 10.96
N ALA A 119 -5.91 -6.70 10.29
CA ALA A 119 -6.10 -6.79 8.84
C ALA A 119 -5.01 -6.02 8.10
N THR A 120 -4.19 -6.76 7.35
CA THR A 120 -3.16 -6.17 6.51
C THR A 120 -3.78 -5.73 5.17
N LEU A 121 -3.40 -4.54 4.70
CA LEU A 121 -4.03 -3.94 3.52
C LEU A 121 -2.97 -3.39 2.57
N VAL A 122 -3.21 -3.47 1.26
CA VAL A 122 -2.22 -3.05 0.27
C VAL A 122 -2.54 -1.65 -0.24
N PHE A 123 -1.62 -0.72 -0.08
CA PHE A 123 -1.82 0.65 -0.52
C PHE A 123 -0.91 0.99 -1.71
N GLU A 124 -1.49 1.58 -2.73
CA GLU A 124 -0.74 2.11 -3.86
C GLU A 124 -0.37 3.55 -3.57
N VAL A 125 0.92 3.82 -3.47
CA VAL A 125 1.42 5.15 -3.12
C VAL A 125 2.08 5.81 -4.33
N GLU A 126 2.01 7.14 -4.36
CA GLU A 126 2.55 7.94 -5.46
C GLU A 126 3.11 9.26 -4.92
N LEU A 127 4.32 9.62 -5.37
CA LEU A 127 5.01 10.84 -4.91
C LEU A 127 4.89 11.93 -5.97
N LEU A 128 4.21 13.03 -5.63
CA LEU A 128 4.00 14.15 -6.54
C LEU A 128 5.03 15.26 -6.31
N ALA A 129 5.39 15.49 -5.06
CA ALA A 129 6.38 16.53 -4.71
C ALA A 129 7.07 16.21 -3.39
N VAL A 130 8.37 16.50 -3.31
CA VAL A 130 9.15 16.23 -2.11
C VAL A 130 10.15 17.38 -1.85
N MET A 1 21.91 -46.89 -8.46
CA MET A 1 21.63 -47.81 -9.60
C MET A 1 20.63 -47.17 -10.55
N ALA A 2 19.89 -46.17 -10.07
CA ALA A 2 18.89 -45.50 -10.89
C ALA A 2 19.55 -44.47 -11.79
N HIS A 3 20.19 -44.94 -12.86
CA HIS A 3 20.84 -44.06 -13.84
C HIS A 3 19.81 -43.50 -14.83
N HIS A 4 18.66 -43.12 -14.29
CA HIS A 4 17.57 -42.53 -15.05
C HIS A 4 16.62 -41.85 -14.07
N HIS A 5 16.89 -40.57 -13.80
CA HIS A 5 16.18 -39.84 -12.73
C HIS A 5 14.75 -39.50 -13.13
N HIS A 6 13.82 -40.26 -12.58
CA HIS A 6 12.39 -40.05 -12.81
C HIS A 6 11.92 -38.79 -12.05
N HIS A 7 10.96 -38.07 -12.64
CA HIS A 7 10.47 -36.82 -12.06
C HIS A 7 9.53 -37.07 -10.89
N HIS A 8 9.46 -36.10 -9.98
CA HIS A 8 8.52 -36.15 -8.84
C HIS A 8 7.82 -34.81 -8.67
N MET A 9 8.28 -33.79 -9.40
CA MET A 9 7.73 -32.44 -9.27
C MET A 9 6.72 -32.18 -10.39
N GLY A 10 5.45 -32.27 -10.04
CA GLY A 10 4.39 -32.02 -11.01
C GLY A 10 3.02 -32.32 -10.43
N THR A 11 2.11 -31.34 -10.51
CA THR A 11 0.74 -31.47 -10.00
C THR A 11 0.70 -31.99 -8.56
N LEU A 12 1.79 -31.75 -7.82
CA LEU A 12 1.88 -32.17 -6.42
C LEU A 12 1.20 -31.13 -5.54
N GLU A 13 1.23 -29.89 -6.00
CA GLU A 13 0.61 -28.77 -5.30
C GLU A 13 0.07 -27.76 -6.32
N ALA A 14 -0.23 -26.55 -5.88
CA ALA A 14 -0.82 -25.53 -6.74
C ALA A 14 -0.14 -24.17 -6.55
N GLN A 15 -0.53 -23.45 -5.50
CA GLN A 15 0.00 -22.12 -5.25
C GLN A 15 1.00 -22.14 -4.10
N THR A 16 1.63 -20.99 -3.86
CA THR A 16 2.51 -20.80 -2.73
C THR A 16 2.25 -19.41 -2.15
N GLN A 17 1.44 -19.37 -1.10
CA GLN A 17 0.99 -18.10 -0.52
C GLN A 17 2.12 -17.44 0.29
N GLY A 18 2.71 -16.39 -0.28
CA GLY A 18 3.73 -15.64 0.41
C GLY A 18 3.23 -15.02 1.70
N PRO A 19 2.14 -14.23 1.66
CA PRO A 19 1.54 -13.64 2.86
C PRO A 19 1.24 -14.68 3.94
N GLY A 20 2.00 -14.61 5.04
CA GLY A 20 1.75 -15.46 6.18
C GLY A 20 0.80 -14.81 7.17
N SER A 21 0.23 -15.61 8.07
CA SER A 21 -0.75 -15.11 9.04
C SER A 21 -0.07 -14.28 10.13
N MET A 22 0.69 -14.95 11.01
CA MET A 22 1.34 -14.27 12.13
C MET A 22 2.71 -13.71 11.70
N SER A 23 3.23 -14.23 10.60
CA SER A 23 4.51 -13.79 10.07
C SER A 23 4.33 -12.48 9.28
N ALA A 24 5.18 -11.50 9.57
CA ALA A 24 5.10 -10.18 8.92
C ALA A 24 5.24 -10.31 7.40
N GLN A 25 4.13 -10.18 6.71
CA GLN A 25 4.09 -10.31 5.25
C GLN A 25 4.25 -8.95 4.59
N LEU A 26 5.09 -8.90 3.54
CA LEU A 26 5.30 -7.67 2.80
C LEU A 26 5.55 -7.96 1.31
N GLU A 27 4.93 -7.15 0.46
CA GLU A 27 5.20 -7.13 -0.98
C GLU A 27 5.16 -5.69 -1.48
N LYS A 28 6.07 -5.35 -2.38
CA LYS A 28 6.11 -3.99 -2.95
C LYS A 28 6.44 -4.06 -4.45
N LYS A 29 5.53 -3.54 -5.27
CA LYS A 29 5.65 -3.58 -6.73
C LYS A 29 5.84 -2.16 -7.27
N VAL A 30 6.90 -1.93 -8.03
CA VAL A 30 7.12 -0.62 -8.66
C VAL A 30 6.15 -0.45 -9.83
N LEU A 31 5.23 0.50 -9.73
CA LEU A 31 4.18 0.68 -10.73
C LEU A 31 4.52 1.80 -11.71
N THR A 32 5.32 2.77 -11.26
CA THR A 32 5.71 3.89 -12.12
C THR A 32 7.05 4.45 -11.65
N PRO A 33 8.12 4.27 -12.46
CA PRO A 33 9.44 4.86 -12.16
C PRO A 33 9.40 6.38 -12.19
N GLY A 34 9.81 6.99 -11.10
CA GLY A 34 9.78 8.45 -10.99
C GLY A 34 11.07 9.10 -11.42
N ASP A 35 11.12 10.42 -11.22
CA ASP A 35 12.27 11.26 -11.58
C ASP A 35 13.60 10.61 -11.16
N GLY A 36 13.74 10.32 -9.86
CA GLY A 36 14.88 9.56 -9.39
C GLY A 36 16.00 10.40 -8.79
N VAL A 37 16.18 11.64 -9.25
CA VAL A 37 17.28 12.47 -8.75
C VAL A 37 16.83 13.31 -7.56
N THR A 38 15.53 13.52 -7.44
CA THR A 38 14.95 14.20 -6.31
C THR A 38 15.14 13.38 -5.03
N LYS A 39 15.39 14.06 -3.91
CA LYS A 39 15.67 13.39 -2.65
C LYS A 39 14.82 13.97 -1.52
N PRO A 40 13.73 13.28 -1.14
CA PRO A 40 12.87 13.71 -0.04
C PRO A 40 13.52 13.46 1.33
N GLN A 41 13.33 14.40 2.25
CA GLN A 41 13.92 14.29 3.59
C GLN A 41 12.85 14.58 4.65
N ALA A 42 13.11 14.13 5.86
CA ALA A 42 12.18 14.34 6.96
C ALA A 42 12.18 15.81 7.38
N GLY A 43 11.00 16.32 7.71
CA GLY A 43 10.87 17.72 8.09
C GLY A 43 10.44 18.59 6.92
N LYS A 44 10.38 18.00 5.73
CA LYS A 44 9.93 18.71 4.54
C LYS A 44 8.52 18.26 4.16
N LYS A 45 7.72 19.19 3.67
CA LYS A 45 6.38 18.89 3.19
C LYS A 45 6.47 18.11 1.89
N VAL A 46 5.80 16.96 1.84
CA VAL A 46 5.76 16.13 0.64
C VAL A 46 4.33 16.01 0.11
N THR A 47 4.20 16.02 -1.21
CA THR A 47 2.93 15.84 -1.89
C THR A 47 2.80 14.39 -2.38
N VAL A 48 1.93 13.65 -1.72
CA VAL A 48 1.77 12.21 -1.94
C VAL A 48 0.37 11.87 -2.43
N HIS A 49 0.16 10.57 -2.69
CA HIS A 49 -1.13 10.05 -3.15
C HIS A 49 -1.23 8.58 -2.77
N TYR A 50 -2.38 8.16 -2.26
CA TYR A 50 -2.58 6.78 -1.82
C TYR A 50 -3.82 6.18 -2.47
N ASP A 51 -3.84 4.84 -2.57
CA ASP A 51 -5.05 4.11 -2.96
C ASP A 51 -5.21 2.88 -2.07
N GLY A 52 -6.39 2.73 -1.48
CA GLY A 52 -6.64 1.65 -0.53
C GLY A 52 -7.08 0.36 -1.19
N ARG A 53 -6.14 -0.57 -1.35
CA ARG A 53 -6.38 -1.81 -2.07
C ARG A 53 -6.26 -3.03 -1.14
N PHE A 54 -7.10 -4.04 -1.38
CA PHE A 54 -6.96 -5.33 -0.69
C PHE A 54 -6.05 -6.27 -1.49
N PRO A 55 -5.35 -7.20 -0.80
CA PRO A 55 -4.42 -8.13 -1.45
C PRO A 55 -5.10 -9.14 -2.39
N ASP A 56 -6.44 -9.17 -2.37
CA ASP A 56 -7.19 -10.13 -3.18
C ASP A 56 -7.46 -9.59 -4.59
N GLY A 57 -7.41 -8.27 -4.73
CA GLY A 57 -7.65 -7.64 -6.02
C GLY A 57 -8.81 -6.66 -5.96
N LYS A 58 -9.52 -6.67 -4.84
CA LYS A 58 -10.64 -5.77 -4.61
C LYS A 58 -10.16 -4.57 -3.78
N GLN A 59 -10.93 -3.49 -3.76
CA GLN A 59 -10.59 -2.33 -2.93
C GLN A 59 -11.86 -1.64 -2.45
N PHE A 60 -11.80 -1.07 -1.25
CA PHE A 60 -12.97 -0.48 -0.61
C PHE A 60 -13.33 0.88 -1.20
N ASP A 61 -12.30 1.63 -1.60
CA ASP A 61 -12.50 2.95 -2.19
C ASP A 61 -11.43 3.23 -3.23
N SER A 62 -11.83 3.68 -4.40
CA SER A 62 -10.90 4.02 -5.46
C SER A 62 -10.33 5.42 -5.23
N SER A 63 -9.28 5.49 -4.43
CA SER A 63 -8.63 6.76 -4.12
C SER A 63 -7.67 7.14 -5.26
N ARG A 64 -7.26 6.14 -6.03
CA ARG A 64 -6.40 6.36 -7.19
C ARG A 64 -7.17 7.15 -8.24
N SER A 65 -8.46 6.84 -8.37
CA SER A 65 -9.32 7.46 -9.36
C SER A 65 -9.60 8.92 -9.02
N ARG A 66 -9.44 9.26 -7.74
CA ARG A 66 -9.65 10.63 -7.28
C ARG A 66 -8.47 11.51 -7.68
N GLY A 67 -7.31 10.88 -7.84
CA GLY A 67 -6.10 11.58 -8.23
C GLY A 67 -5.78 12.75 -7.32
N LYS A 68 -6.13 12.63 -6.04
CA LYS A 68 -5.91 13.70 -5.08
C LYS A 68 -4.46 13.74 -4.61
N PRO A 69 -3.75 14.85 -4.86
CA PRO A 69 -2.41 15.07 -4.35
C PRO A 69 -2.43 15.55 -2.90
N PHE A 70 -2.31 14.62 -1.97
CA PHE A 70 -2.31 14.93 -0.55
C PHE A 70 -0.95 15.50 -0.16
N GLN A 71 -0.87 16.19 0.97
CA GLN A 71 0.40 16.75 1.44
C GLN A 71 0.56 16.56 2.94
N PHE A 72 1.75 16.10 3.35
CA PHE A 72 2.06 15.96 4.77
C PHE A 72 3.56 16.13 5.00
N THR A 73 3.94 16.48 6.23
CA THR A 73 5.35 16.64 6.58
C THR A 73 6.00 15.27 6.77
N LEU A 74 6.93 14.93 5.88
CA LEU A 74 7.57 13.62 5.91
C LEU A 74 8.32 13.40 7.24
N GLY A 75 8.24 12.19 7.76
CA GLY A 75 8.91 11.86 9.01
C GLY A 75 8.02 12.08 10.22
N ALA A 76 7.00 12.93 10.05
CA ALA A 76 6.10 13.26 11.14
C ALA A 76 5.02 12.18 11.32
N GLY A 77 4.16 12.37 12.31
CA GLY A 77 3.09 11.43 12.59
C GLY A 77 1.79 11.83 11.92
N GLU A 78 1.90 12.61 10.86
CA GLU A 78 0.74 13.06 10.10
C GLU A 78 -0.04 11.86 9.58
N VAL A 79 0.69 10.86 9.11
CA VAL A 79 0.13 9.59 8.68
C VAL A 79 0.79 8.46 9.46
N ILE A 80 0.36 7.23 9.21
CA ILE A 80 0.99 6.07 9.83
C ILE A 80 2.35 5.83 9.19
N LYS A 81 3.33 5.38 9.98
CA LYS A 81 4.69 5.20 9.48
C LYS A 81 4.76 4.16 8.38
N GLY A 82 3.70 3.36 8.24
CA GLY A 82 3.61 2.46 7.10
C GLY A 82 3.63 3.25 5.79
N TRP A 83 2.72 4.22 5.67
CA TRP A 83 2.64 5.06 4.49
C TRP A 83 3.81 6.02 4.45
N ASP A 84 4.21 6.50 5.63
CA ASP A 84 5.31 7.45 5.77
C ASP A 84 6.60 6.89 5.17
N GLN A 85 6.99 5.70 5.63
CA GLN A 85 8.20 5.05 5.13
C GLN A 85 7.95 4.51 3.72
N GLY A 86 6.74 4.00 3.49
CA GLY A 86 6.36 3.47 2.19
C GLY A 86 6.58 4.49 1.09
N VAL A 87 6.10 5.72 1.30
CA VAL A 87 6.30 6.79 0.34
C VAL A 87 7.74 7.32 0.39
N ALA A 88 8.32 7.36 1.60
CA ALA A 88 9.68 7.84 1.79
C ALA A 88 10.70 7.01 1.00
N THR A 89 10.40 5.74 0.79
CA THR A 89 11.31 4.84 0.11
C THR A 89 11.27 5.00 -1.43
N MET A 90 10.57 6.03 -1.93
CA MET A 90 10.54 6.29 -3.38
C MET A 90 10.98 7.72 -3.70
N THR A 91 10.76 8.16 -4.94
CA THR A 91 11.17 9.49 -5.39
C THR A 91 10.01 10.25 -6.06
N LEU A 92 10.28 11.49 -6.48
CA LEU A 92 9.26 12.35 -7.08
C LEU A 92 8.71 11.75 -8.38
N GLY A 93 7.39 11.79 -8.52
CA GLY A 93 6.73 11.30 -9.72
C GLY A 93 6.66 9.79 -9.78
N GLU A 94 6.98 9.15 -8.66
CA GLU A 94 7.09 7.69 -8.60
C GLU A 94 5.90 7.08 -7.86
N LYS A 95 5.52 5.87 -8.26
CA LYS A 95 4.37 5.18 -7.68
C LYS A 95 4.66 3.68 -7.55
N ALA A 96 4.26 3.11 -6.42
CA ALA A 96 4.47 1.70 -6.15
C ALA A 96 3.31 1.14 -5.31
N LEU A 97 3.02 -0.14 -5.50
CA LEU A 97 2.02 -0.84 -4.74
C LEU A 97 2.68 -1.47 -3.52
N PHE A 98 2.42 -0.89 -2.34
CA PHE A 98 3.11 -1.30 -1.12
C PHE A 98 2.12 -1.98 -0.17
N THR A 99 2.45 -3.20 0.26
CA THR A 99 1.60 -3.94 1.18
C THR A 99 1.74 -3.40 2.59
N ILE A 100 0.60 -3.13 3.23
CA ILE A 100 0.58 -2.61 4.59
C ILE A 100 0.10 -3.71 5.56
N PRO A 101 1.05 -4.38 6.24
CA PRO A 101 0.72 -5.42 7.22
C PRO A 101 0.04 -4.83 8.47
N TYR A 102 -0.75 -5.65 9.15
CA TYR A 102 -1.60 -5.17 10.24
C TYR A 102 -0.79 -4.60 11.42
N GLN A 103 0.48 -5.01 11.55
CA GLN A 103 1.34 -4.52 12.63
C GLN A 103 1.87 -3.12 12.34
N LEU A 104 1.81 -2.70 11.07
CA LEU A 104 2.32 -1.38 10.67
C LEU A 104 1.18 -0.41 10.39
N ALA A 105 -0.03 -0.76 10.85
CA ALA A 105 -1.21 0.06 10.61
C ALA A 105 -2.33 -0.29 11.59
N TYR A 106 -3.47 0.35 11.38
CA TYR A 106 -4.67 0.11 12.20
C TYR A 106 -5.31 -1.23 11.84
N GLY A 107 -4.79 -1.89 10.82
CA GLY A 107 -5.35 -3.15 10.32
C GLY A 107 -5.53 -4.19 11.41
N GLU A 108 -4.73 -4.08 12.47
CA GLU A 108 -4.83 -4.98 13.61
C GLU A 108 -6.21 -4.86 14.28
N ARG A 109 -6.65 -3.62 14.49
CA ARG A 109 -7.88 -3.36 15.22
C ARG A 109 -9.06 -3.09 14.27
N GLY A 110 -8.83 -2.24 13.27
CA GLY A 110 -9.87 -1.92 12.30
C GLY A 110 -10.98 -1.06 12.88
N TYR A 111 -11.75 -0.40 12.01
CA TYR A 111 -12.90 0.40 12.43
C TYR A 111 -14.10 0.13 11.52
N PRO A 112 -13.99 0.34 10.18
CA PRO A 112 -15.10 0.06 9.26
C PRO A 112 -15.31 -1.45 9.09
N PRO A 113 -16.56 -1.91 8.98
CA PRO A 113 -16.87 -3.35 8.81
C PRO A 113 -16.17 -3.95 7.58
N VAL A 114 -15.76 -3.07 6.67
CA VAL A 114 -15.06 -3.49 5.45
C VAL A 114 -13.61 -3.86 5.77
N ILE A 115 -13.08 -3.29 6.86
CA ILE A 115 -11.71 -3.56 7.31
C ILE A 115 -11.73 -4.47 8.53
N PRO A 116 -11.52 -5.79 8.32
CA PRO A 116 -11.53 -6.78 9.41
C PRO A 116 -10.36 -6.60 10.39
N PRO A 117 -10.47 -7.15 11.62
CA PRO A 117 -9.38 -7.14 12.59
C PRO A 117 -8.20 -8.00 12.11
N LYS A 118 -6.99 -7.48 12.28
CA LYS A 118 -5.77 -8.15 11.82
C LYS A 118 -5.78 -8.35 10.31
N ALA A 119 -6.37 -7.40 9.60
CA ALA A 119 -6.45 -7.48 8.14
C ALA A 119 -5.21 -6.88 7.50
N THR A 120 -4.53 -7.67 6.68
CA THR A 120 -3.42 -7.19 5.89
C THR A 120 -3.95 -6.34 4.73
N LEU A 121 -3.55 -5.08 4.70
CA LEU A 121 -4.01 -4.16 3.66
C LEU A 121 -2.93 -3.93 2.63
N VAL A 122 -3.30 -3.30 1.53
CA VAL A 122 -2.35 -2.88 0.50
C VAL A 122 -2.67 -1.44 0.13
N PHE A 123 -1.65 -0.62 -0.05
CA PHE A 123 -1.85 0.75 -0.45
C PHE A 123 -0.96 1.11 -1.63
N GLU A 124 -1.60 1.55 -2.70
CA GLU A 124 -0.88 2.07 -3.85
C GLU A 124 -0.42 3.48 -3.49
N VAL A 125 0.88 3.61 -3.26
CA VAL A 125 1.46 4.87 -2.80
C VAL A 125 2.19 5.56 -3.94
N GLU A 126 2.12 6.89 -3.94
CA GLU A 126 2.70 7.69 -5.01
C GLU A 126 3.20 9.04 -4.48
N LEU A 127 4.45 9.36 -4.78
CA LEU A 127 5.03 10.65 -4.41
C LEU A 127 4.95 11.59 -5.62
N LEU A 128 4.04 12.55 -5.57
CA LEU A 128 3.84 13.47 -6.69
C LEU A 128 4.93 14.55 -6.69
N ALA A 129 5.15 15.16 -5.54
CA ALA A 129 6.11 16.26 -5.44
C ALA A 129 6.69 16.36 -4.04
N VAL A 130 7.76 17.15 -3.91
CA VAL A 130 8.43 17.36 -2.64
C VAL A 130 9.19 18.70 -2.65
N MET A 1 13.05 -12.96 10.63
CA MET A 1 12.43 -13.00 9.28
C MET A 1 13.18 -13.99 8.39
N ALA A 2 12.53 -14.44 7.33
CA ALA A 2 13.14 -15.37 6.40
C ALA A 2 14.14 -14.66 5.50
N HIS A 3 15.43 -14.84 5.81
CA HIS A 3 16.48 -14.24 5.01
C HIS A 3 16.61 -14.97 3.68
N HIS A 4 16.54 -16.29 3.73
CA HIS A 4 16.52 -17.09 2.51
C HIS A 4 15.14 -16.99 1.90
N HIS A 5 15.09 -16.44 0.69
CA HIS A 5 13.83 -16.05 0.05
C HIS A 5 12.92 -17.26 -0.14
N HIS A 6 12.03 -17.48 0.82
CA HIS A 6 11.01 -18.53 0.72
C HIS A 6 9.95 -18.11 -0.29
N HIS A 7 10.32 -18.09 -1.57
CA HIS A 7 9.42 -17.71 -2.64
C HIS A 7 8.79 -18.95 -3.24
N HIS A 8 7.47 -18.98 -3.34
CA HIS A 8 6.75 -20.16 -3.82
C HIS A 8 5.74 -19.78 -4.89
N MET A 9 5.72 -20.56 -5.97
CA MET A 9 4.74 -20.39 -7.05
C MET A 9 4.49 -21.74 -7.71
N GLY A 10 3.53 -21.77 -8.63
CA GLY A 10 3.19 -23.02 -9.31
C GLY A 10 1.78 -22.99 -9.85
N THR A 11 1.00 -24.02 -9.53
CA THR A 11 -0.38 -24.10 -9.97
C THR A 11 -1.24 -23.12 -9.16
N LEU A 12 -1.20 -21.84 -9.56
CA LEU A 12 -1.91 -20.77 -8.85
C LEU A 12 -1.39 -20.65 -7.42
N GLU A 13 -0.20 -21.17 -7.18
CA GLU A 13 0.42 -21.16 -5.86
C GLU A 13 1.19 -19.86 -5.62
N ALA A 14 0.86 -18.83 -6.40
CA ALA A 14 1.53 -17.54 -6.32
C ALA A 14 0.91 -16.67 -5.23
N GLN A 15 1.63 -16.52 -4.12
CA GLN A 15 1.23 -15.65 -3.00
C GLN A 15 0.01 -16.21 -2.25
N THR A 16 -0.57 -17.30 -2.74
CA THR A 16 -1.74 -17.90 -2.12
C THR A 16 -1.34 -18.69 -0.87
N GLN A 17 -1.27 -18.00 0.26
CA GLN A 17 -0.91 -18.62 1.53
C GLN A 17 -1.76 -18.06 2.67
N GLY A 18 -2.83 -17.34 2.31
CA GLY A 18 -3.68 -16.70 3.29
C GLY A 18 -3.59 -15.19 3.23
N PRO A 19 -4.42 -14.54 2.39
CA PRO A 19 -4.40 -13.08 2.24
C PRO A 19 -5.13 -12.37 3.39
N GLY A 20 -4.41 -11.48 4.07
CA GLY A 20 -5.02 -10.68 5.13
C GLY A 20 -4.51 -11.05 6.50
N SER A 21 -5.43 -11.33 7.42
CA SER A 21 -5.10 -11.66 8.80
C SER A 21 -4.51 -13.07 8.91
N MET A 22 -3.24 -13.20 8.58
CA MET A 22 -2.53 -14.49 8.65
C MET A 22 -1.10 -14.27 9.13
N SER A 23 -0.42 -13.31 8.49
CA SER A 23 0.95 -12.97 8.83
C SER A 23 1.25 -11.54 8.40
N ALA A 24 2.47 -11.08 8.63
CA ALA A 24 2.87 -9.73 8.30
C ALA A 24 3.71 -9.71 7.03
N GLN A 25 3.05 -9.45 5.90
CA GLN A 25 3.72 -9.35 4.61
C GLN A 25 4.11 -7.91 4.33
N LEU A 26 5.33 -7.71 3.86
CA LEU A 26 5.80 -6.39 3.45
C LEU A 26 6.45 -6.52 2.07
N GLU A 27 5.72 -6.10 1.05
CA GLU A 27 6.15 -6.23 -0.34
C GLU A 27 5.68 -5.01 -1.12
N LYS A 28 6.61 -4.33 -1.78
CA LYS A 28 6.27 -3.15 -2.58
C LYS A 28 6.77 -3.30 -4.02
N LYS A 29 5.87 -3.14 -4.97
CA LYS A 29 6.18 -3.26 -6.39
C LYS A 29 6.13 -1.90 -7.06
N VAL A 30 7.26 -1.48 -7.65
CA VAL A 30 7.31 -0.21 -8.37
C VAL A 30 6.38 -0.26 -9.59
N LEU A 31 5.23 0.38 -9.48
CA LEU A 31 4.21 0.36 -10.52
C LEU A 31 4.44 1.49 -11.51
N THR A 32 5.18 2.50 -11.09
CA THR A 32 5.52 3.63 -11.94
C THR A 32 6.89 4.19 -11.53
N PRO A 33 7.91 4.02 -12.39
CA PRO A 33 9.26 4.54 -12.10
C PRO A 33 9.29 6.06 -12.09
N GLY A 34 9.89 6.63 -11.03
CA GLY A 34 9.96 8.07 -10.89
C GLY A 34 11.15 8.66 -11.62
N ASP A 35 11.62 9.80 -11.12
CA ASP A 35 12.77 10.49 -11.72
C ASP A 35 14.07 9.82 -11.28
N GLY A 36 14.10 9.37 -10.03
CA GLY A 36 15.24 8.65 -9.50
C GLY A 36 16.37 9.56 -9.06
N VAL A 37 16.35 10.81 -9.51
CA VAL A 37 17.46 11.73 -9.26
C VAL A 37 17.25 12.51 -7.96
N THR A 38 16.02 12.59 -7.48
CA THR A 38 15.73 13.24 -6.20
C THR A 38 16.04 12.32 -5.03
N LYS A 39 16.53 12.90 -3.94
CA LYS A 39 16.78 12.17 -2.71
C LYS A 39 15.90 12.73 -1.59
N PRO A 40 14.74 12.10 -1.34
CA PRO A 40 13.77 12.56 -0.32
C PRO A 40 14.39 12.69 1.08
N GLN A 41 13.92 13.69 1.83
CA GLN A 41 14.36 13.92 3.20
C GLN A 41 13.17 14.25 4.08
N ALA A 42 13.22 13.82 5.33
CA ALA A 42 12.15 14.07 6.29
C ALA A 42 12.19 15.52 6.76
N GLY A 43 11.10 15.96 7.41
CA GLY A 43 11.04 17.30 7.94
C GLY A 43 10.49 18.30 6.95
N LYS A 44 10.02 17.81 5.80
CA LYS A 44 9.43 18.68 4.78
C LYS A 44 7.97 18.33 4.54
N LYS A 45 7.19 19.34 4.16
CA LYS A 45 5.81 19.15 3.73
C LYS A 45 5.81 18.63 2.29
N VAL A 46 5.55 17.33 2.13
CA VAL A 46 5.67 16.69 0.82
C VAL A 46 4.30 16.38 0.22
N THR A 47 4.26 16.36 -1.11
CA THR A 47 3.05 16.09 -1.86
C THR A 47 3.04 14.63 -2.32
N VAL A 48 2.17 13.83 -1.70
CA VAL A 48 2.07 12.41 -1.98
C VAL A 48 0.65 12.05 -2.42
N HIS A 49 0.45 10.78 -2.73
CA HIS A 49 -0.88 10.27 -3.03
C HIS A 49 -0.93 8.78 -2.72
N TYR A 50 -2.09 8.28 -2.34
CA TYR A 50 -2.25 6.86 -2.06
C TYR A 50 -3.68 6.42 -2.33
N ASP A 51 -3.84 5.15 -2.68
CA ASP A 51 -5.16 4.57 -2.95
C ASP A 51 -5.26 3.21 -2.26
N GLY A 52 -6.37 2.96 -1.60
CA GLY A 52 -6.54 1.74 -0.81
C GLY A 52 -7.11 0.59 -1.62
N ARG A 53 -6.58 -0.61 -1.40
CA ARG A 53 -7.03 -1.80 -2.11
C ARG A 53 -7.05 -3.01 -1.17
N PHE A 54 -8.11 -3.80 -1.28
CA PHE A 54 -8.26 -5.02 -0.49
C PHE A 54 -7.44 -6.15 -1.10
N PRO A 55 -6.99 -7.13 -0.29
CA PRO A 55 -6.24 -8.30 -0.79
C PRO A 55 -7.05 -9.07 -1.84
N ASP A 56 -8.35 -8.83 -1.85
CA ASP A 56 -9.26 -9.43 -2.83
C ASP A 56 -8.88 -9.00 -4.24
N GLY A 57 -8.48 -7.74 -4.37
CA GLY A 57 -8.10 -7.20 -5.67
C GLY A 57 -8.83 -5.92 -6.00
N LYS A 58 -9.95 -5.67 -5.31
CA LYS A 58 -10.74 -4.46 -5.55
C LYS A 58 -10.22 -3.30 -4.71
N GLN A 59 -10.25 -2.09 -5.28
CA GLN A 59 -9.89 -0.89 -4.53
C GLN A 59 -11.12 -0.36 -3.80
N PHE A 60 -10.91 0.38 -2.72
CA PHE A 60 -12.01 0.99 -1.96
C PHE A 60 -12.54 2.20 -2.72
N ASP A 61 -11.68 3.19 -2.91
CA ASP A 61 -12.01 4.39 -3.66
C ASP A 61 -10.77 4.88 -4.41
N SER A 62 -10.94 5.19 -5.68
CA SER A 62 -9.83 5.64 -6.52
C SER A 62 -9.71 7.16 -6.43
N SER A 63 -8.99 7.63 -5.42
CA SER A 63 -8.82 9.06 -5.20
C SER A 63 -8.04 9.68 -6.35
N ARG A 64 -7.21 8.87 -6.99
CA ARG A 64 -6.47 9.29 -8.18
C ARG A 64 -7.44 9.70 -9.30
N SER A 65 -8.48 8.89 -9.50
CA SER A 65 -9.46 9.16 -10.55
C SER A 65 -10.29 10.39 -10.20
N ARG A 66 -10.37 10.70 -8.90
CA ARG A 66 -11.08 11.88 -8.43
C ARG A 66 -10.22 13.12 -8.71
N GLY A 67 -8.92 12.90 -8.87
CA GLY A 67 -8.02 13.94 -9.35
C GLY A 67 -7.59 14.93 -8.29
N LYS A 68 -7.20 14.43 -7.12
CA LYS A 68 -6.62 15.29 -6.08
C LYS A 68 -5.55 14.53 -5.30
N PRO A 69 -4.35 15.12 -5.15
CA PRO A 69 -3.27 14.55 -4.33
C PRO A 69 -3.41 14.93 -2.85
N PHE A 70 -2.45 14.51 -2.05
CA PHE A 70 -2.43 14.81 -0.61
C PHE A 70 -1.07 15.39 -0.25
N GLN A 71 -1.02 16.22 0.79
CA GLN A 71 0.23 16.81 1.25
C GLN A 71 0.37 16.71 2.76
N PHE A 72 1.50 16.20 3.24
CA PHE A 72 1.75 16.12 4.67
C PHE A 72 3.26 16.11 4.95
N THR A 73 3.62 16.25 6.22
CA THR A 73 5.02 16.31 6.62
C THR A 73 5.64 14.92 6.69
N LEU A 74 6.67 14.69 5.87
CA LEU A 74 7.39 13.42 5.86
C LEU A 74 8.21 13.25 7.14
N GLY A 75 8.18 12.04 7.70
CA GLY A 75 8.91 11.77 8.92
C GLY A 75 8.19 12.32 10.15
N ALA A 76 6.89 12.48 10.05
CA ALA A 76 6.07 13.00 11.14
C ALA A 76 4.90 12.07 11.42
N GLY A 77 4.17 12.35 12.50
CA GLY A 77 3.02 11.53 12.88
C GLY A 77 1.77 11.83 12.06
N GLU A 78 1.95 12.51 10.94
CA GLU A 78 0.84 12.82 10.03
C GLU A 78 0.11 11.54 9.62
N VAL A 79 0.89 10.51 9.31
CA VAL A 79 0.34 9.22 8.89
C VAL A 79 1.06 8.09 9.61
N ILE A 80 0.63 6.86 9.36
CA ILE A 80 1.26 5.69 9.96
C ILE A 80 2.65 5.47 9.37
N LYS A 81 3.55 4.90 10.17
CA LYS A 81 4.94 4.70 9.76
C LYS A 81 4.99 3.83 8.50
N GLY A 82 3.97 3.02 8.28
CA GLY A 82 3.88 2.22 7.08
C GLY A 82 3.84 3.07 5.82
N TRP A 83 2.91 4.04 5.80
CA TRP A 83 2.79 4.95 4.66
C TRP A 83 4.00 5.86 4.58
N ASP A 84 4.54 6.24 5.75
CA ASP A 84 5.77 7.03 5.82
C ASP A 84 6.89 6.33 5.06
N GLN A 85 7.07 5.04 5.34
CA GLN A 85 8.05 4.23 4.61
C GLN A 85 7.73 4.22 3.12
N GLY A 86 6.46 3.95 2.81
CA GLY A 86 6.02 3.85 1.42
C GLY A 86 6.41 5.07 0.59
N VAL A 87 6.09 6.25 1.11
CA VAL A 87 6.40 7.49 0.39
C VAL A 87 7.89 7.84 0.47
N ALA A 88 8.53 7.49 1.58
CA ALA A 88 9.94 7.85 1.81
C ALA A 88 10.90 6.95 1.03
N THR A 89 10.44 5.76 0.64
CA THR A 89 11.29 4.79 -0.05
C THR A 89 11.36 5.03 -1.56
N MET A 90 10.49 5.90 -2.07
CA MET A 90 10.39 6.13 -3.52
C MET A 90 11.00 7.47 -3.92
N THR A 91 10.89 7.80 -5.21
CA THR A 91 11.42 9.05 -5.76
C THR A 91 10.28 9.90 -6.35
N LEU A 92 10.62 11.08 -6.86
CA LEU A 92 9.62 12.03 -7.35
C LEU A 92 8.93 11.48 -8.60
N GLY A 93 7.60 11.45 -8.57
CA GLY A 93 6.81 10.97 -9.68
C GLY A 93 6.72 9.45 -9.72
N GLU A 94 7.14 8.82 -8.63
CA GLU A 94 7.18 7.36 -8.55
C GLU A 94 5.97 6.83 -7.78
N LYS A 95 5.50 5.65 -8.18
CA LYS A 95 4.35 5.00 -7.55
C LYS A 95 4.62 3.53 -7.38
N ALA A 96 4.27 3.00 -6.22
CA ALA A 96 4.48 1.59 -5.91
C ALA A 96 3.25 1.00 -5.23
N LEU A 97 3.02 -0.29 -5.47
CA LEU A 97 1.95 -1.01 -4.81
C LEU A 97 2.53 -1.63 -3.55
N PHE A 98 2.18 -1.05 -2.40
CA PHE A 98 2.78 -1.43 -1.13
C PHE A 98 1.81 -2.30 -0.32
N THR A 99 2.29 -3.46 0.09
CA THR A 99 1.53 -4.34 0.96
C THR A 99 1.73 -3.91 2.41
N ILE A 100 0.72 -3.30 2.99
CA ILE A 100 0.81 -2.75 4.35
C ILE A 100 0.42 -3.80 5.38
N PRO A 101 1.40 -4.28 6.19
CA PRO A 101 1.15 -5.24 7.26
C PRO A 101 0.35 -4.60 8.39
N TYR A 102 -0.58 -5.35 8.95
CA TYR A 102 -1.49 -4.85 9.98
C TYR A 102 -0.74 -4.22 11.15
N GLN A 103 0.41 -4.80 11.48
CA GLN A 103 1.18 -4.38 12.64
C GLN A 103 1.65 -2.93 12.52
N LEU A 104 1.67 -2.42 11.30
CA LEU A 104 2.13 -1.05 11.04
C LEU A 104 0.97 -0.19 10.54
N ALA A 105 -0.26 -0.63 10.79
CA ALA A 105 -1.43 0.06 10.28
C ALA A 105 -2.60 -0.03 11.25
N TYR A 106 -3.66 0.73 10.94
CA TYR A 106 -4.89 0.72 11.73
C TYR A 106 -5.66 -0.58 11.52
N GLY A 107 -5.32 -1.29 10.44
CA GLY A 107 -5.97 -2.56 10.11
C GLY A 107 -5.78 -3.60 11.19
N GLU A 108 -4.82 -3.35 12.09
CA GLU A 108 -4.60 -4.22 13.24
C GLU A 108 -5.80 -4.15 14.18
N ARG A 109 -6.26 -2.93 14.46
CA ARG A 109 -7.39 -2.73 15.36
C ARG A 109 -8.70 -3.02 14.60
N GLY A 110 -8.85 -2.38 13.43
CA GLY A 110 -10.03 -2.60 12.60
C GLY A 110 -11.29 -1.94 13.16
N TYR A 111 -12.22 -1.61 12.27
CA TYR A 111 -13.50 -1.01 12.66
C TYR A 111 -14.65 -1.55 11.78
N PRO A 112 -14.59 -1.35 10.43
CA PRO A 112 -15.64 -1.84 9.54
C PRO A 112 -15.43 -3.30 9.14
N PRO A 113 -16.52 -4.05 8.85
CA PRO A 113 -16.44 -5.48 8.51
C PRO A 113 -15.58 -5.74 7.27
N VAL A 114 -15.41 -4.72 6.44
CA VAL A 114 -14.59 -4.81 5.23
C VAL A 114 -13.10 -4.88 5.60
N ILE A 115 -12.77 -4.38 6.80
CA ILE A 115 -11.41 -4.42 7.33
C ILE A 115 -11.41 -5.17 8.66
N PRO A 116 -11.26 -6.51 8.62
CA PRO A 116 -11.24 -7.33 9.84
C PRO A 116 -10.02 -7.02 10.71
N PRO A 117 -10.09 -7.30 12.02
CA PRO A 117 -8.97 -7.08 12.94
C PRO A 117 -7.68 -7.74 12.45
N LYS A 118 -6.57 -7.00 12.54
CA LYS A 118 -5.25 -7.50 12.16
C LYS A 118 -5.20 -7.87 10.67
N ALA A 119 -5.92 -7.10 9.86
CA ALA A 119 -5.96 -7.33 8.42
C ALA A 119 -4.85 -6.57 7.70
N THR A 120 -4.05 -7.31 6.93
CA THR A 120 -3.06 -6.71 6.03
C THR A 120 -3.78 -6.11 4.82
N LEU A 121 -3.43 -4.88 4.46
CA LEU A 121 -4.19 -4.13 3.43
C LEU A 121 -3.22 -3.57 2.38
N VAL A 122 -3.68 -3.42 1.13
CA VAL A 122 -2.82 -2.96 0.05
C VAL A 122 -3.03 -1.47 -0.19
N PHE A 123 -1.94 -0.72 -0.27
CA PHE A 123 -2.01 0.71 -0.54
C PHE A 123 -1.05 1.09 -1.67
N GLU A 124 -1.60 1.60 -2.76
CA GLU A 124 -0.80 2.16 -3.84
C GLU A 124 -0.32 3.54 -3.42
N VAL A 125 0.96 3.65 -3.12
CA VAL A 125 1.56 4.92 -2.69
C VAL A 125 2.29 5.58 -3.84
N GLU A 126 2.30 6.90 -3.87
CA GLU A 126 2.91 7.66 -4.97
C GLU A 126 3.42 9.01 -4.47
N LEU A 127 4.66 9.32 -4.79
CA LEU A 127 5.28 10.60 -4.43
C LEU A 127 5.18 11.55 -5.62
N LEU A 128 4.43 12.64 -5.46
CA LEU A 128 4.23 13.61 -6.55
C LEU A 128 5.30 14.69 -6.52
N ALA A 129 5.60 15.19 -5.33
CA ALA A 129 6.58 16.26 -5.16
C ALA A 129 7.25 16.15 -3.79
N VAL A 130 8.57 16.30 -3.76
CA VAL A 130 9.35 16.15 -2.53
C VAL A 130 9.84 17.52 -2.03
#